data_4OEG
# 
_entry.id   4OEG 
# 
_audit_conform.dict_name       mmcif_pdbx.dic 
_audit_conform.dict_version    5.379 
_audit_conform.dict_location   http://mmcif.pdb.org/dictionaries/ascii/mmcif_pdbx.dic 
# 
loop_
_database_2.database_id 
_database_2.database_code 
_database_2.pdbx_database_accession 
_database_2.pdbx_DOI 
PDB   4OEG         pdb_00004oeg 10.2210/pdb4oeg/pdb 
RCSB  RCSB084389   ?            ?                   
WWPDB D_1000084389 ?            ?                   
# 
loop_
_pdbx_database_related.db_name 
_pdbx_database_related.db_id 
_pdbx_database_related.details 
_pdbx_database_related.content_type 
PDB 4OEE . unspecified 
PDB 4OEF . unspecified 
# 
_pdbx_database_status.status_code                     REL 
_pdbx_database_status.entry_id                        4OEG 
_pdbx_database_status.recvd_initial_deposition_date   2014-01-13 
_pdbx_database_status.deposit_site                    RCSB 
_pdbx_database_status.process_site                    RCSB 
_pdbx_database_status.status_code_sf                  REL 
_pdbx_database_status.status_code_mr                  ? 
_pdbx_database_status.SG_entry                        ? 
_pdbx_database_status.status_code_cs                  ? 
_pdbx_database_status.methods_development_category    ? 
_pdbx_database_status.pdb_format_compatible           Y 
_pdbx_database_status.status_code_nmr_data            ? 
# 
loop_
_audit_author.name 
_audit_author.pdbx_ordinal 
'Li, Y.C.'    1 
'Hsiao, C.D.' 2 
# 
_citation.id                        primary 
_citation.title                     
'Interactions that influence the binding of synthetic heparan sulfate based disaccharides to fibroblast growth factor-2.' 
_citation.journal_abbrev            'Acs Chem.Biol.' 
_citation.journal_volume            9 
_citation.page_first                1712 
_citation.page_last                 1717 
_citation.year                      2014 
_citation.journal_id_ASTM           ? 
_citation.country                   US 
_citation.journal_id_ISSN           1554-8929 
_citation.journal_id_CSD            ? 
_citation.book_publisher            ? 
_citation.pdbx_database_id_PubMed   24959968 
_citation.pdbx_database_id_DOI      10.1021/cb500298q 
# 
loop_
_citation_author.citation_id 
_citation_author.name 
_citation_author.ordinal 
_citation_author.identifier_ORCID 
primary 'Li, Y.C.'      1  ? 
primary 'Ho, I.H.'      2  ? 
primary 'Ku, C.C.'      3  ? 
primary 'Zhong, Y.Q.'   4  ? 
primary 'Hu, Y.P.'      5  ? 
primary 'Chen, Z.G.'    6  ? 
primary 'Chen, C.Y.'    7  ? 
primary 'Lin, W.C.'     8  ? 
primary 'Zulueta, M.M.' 9  ? 
primary 'Hung, S.C.'    10 ? 
primary 'Lin, M.G.'     11 ? 
primary 'Wang, C.C.'    12 ? 
primary 'Hsiao, C.D.'   13 ? 
# 
_cell.entry_id           4OEG 
_cell.length_a           30.422 
_cell.length_b           32.994 
_cell.length_c           35.607 
_cell.angle_alpha        65.53 
_cell.angle_beta         71.79 
_cell.angle_gamma        77.00 
_cell.Z_PDB              1 
_cell.pdbx_unique_axis   ? 
_cell.length_a_esd       ? 
_cell.length_b_esd       ? 
_cell.length_c_esd       ? 
_cell.angle_alpha_esd    ? 
_cell.angle_beta_esd     ? 
_cell.angle_gamma_esd    ? 
# 
_symmetry.entry_id                         4OEG 
_symmetry.space_group_name_H-M             'P 1' 
_symmetry.pdbx_full_space_group_name_H-M   ? 
_symmetry.cell_setting                     ? 
_symmetry.Int_Tables_number                1 
_symmetry.space_group_name_Hall            ? 
# 
loop_
_entity.id 
_entity.type 
_entity.src_method 
_entity.pdbx_description 
_entity.formula_weight 
_entity.pdbx_number_of_molecules 
_entity.pdbx_ec 
_entity.pdbx_mutation 
_entity.pdbx_fragment 
_entity.details 
1 polymer  man 'Fibroblast growth factor 2' 17249.732 1   ? 'C69S, C87S' 'unp residues 134-288' ? 
2 branched man 
'2-deoxy-3,6-di-O-sulfo-2-(sulfoamino)-alpha-D-glucopyranose-(1-4)-1-O-methyl-2-O-sulfo-alpha-L-idopyranuronic acid' 689.575   1   
? ?            ?                      ? 
3 water    nat water 18.015    104 ? ?            ?                      ? 
# 
_entity_name_com.entity_id   1 
_entity_name_com.name        'FGF-2, Basic fibroblast growth factor, bFGF, Heparin-binding growth factor 2, HBGF-2' 
# 
_entity_poly.entity_id                      1 
_entity_poly.type                           'polypeptide(L)' 
_entity_poly.nstd_linkage                   no 
_entity_poly.nstd_monomer                   no 
_entity_poly.pdbx_seq_one_letter_code       
;MAAGSITTLPALPEDGGSGAFPPGHFKDPKRLYCKNGGFFLRIHPDGRVDGVREKSDPHIKLQLQAEERGVVSIKGVSAN
RYLAMKEDGRLLASKSVTDECFFFERLESNNYNTYRSRKYTSWYVALKRTGQYKLGSKTGPGQKAILFLPMSAKS
;
_entity_poly.pdbx_seq_one_letter_code_can   
;MAAGSITTLPALPEDGGSGAFPPGHFKDPKRLYCKNGGFFLRIHPDGRVDGVREKSDPHIKLQLQAEERGVVSIKGVSAN
RYLAMKEDGRLLASKSVTDECFFFERLESNNYNTYRSRKYTSWYVALKRTGQYKLGSKTGPGQKAILFLPMSAKS
;
_entity_poly.pdbx_strand_id                 A 
_entity_poly.pdbx_target_identifier         ? 
# 
loop_
_entity_poly_seq.entity_id 
_entity_poly_seq.num 
_entity_poly_seq.mon_id 
_entity_poly_seq.hetero 
1 1   MET n 
1 2   ALA n 
1 3   ALA n 
1 4   GLY n 
1 5   SER n 
1 6   ILE n 
1 7   THR n 
1 8   THR n 
1 9   LEU n 
1 10  PRO n 
1 11  ALA n 
1 12  LEU n 
1 13  PRO n 
1 14  GLU n 
1 15  ASP n 
1 16  GLY n 
1 17  GLY n 
1 18  SER n 
1 19  GLY n 
1 20  ALA n 
1 21  PHE n 
1 22  PRO n 
1 23  PRO n 
1 24  GLY n 
1 25  HIS n 
1 26  PHE n 
1 27  LYS n 
1 28  ASP n 
1 29  PRO n 
1 30  LYS n 
1 31  ARG n 
1 32  LEU n 
1 33  TYR n 
1 34  CYS n 
1 35  LYS n 
1 36  ASN n 
1 37  GLY n 
1 38  GLY n 
1 39  PHE n 
1 40  PHE n 
1 41  LEU n 
1 42  ARG n 
1 43  ILE n 
1 44  HIS n 
1 45  PRO n 
1 46  ASP n 
1 47  GLY n 
1 48  ARG n 
1 49  VAL n 
1 50  ASP n 
1 51  GLY n 
1 52  VAL n 
1 53  ARG n 
1 54  GLU n 
1 55  LYS n 
1 56  SER n 
1 57  ASP n 
1 58  PRO n 
1 59  HIS n 
1 60  ILE n 
1 61  LYS n 
1 62  LEU n 
1 63  GLN n 
1 64  LEU n 
1 65  GLN n 
1 66  ALA n 
1 67  GLU n 
1 68  GLU n 
1 69  ARG n 
1 70  GLY n 
1 71  VAL n 
1 72  VAL n 
1 73  SER n 
1 74  ILE n 
1 75  LYS n 
1 76  GLY n 
1 77  VAL n 
1 78  SER n 
1 79  ALA n 
1 80  ASN n 
1 81  ARG n 
1 82  TYR n 
1 83  LEU n 
1 84  ALA n 
1 85  MET n 
1 86  LYS n 
1 87  GLU n 
1 88  ASP n 
1 89  GLY n 
1 90  ARG n 
1 91  LEU n 
1 92  LEU n 
1 93  ALA n 
1 94  SER n 
1 95  LYS n 
1 96  SER n 
1 97  VAL n 
1 98  THR n 
1 99  ASP n 
1 100 GLU n 
1 101 CYS n 
1 102 PHE n 
1 103 PHE n 
1 104 PHE n 
1 105 GLU n 
1 106 ARG n 
1 107 LEU n 
1 108 GLU n 
1 109 SER n 
1 110 ASN n 
1 111 ASN n 
1 112 TYR n 
1 113 ASN n 
1 114 THR n 
1 115 TYR n 
1 116 ARG n 
1 117 SER n 
1 118 ARG n 
1 119 LYS n 
1 120 TYR n 
1 121 THR n 
1 122 SER n 
1 123 TRP n 
1 124 TYR n 
1 125 VAL n 
1 126 ALA n 
1 127 LEU n 
1 128 LYS n 
1 129 ARG n 
1 130 THR n 
1 131 GLY n 
1 132 GLN n 
1 133 TYR n 
1 134 LYS n 
1 135 LEU n 
1 136 GLY n 
1 137 SER n 
1 138 LYS n 
1 139 THR n 
1 140 GLY n 
1 141 PRO n 
1 142 GLY n 
1 143 GLN n 
1 144 LYS n 
1 145 ALA n 
1 146 ILE n 
1 147 LEU n 
1 148 PHE n 
1 149 LEU n 
1 150 PRO n 
1 151 MET n 
1 152 SER n 
1 153 ALA n 
1 154 LYS n 
1 155 SER n 
# 
_entity_src_gen.entity_id                          1 
_entity_src_gen.pdbx_src_id                        1 
_entity_src_gen.pdbx_alt_source_flag               sample 
_entity_src_gen.pdbx_seq_type                      ? 
_entity_src_gen.pdbx_beg_seq_num                   ? 
_entity_src_gen.pdbx_end_seq_num                   ? 
_entity_src_gen.gene_src_common_name               human 
_entity_src_gen.gene_src_genus                     ? 
_entity_src_gen.pdbx_gene_src_gene                 'FGF2, FGFB' 
_entity_src_gen.gene_src_species                   ? 
_entity_src_gen.gene_src_strain                    ? 
_entity_src_gen.gene_src_tissue                    ? 
_entity_src_gen.gene_src_tissue_fraction           ? 
_entity_src_gen.gene_src_details                   ? 
_entity_src_gen.pdbx_gene_src_fragment             ? 
_entity_src_gen.pdbx_gene_src_scientific_name      'Homo sapiens' 
_entity_src_gen.pdbx_gene_src_ncbi_taxonomy_id     9606 
_entity_src_gen.pdbx_gene_src_variant              ? 
_entity_src_gen.pdbx_gene_src_cell_line            ? 
_entity_src_gen.pdbx_gene_src_atcc                 ? 
_entity_src_gen.pdbx_gene_src_organ                ? 
_entity_src_gen.pdbx_gene_src_organelle            ? 
_entity_src_gen.pdbx_gene_src_cell                 ? 
_entity_src_gen.pdbx_gene_src_cellular_location    ? 
_entity_src_gen.host_org_common_name               ? 
_entity_src_gen.pdbx_host_org_scientific_name      'Escherichia coli' 
_entity_src_gen.pdbx_host_org_ncbi_taxonomy_id     511693 
_entity_src_gen.host_org_genus                     ? 
_entity_src_gen.pdbx_host_org_gene                 ? 
_entity_src_gen.pdbx_host_org_organ                ? 
_entity_src_gen.host_org_species                   ? 
_entity_src_gen.pdbx_host_org_tissue               ? 
_entity_src_gen.pdbx_host_org_tissue_fraction      ? 
_entity_src_gen.pdbx_host_org_strain               'BL21(RIPL)' 
_entity_src_gen.pdbx_host_org_variant              ? 
_entity_src_gen.pdbx_host_org_cell_line            ? 
_entity_src_gen.pdbx_host_org_atcc                 ? 
_entity_src_gen.pdbx_host_org_culture_collection   ? 
_entity_src_gen.pdbx_host_org_cell                 ? 
_entity_src_gen.pdbx_host_org_organelle            ? 
_entity_src_gen.pdbx_host_org_cellular_location    ? 
_entity_src_gen.pdbx_host_org_vector_type          plasmid 
_entity_src_gen.pdbx_host_org_vector               ? 
_entity_src_gen.host_org_details                   ? 
_entity_src_gen.expression_system_id               ? 
_entity_src_gen.plasmid_name                       pET32a 
_entity_src_gen.plasmid_details                    ? 
_entity_src_gen.pdbx_description                   ? 
# 
_struct_ref.id                         1 
_struct_ref.db_name                    UNP 
_struct_ref.db_code                    FGF2_HUMAN 
_struct_ref.pdbx_db_accession          P09038 
_struct_ref.entity_id                  1 
_struct_ref.pdbx_seq_one_letter_code   
;MAAGSITTLPALPEDGGSGAFPPGHFKDPKRLYCKNGGFFLRIHPDGRVDGVREKSDPHIKLQLQAEERGVVSIKGVCAN
RYLAMKEDGRLLASKCVTDECFFFERLESNNYNTYRSRKYTSWYVALKRTGQYKLGSKTGPGQKAILFLPMSAKS
;
_struct_ref.pdbx_align_begin           134 
_struct_ref.pdbx_db_isoform            ? 
# 
_struct_ref_seq.align_id                      1 
_struct_ref_seq.ref_id                        1 
_struct_ref_seq.pdbx_PDB_id_code              4OEG 
_struct_ref_seq.pdbx_strand_id                A 
_struct_ref_seq.seq_align_beg                 1 
_struct_ref_seq.pdbx_seq_align_beg_ins_code   ? 
_struct_ref_seq.seq_align_end                 155 
_struct_ref_seq.pdbx_seq_align_end_ins_code   ? 
_struct_ref_seq.pdbx_db_accession             P09038 
_struct_ref_seq.db_align_beg                  134 
_struct_ref_seq.pdbx_db_align_beg_ins_code    ? 
_struct_ref_seq.db_align_end                  288 
_struct_ref_seq.pdbx_db_align_end_ins_code    ? 
_struct_ref_seq.pdbx_auth_seq_align_beg       -8 
_struct_ref_seq.pdbx_auth_seq_align_end       146 
# 
loop_
_struct_ref_seq_dif.align_id 
_struct_ref_seq_dif.pdbx_pdb_id_code 
_struct_ref_seq_dif.mon_id 
_struct_ref_seq_dif.pdbx_pdb_strand_id 
_struct_ref_seq_dif.seq_num 
_struct_ref_seq_dif.pdbx_pdb_ins_code 
_struct_ref_seq_dif.pdbx_seq_db_name 
_struct_ref_seq_dif.pdbx_seq_db_accession_code 
_struct_ref_seq_dif.db_mon_id 
_struct_ref_seq_dif.pdbx_seq_db_seq_num 
_struct_ref_seq_dif.details 
_struct_ref_seq_dif.pdbx_auth_seq_num 
_struct_ref_seq_dif.pdbx_ordinal 
1 4OEG SER A 78 ? UNP P09038 CYS 211 'engineered mutation' 69 1 
1 4OEG SER A 96 ? UNP P09038 CYS 229 'engineered mutation' 87 2 
# 
loop_
_chem_comp.id 
_chem_comp.type 
_chem_comp.mon_nstd_flag 
_chem_comp.name 
_chem_comp.pdbx_synonyms 
_chem_comp.formula 
_chem_comp.formula_weight 
ALA 'L-peptide linking'           y ALANINE                                                       ? 'C3 H7 N O2'      89.093  
ARG 'L-peptide linking'           y ARGININE                                                      ? 'C6 H15 N4 O2 1'  175.209 
ASN 'L-peptide linking'           y ASPARAGINE                                                    ? 'C4 H8 N2 O3'     132.118 
ASP 'L-peptide linking'           y 'ASPARTIC ACID'                                               ? 'C4 H7 N O4'      133.103 
CYS 'L-peptide linking'           y CYSTEINE                                                      ? 'C3 H7 N O2 S'    121.158 
GLN 'L-peptide linking'           y GLUTAMINE                                                     ? 'C5 H10 N2 O3'    146.144 
GLU 'L-peptide linking'           y 'GLUTAMIC ACID'                                               ? 'C5 H9 N O4'      147.129 
GLY 'peptide linking'             y GLYCINE                                                       ? 'C2 H5 N O2'      75.067  
HIS 'L-peptide linking'           y HISTIDINE                                                     ? 'C6 H10 N3 O2 1'  156.162 
HOH non-polymer                   . WATER                                                         ? 'H2 O'            18.015  
IDY 'L-saccharide, alpha linking' n '1-O-methyl-2-O-sulfo-alpha-L-idopyranuronic acid'            
;methyl 2-O-sulfo-alpha-L-idopyranosiduronic acid; 1-O-methyl-2-O-sulfo-alpha-L-iduronic acid; 1-O-methyl-2-O-sulfo-L-iduronic acid; 1-O-methyl-2-O-sulfo-iduronic acid
;
'C7 H12 O10 S'    288.229 
ILE 'L-peptide linking'           y ISOLEUCINE                                                    ? 'C6 H13 N O2'     131.173 
LEU 'L-peptide linking'           y LEUCINE                                                       ? 'C6 H13 N O2'     131.173 
LYS 'L-peptide linking'           y LYSINE                                                        ? 'C6 H15 N2 O2 1'  147.195 
MET 'L-peptide linking'           y METHIONINE                                                    ? 'C5 H11 N O2 S'   149.211 
PHE 'L-peptide linking'           y PHENYLALANINE                                                 ? 'C9 H11 N O2'     165.189 
PRO 'L-peptide linking'           y PROLINE                                                       ? 'C5 H9 N O2'      115.130 
SER 'L-peptide linking'           y SERINE                                                        ? 'C3 H7 N O3'      105.093 
SUS 'D-saccharide, alpha linking' n '2-deoxy-3,6-di-O-sulfo-2-(sulfoamino)-alpha-D-glucopyranose' 
;3,6-di-O-sulfo-N-sulfo-alpha-D-glucosamine; 2-deoxy-3,6-di-O-sulfo-2-(sulfoamino)-alpha-D-glucose; 2-deoxy-3,6-di-O-sulfo-2-(sulfoamino)-D-glucose; 2-deoxy-3,6-di-O-sulfo-2-(sulfoamino)-glucose
;
'C6 H13 N O14 S3' 419.361 
THR 'L-peptide linking'           y THREONINE                                                     ? 'C4 H9 N O3'      119.119 
TRP 'L-peptide linking'           y TRYPTOPHAN                                                    ? 'C11 H12 N2 O2'   204.225 
TYR 'L-peptide linking'           y TYROSINE                                                      ? 'C9 H11 N O3'     181.189 
VAL 'L-peptide linking'           y VALINE                                                        ? 'C5 H11 N O2'     117.146 
# 
_exptl.entry_id          4OEG 
_exptl.method            'X-RAY DIFFRACTION' 
_exptl.crystals_number   1 
# 
_exptl_crystal.id                    1 
_exptl_crystal.density_meas          ? 
_exptl_crystal.density_Matthews      1.78 
_exptl_crystal.density_percent_sol   30.91 
_exptl_crystal.description           ? 
_exptl_crystal.F_000                 ? 
_exptl_crystal.preparation           ? 
# 
_exptl_crystal_grow.crystal_id      1 
_exptl_crystal_grow.method          'VAPOR DIFFUSION, HANGING DROP' 
_exptl_crystal_grow.temp            299 
_exptl_crystal_grow.temp_details    ? 
_exptl_crystal_grow.pH              4.2 
_exptl_crystal_grow.pdbx_details    
'40% polyethylene glycol 600 and 100 mM Na2HPO4/citric acid, pH 4.2, VAPOR DIFFUSION, HANGING DROP, temperature 299K' 
_exptl_crystal_grow.pdbx_pH_range   ? 
# 
_diffrn.id                     1 
_diffrn.ambient_temp           100 
_diffrn.ambient_temp_details   ? 
_diffrn.crystal_id             1 
# 
_diffrn_detector.diffrn_id              1 
_diffrn_detector.detector               CCD 
_diffrn_detector.type                   'ADSC QUANTUM 315r' 
_diffrn_detector.pdbx_collection_date   2013-03-26 
_diffrn_detector.details                ? 
# 
_diffrn_radiation.diffrn_id                        1 
_diffrn_radiation.wavelength_id                    1 
_diffrn_radiation.pdbx_monochromatic_or_laue_m_l   M 
_diffrn_radiation.monochromator                    'Si 111 CHANNEL' 
_diffrn_radiation.pdbx_diffrn_protocol             'SINGLE WAVELENGTH' 
_diffrn_radiation.pdbx_scattering_type             x-ray 
# 
_diffrn_radiation_wavelength.id           1 
_diffrn_radiation_wavelength.wavelength   0.97622 
_diffrn_radiation_wavelength.wt           1.0 
# 
_diffrn_source.diffrn_id                   1 
_diffrn_source.source                      SYNCHROTRON 
_diffrn_source.type                        'NSRRC BEAMLINE BL13C1' 
_diffrn_source.pdbx_synchrotron_site       NSRRC 
_diffrn_source.pdbx_synchrotron_beamline   BL13C1 
_diffrn_source.pdbx_wavelength             ? 
_diffrn_source.pdbx_wavelength_list        0.97622 
# 
_reflns.entry_id                     4OEG 
_reflns.observed_criterion_sigma_I   5 
_reflns.observed_criterion_sigma_F   0 
_reflns.d_resolution_low             30 
_reflns.d_resolution_high            1.6 
_reflns.number_obs                   15020 
_reflns.number_all                   15020 
_reflns.percent_possible_obs         95.4 
_reflns.pdbx_Rmerge_I_obs            0.034 
_reflns.pdbx_Rsym_value              0.034 
_reflns.pdbx_netI_over_sigmaI        46.3 
_reflns.B_iso_Wilson_estimate        ? 
_reflns.pdbx_redundancy              3.9 
_reflns.R_free_details               ? 
_reflns.limit_h_max                  ? 
_reflns.limit_h_min                  ? 
_reflns.limit_k_max                  ? 
_reflns.limit_k_min                  ? 
_reflns.limit_l_max                  ? 
_reflns.limit_l_min                  ? 
_reflns.observed_criterion_F_max     ? 
_reflns.observed_criterion_F_min     ? 
_reflns.pdbx_chi_squared             ? 
_reflns.pdbx_scaling_rejects         ? 
_reflns.pdbx_ordinal                 1 
_reflns.pdbx_diffrn_id               1 
# 
_reflns_shell.d_res_high             1.6 
_reflns_shell.d_res_low              1.66 
_reflns_shell.percent_possible_all   95.5 
_reflns_shell.Rmerge_I_obs           0.072 
_reflns_shell.pdbx_Rsym_value        0.072 
_reflns_shell.meanI_over_sigI_obs    19.1 
_reflns_shell.pdbx_redundancy        3.9 
_reflns_shell.percent_possible_obs   ? 
_reflns_shell.number_unique_all      ? 
_reflns_shell.number_measured_all    ? 
_reflns_shell.number_measured_obs    ? 
_reflns_shell.number_unique_obs      ? 
_reflns_shell.pdbx_chi_squared       ? 
_reflns_shell.pdbx_ordinal           1 
_reflns_shell.pdbx_diffrn_id         1 
# 
_refine.entry_id                                 4OEG 
_refine.ls_number_reflns_obs                     15010 
_refine.ls_number_reflns_all                     15020 
_refine.pdbx_ls_sigma_I                          ? 
_refine.pdbx_ls_sigma_F                          2.06 
_refine.pdbx_data_cutoff_high_absF               ? 
_refine.pdbx_data_cutoff_low_absF                ? 
_refine.pdbx_data_cutoff_high_rms_absF           ? 
_refine.ls_d_res_low                             19.641 
_refine.ls_d_res_high                            1.6 
_refine.ls_percent_reflns_obs                    94.87 
_refine.ls_R_factor_obs                          0.1753 
_refine.ls_R_factor_all                          ? 
_refine.ls_R_factor_R_work                       0.1710 
_refine.ls_R_factor_R_free                       0.2150 
_refine.ls_R_factor_R_free_error                 ? 
_refine.ls_R_factor_R_free_error_details         ? 
_refine.ls_percent_reflns_R_free                 10.00 
_refine.ls_number_reflns_R_free                  1501 
_refine.ls_number_parameters                     ? 
_refine.ls_number_restraints                     ? 
_refine.occupancy_min                            ? 
_refine.occupancy_max                            ? 
_refine.correlation_coeff_Fo_to_Fc               ? 
_refine.correlation_coeff_Fo_to_Fc_free          ? 
_refine.B_iso_mean                               ? 
_refine.aniso_B[1][1]                            ? 
_refine.aniso_B[2][2]                            ? 
_refine.aniso_B[3][3]                            ? 
_refine.aniso_B[1][2]                            ? 
_refine.aniso_B[1][3]                            ? 
_refine.aniso_B[2][3]                            ? 
_refine.solvent_model_details                    'FLAT BULK SOLVENT MODEL' 
_refine.solvent_model_param_ksol                 ? 
_refine.solvent_model_param_bsol                 ? 
_refine.pdbx_solvent_vdw_probe_radii             1.11 
_refine.pdbx_solvent_ion_probe_radii             ? 
_refine.pdbx_solvent_shrinkage_radii             0.90 
_refine.pdbx_ls_cross_valid_method               ? 
_refine.details                                  ? 
_refine.pdbx_starting_model                      'PDB ENTRY 1BFC' 
_refine.pdbx_method_to_determine_struct          'MOLECULAR REPLACEMENT' 
_refine.pdbx_isotropic_thermal_model             ? 
_refine.pdbx_stereochemistry_target_values       ML 
_refine.pdbx_stereochem_target_val_spec_case     ? 
_refine.pdbx_R_Free_selection_details            RANDOM 
_refine.pdbx_overall_ESU_R                       ? 
_refine.pdbx_overall_ESU_R_Free                  ? 
_refine.overall_SU_ML                            0.14 
_refine.pdbx_overall_phase_error                 24.10 
_refine.overall_SU_B                             ? 
_refine.overall_SU_R_Cruickshank_DPI             ? 
_refine.ls_redundancy_reflns_obs                 ? 
_refine.B_iso_min                                ? 
_refine.B_iso_max                                ? 
_refine.overall_SU_R_free                        ? 
_refine.ls_wR_factor_R_free                      ? 
_refine.ls_wR_factor_R_work                      ? 
_refine.overall_FOM_free_R_set                   ? 
_refine.overall_FOM_work_R_set                   ? 
_refine.pdbx_diffrn_id                           1 
_refine.pdbx_refine_id                           'X-RAY DIFFRACTION' 
_refine.pdbx_TLS_residual_ADP_flag               ? 
_refine.pdbx_overall_SU_R_free_Cruickshank_DPI   ? 
_refine.pdbx_overall_SU_R_Blow_DPI               ? 
_refine.pdbx_overall_SU_R_free_Blow_DPI          ? 
# 
_refine_hist.pdbx_refine_id                   'X-RAY DIFFRACTION' 
_refine_hist.cycle_id                         LAST 
_refine_hist.pdbx_number_atoms_protein        1001 
_refine_hist.pdbx_number_atoms_nucleic_acid   0 
_refine_hist.pdbx_number_atoms_ligand         41 
_refine_hist.number_atoms_solvent             104 
_refine_hist.number_atoms_total               1146 
_refine_hist.d_res_high                       1.6 
_refine_hist.d_res_low                        19.641 
# 
loop_
_refine_ls_restr.type 
_refine_ls_restr.dev_ideal 
_refine_ls_restr.dev_ideal_target 
_refine_ls_restr.weight 
_refine_ls_restr.number 
_refine_ls_restr.pdbx_restraint_function 
_refine_ls_restr.pdbx_refine_id 
f_bond_d           0.006  ? ? 1069 ? 'X-RAY DIFFRACTION' 
f_angle_d          1.111  ? ? 1437 ? 'X-RAY DIFFRACTION' 
f_dihedral_angle_d 12.178 ? ? 422  ? 'X-RAY DIFFRACTION' 
f_chiral_restr     0.070  ? ? 154  ? 'X-RAY DIFFRACTION' 
f_plane_restr      0.004  ? ? 177  ? 'X-RAY DIFFRACTION' 
# 
loop_
_refine_ls_shell.pdbx_total_number_of_bins_used 
_refine_ls_shell.d_res_high 
_refine_ls_shell.d_res_low 
_refine_ls_shell.number_reflns_R_work 
_refine_ls_shell.R_factor_R_work 
_refine_ls_shell.percent_reflns_obs 
_refine_ls_shell.R_factor_R_free 
_refine_ls_shell.R_factor_R_free_error 
_refine_ls_shell.percent_reflns_R_free 
_refine_ls_shell.number_reflns_R_free 
_refine_ls_shell.number_reflns_all 
_refine_ls_shell.R_factor_all 
_refine_ls_shell.number_reflns_obs 
_refine_ls_shell.redundancy_reflns_obs 
_refine_ls_shell.pdbx_refine_id 
. 1.5963 1.6478  1179 0.1622 91.00 0.2214 . . 131 . . . . 'X-RAY DIFFRACTION' 
. 1.6478 1.7067  1213 0.1644 94.00 0.2032 . . 135 . . . . 'X-RAY DIFFRACTION' 
. 1.7067 1.7750  1239 0.1695 95.00 0.2228 . . 137 . . . . 'X-RAY DIFFRACTION' 
. 1.7750 1.8557  1230 0.1691 95.00 0.2160 . . 136 . . . . 'X-RAY DIFFRACTION' 
. 1.8557 1.9534  1216 0.1724 95.00 0.2280 . . 136 . . . . 'X-RAY DIFFRACTION' 
. 1.9534 2.0757  1255 0.1670 96.00 0.2106 . . 139 . . . . 'X-RAY DIFFRACTION' 
. 2.0757 2.2358  1232 0.1791 97.00 0.2261 . . 138 . . . . 'X-RAY DIFFRACTION' 
. 2.2358 2.4604  1248 0.1733 97.00 0.2134 . . 138 . . . . 'X-RAY DIFFRACTION' 
. 2.4604 2.8155  1264 0.1921 97.00 0.2622 . . 140 . . . . 'X-RAY DIFFRACTION' 
. 2.8155 3.5438  1243 0.1720 96.00 0.2138 . . 139 . . . . 'X-RAY DIFFRACTION' 
. 3.5438 19.6424 1190 0.1598 92.00 0.1873 . . 132 . . . . 'X-RAY DIFFRACTION' 
# 
_struct.entry_id                  4OEG 
_struct.title                     'Crystal Structure Analysis of FGF2-Disaccharide (S9I2) complex' 
_struct.pdbx_model_details        ? 
_struct.pdbx_CASP_flag            ? 
_struct.pdbx_model_type_details   ? 
# 
_struct_keywords.entry_id        4OEG 
_struct_keywords.pdbx_keywords   'PROTEIN BINDING' 
_struct_keywords.text            'Heparin/Heparin Sulfate Binding, PROTEIN BINDING' 
# 
loop_
_struct_asym.id 
_struct_asym.pdbx_blank_PDB_chainid_flag 
_struct_asym.pdbx_modified 
_struct_asym.entity_id 
_struct_asym.details 
A N N 1 ? 
B N N 2 ? 
C N N 3 ? 
# 
_struct_biol.id        1 
_struct_biol.details   ? 
# 
loop_
_struct_conf.conf_type_id 
_struct_conf.id 
_struct_conf.pdbx_PDB_helix_id 
_struct_conf.beg_label_comp_id 
_struct_conf.beg_label_asym_id 
_struct_conf.beg_label_seq_id 
_struct_conf.pdbx_beg_PDB_ins_code 
_struct_conf.end_label_comp_id 
_struct_conf.end_label_asym_id 
_struct_conf.end_label_seq_id 
_struct_conf.pdbx_end_PDB_ins_code 
_struct_conf.beg_auth_comp_id 
_struct_conf.beg_auth_asym_id 
_struct_conf.beg_auth_seq_id 
_struct_conf.end_auth_comp_id 
_struct_conf.end_auth_asym_id 
_struct_conf.end_auth_seq_id 
_struct_conf.pdbx_PDB_helix_class 
_struct_conf.details 
_struct_conf.pdbx_PDB_helix_length 
HELX_P HELX_P1 1 ASP A 57  ? ILE A 60  ? ASP A 48  ILE A 51  5 ? 4 
HELX_P HELX_P2 2 THR A 98  ? CYS A 101 ? THR A 89  CYS A 92  5 ? 4 
HELX_P HELX_P3 3 LEU A 135 ? THR A 139 ? LEU A 126 THR A 130 5 ? 5 
HELX_P HELX_P4 4 GLN A 143 ? ILE A 146 ? GLN A 134 ILE A 137 5 ? 4 
# 
_struct_conf_type.id          HELX_P 
_struct_conf_type.criteria    ? 
_struct_conf_type.reference   ? 
# 
_struct_conn.id                            covale1 
_struct_conn.conn_type_id                  covale 
_struct_conn.pdbx_leaving_atom_flag        both 
_struct_conn.pdbx_PDB_id                   ? 
_struct_conn.ptnr1_label_asym_id           B 
_struct_conn.ptnr1_label_comp_id           IDY 
_struct_conn.ptnr1_label_seq_id            . 
_struct_conn.ptnr1_label_atom_id           O4 
_struct_conn.pdbx_ptnr1_label_alt_id       ? 
_struct_conn.pdbx_ptnr1_PDB_ins_code       ? 
_struct_conn.pdbx_ptnr1_standard_comp_id   ? 
_struct_conn.ptnr1_symmetry                1_555 
_struct_conn.ptnr2_label_asym_id           B 
_struct_conn.ptnr2_label_comp_id           SUS 
_struct_conn.ptnr2_label_seq_id            . 
_struct_conn.ptnr2_label_atom_id           C1 
_struct_conn.pdbx_ptnr2_label_alt_id       ? 
_struct_conn.pdbx_ptnr2_PDB_ins_code       ? 
_struct_conn.ptnr1_auth_asym_id            B 
_struct_conn.ptnr1_auth_comp_id            IDY 
_struct_conn.ptnr1_auth_seq_id             1 
_struct_conn.ptnr2_auth_asym_id            B 
_struct_conn.ptnr2_auth_comp_id            SUS 
_struct_conn.ptnr2_auth_seq_id             2 
_struct_conn.ptnr2_symmetry                1_555 
_struct_conn.pdbx_ptnr3_label_atom_id      ? 
_struct_conn.pdbx_ptnr3_label_seq_id       ? 
_struct_conn.pdbx_ptnr3_label_comp_id      ? 
_struct_conn.pdbx_ptnr3_label_asym_id      ? 
_struct_conn.pdbx_ptnr3_label_alt_id       ? 
_struct_conn.pdbx_ptnr3_PDB_ins_code       ? 
_struct_conn.details                       ? 
_struct_conn.pdbx_dist_value               1.432 
_struct_conn.pdbx_value_order              ? 
_struct_conn.pdbx_role                     ? 
# 
_struct_conn_type.id          covale 
_struct_conn_type.criteria    ? 
_struct_conn_type.reference   ? 
# 
loop_
_struct_sheet.id 
_struct_sheet.type 
_struct_sheet.number_strands 
_struct_sheet.details 
A ? 2 ? 
B ? 2 ? 
C ? 4 ? 
D ? 4 ? 
# 
loop_
_struct_sheet_order.sheet_id 
_struct_sheet_order.range_id_1 
_struct_sheet_order.range_id_2 
_struct_sheet_order.offset 
_struct_sheet_order.sense 
A 1 2 ? anti-parallel 
B 1 2 ? anti-parallel 
C 1 2 ? anti-parallel 
C 2 3 ? anti-parallel 
C 3 4 ? anti-parallel 
D 1 2 ? anti-parallel 
D 2 3 ? anti-parallel 
D 3 4 ? anti-parallel 
# 
loop_
_struct_sheet_range.sheet_id 
_struct_sheet_range.id 
_struct_sheet_range.beg_label_comp_id 
_struct_sheet_range.beg_label_asym_id 
_struct_sheet_range.beg_label_seq_id 
_struct_sheet_range.pdbx_beg_PDB_ins_code 
_struct_sheet_range.end_label_comp_id 
_struct_sheet_range.end_label_asym_id 
_struct_sheet_range.end_label_seq_id 
_struct_sheet_range.pdbx_end_PDB_ins_code 
_struct_sheet_range.beg_auth_comp_id 
_struct_sheet_range.beg_auth_asym_id 
_struct_sheet_range.beg_auth_seq_id 
_struct_sheet_range.end_auth_comp_id 
_struct_sheet_range.end_auth_asym_id 
_struct_sheet_range.end_auth_seq_id 
A 1 ARG A 31  ? CYS A 34  ? ARG A 22  CYS A 25  
A 2 PHE A 148 ? MET A 151 ? PHE A 139 MET A 142 
B 1 PHE A 40  ? ILE A 43  ? PHE A 31  ILE A 34  
B 2 VAL A 49  ? VAL A 52  ? VAL A 40  VAL A 43  
C 1 LEU A 62  ? GLU A 68  ? LEU A 53  GLU A 59  
C 2 VAL A 71  ? GLY A 76  ? VAL A 62  GLY A 67  
C 3 ARG A 81  ? MET A 85  ? ARG A 72  MET A 76  
C 4 LEU A 91  ? SER A 94  ? LEU A 82  SER A 85  
D 1 LEU A 62  ? GLU A 68  ? LEU A 53  GLU A 59  
D 2 VAL A 71  ? GLY A 76  ? VAL A 62  GLY A 67  
D 3 PHE A 103 ? LEU A 107 ? PHE A 94  LEU A 98  
D 4 ASN A 113 ? SER A 117 ? ASN A 104 SER A 108 
# 
loop_
_pdbx_struct_sheet_hbond.sheet_id 
_pdbx_struct_sheet_hbond.range_id_1 
_pdbx_struct_sheet_hbond.range_id_2 
_pdbx_struct_sheet_hbond.range_1_label_atom_id 
_pdbx_struct_sheet_hbond.range_1_label_comp_id 
_pdbx_struct_sheet_hbond.range_1_label_asym_id 
_pdbx_struct_sheet_hbond.range_1_label_seq_id 
_pdbx_struct_sheet_hbond.range_1_PDB_ins_code 
_pdbx_struct_sheet_hbond.range_1_auth_atom_id 
_pdbx_struct_sheet_hbond.range_1_auth_comp_id 
_pdbx_struct_sheet_hbond.range_1_auth_asym_id 
_pdbx_struct_sheet_hbond.range_1_auth_seq_id 
_pdbx_struct_sheet_hbond.range_2_label_atom_id 
_pdbx_struct_sheet_hbond.range_2_label_comp_id 
_pdbx_struct_sheet_hbond.range_2_label_asym_id 
_pdbx_struct_sheet_hbond.range_2_label_seq_id 
_pdbx_struct_sheet_hbond.range_2_PDB_ins_code 
_pdbx_struct_sheet_hbond.range_2_auth_atom_id 
_pdbx_struct_sheet_hbond.range_2_auth_comp_id 
_pdbx_struct_sheet_hbond.range_2_auth_asym_id 
_pdbx_struct_sheet_hbond.range_2_auth_seq_id 
A 1 2 N ARG A 31  ? N ARG A 22 O MET A 151 ? O MET A 142 
B 1 2 N PHE A 40  ? N PHE A 31 O VAL A 52  ? O VAL A 43  
C 1 2 N GLU A 67  ? N GLU A 58 O VAL A 71  ? O VAL A 62  
C 2 3 N ILE A 74  ? N ILE A 65 O LEU A 83  ? O LEU A 74  
C 3 4 N ALA A 84  ? N ALA A 75 O LEU A 92  ? O LEU A 83  
D 1 2 N GLU A 67  ? N GLU A 58 O VAL A 71  ? O VAL A 62  
D 2 3 N VAL A 72  ? N VAL A 63 O PHE A 103 ? O PHE A 94  
D 3 4 N PHE A 104 ? N PHE A 95 O ARG A 116 ? O ARG A 107 
# 
_atom_sites.entry_id                    4OEG 
_atom_sites.fract_transf_matrix[1][1]   -0.03174402 
_atom_sites.fract_transf_matrix[1][2]   -0.00966191 
_atom_sites.fract_transf_matrix[1][3]   0.01054425 
_atom_sites.fract_transf_matrix[2][1]   0.00507202 
_atom_sites.fract_transf_matrix[2][2]   0.02283694 
_atom_sites.fract_transf_matrix[2][3]   0.02398328 
_atom_sites.fract_transf_matrix[3][1]   -0.00491737 
_atom_sites.fract_transf_matrix[3][2]   0.01355395 
_atom_sites.fract_transf_matrix[3][3]   -0.02839278 
_atom_sites.fract_transf_vector[1]      0.339743 
_atom_sites.fract_transf_vector[2]      -0.291633 
_atom_sites.fract_transf_vector[3]      0.364672 
# 
loop_
_atom_type.symbol 
C 
N 
O 
S 
# 
loop_
_atom_site.group_PDB 
_atom_site.id 
_atom_site.type_symbol 
_atom_site.label_atom_id 
_atom_site.label_alt_id 
_atom_site.label_comp_id 
_atom_site.label_asym_id 
_atom_site.label_entity_id 
_atom_site.label_seq_id 
_atom_site.pdbx_PDB_ins_code 
_atom_site.Cartn_x 
_atom_site.Cartn_y 
_atom_site.Cartn_z 
_atom_site.occupancy 
_atom_site.B_iso_or_equiv 
_atom_site.pdbx_formal_charge 
_atom_site.auth_seq_id 
_atom_site.auth_comp_id 
_atom_site.auth_asym_id 
_atom_site.auth_atom_id 
_atom_site.pdbx_PDB_model_num 
ATOM   1    N N   . PRO A 1 29  ? 5.905   13.986  2.461   1.00 36.10 ? 20  PRO A N   1 
ATOM   2    C CA  . PRO A 1 29  ? 5.087   12.821  2.100   1.00 29.63 ? 20  PRO A CA  1 
ATOM   3    C C   . PRO A 1 29  ? 5.658   12.092  0.890   1.00 31.98 ? 20  PRO A C   1 
ATOM   4    O O   . PRO A 1 29  ? 6.482   12.655  0.169   1.00 35.84 ? 20  PRO A O   1 
ATOM   5    C CB  . PRO A 1 29  ? 3.734   13.442  1.728   1.00 30.06 ? 20  PRO A CB  1 
ATOM   6    C CG  . PRO A 1 29  ? 3.722   14.778  2.384   1.00 33.35 ? 20  PRO A CG  1 
ATOM   7    C CD  . PRO A 1 29  ? 5.147   15.244  2.369   1.00 36.14 ? 20  PRO A CD  1 
ATOM   8    N N   . LYS A 1 30  ? 5.223   10.854  0.675   1.00 26.61 ? 21  LYS A N   1 
ATOM   9    C CA  . LYS A 1 30  ? 5.593   10.107  -0.521  1.00 23.86 ? 21  LYS A CA  1 
ATOM   10   C C   . LYS A 1 30  ? 4.334   9.688   -1.262  1.00 20.54 ? 21  LYS A C   1 
ATOM   11   O O   . LYS A 1 30  ? 3.254   9.619   -0.677  1.00 21.40 ? 21  LYS A O   1 
ATOM   12   C CB  . LYS A 1 30  ? 6.375   8.839   -0.173  1.00 23.28 ? 21  LYS A CB  1 
ATOM   13   C CG  . LYS A 1 30  ? 7.637   9.043   0.652   1.00 28.49 ? 21  LYS A CG  1 
ATOM   14   C CD  . LYS A 1 30  ? 8.756   9.701   -0.143  1.00 34.96 ? 21  LYS A CD  1 
ATOM   15   C CE  . LYS A 1 30  ? 10.034  9.762   0.696   1.00 37.71 ? 21  LYS A CE  1 
ATOM   16   N NZ  . LYS A 1 30  ? 10.882  10.951  0.392   1.00 45.66 ? 21  LYS A NZ  1 
ATOM   17   N N   . ARG A 1 31  ? 4.466   9.420   -2.555  1.00 19.59 ? 22  ARG A N   1 
ATOM   18   C CA  . ARG A 1 31  ? 3.405   8.741   -3.279  1.00 16.93 ? 22  ARG A CA  1 
ATOM   19   C C   . ARG A 1 31  ? 3.939   7.388   -3.728  1.00 17.20 ? 22  ARG A C   1 
ATOM   20   O O   . ARG A 1 31  ? 5.123   7.256   -4.042  1.00 19.93 ? 22  ARG A O   1 
ATOM   21   C CB  . ARG A 1 31  ? 2.937   9.568   -4.476  1.00 22.58 ? 22  ARG A CB  1 
ATOM   22   C CG  . ARG A 1 31  ? 3.995   9.805   -5.528  1.00 23.28 ? 22  ARG A CG  1 
ATOM   23   C CD  . ARG A 1 31  ? 3.554   10.836  -6.553  1.00 31.47 ? 22  ARG A CD  1 
ATOM   24   N NE  . ARG A 1 31  ? 4.448   10.837  -7.706  1.00 33.52 ? 22  ARG A NE  1 
ATOM   25   C CZ  . ARG A 1 31  ? 4.719   11.905  -8.445  1.00 38.28 ? 22  ARG A CZ  1 
ATOM   26   N NH1 . ARG A 1 31  ? 4.173   13.080  -8.150  1.00 34.63 ? 22  ARG A NH1 1 
ATOM   27   N NH2 . ARG A 1 31  ? 5.548   11.799  -9.471  1.00 35.11 ? 22  ARG A NH2 1 
ATOM   28   N N   . LEU A 1 32  ? 3.072   6.384   -3.749  1.00 13.73 ? 23  LEU A N   1 
ATOM   29   C CA  . LEU A 1 32  ? 3.517   5.043   -4.125  1.00 13.64 ? 23  LEU A CA  1 
ATOM   30   C C   . LEU A 1 32  ? 3.042   4.686   -5.534  1.00 15.39 ? 23  LEU A C   1 
ATOM   31   O O   . LEU A 1 32  ? 1.864   4.388   -5.754  1.00 15.51 ? 23  LEU A O   1 
ATOM   32   C CB  . LEU A 1 32  ? 3.062   4.000   -3.097  1.00 14.03 ? 23  LEU A CB  1 
ATOM   33   C CG  . LEU A 1 32  ? 3.823   3.901   -1.773  1.00 17.20 ? 23  LEU A CG  1 
ATOM   34   C CD1 . LEU A 1 32  ? 3.160   2.893   -0.841  1.00 17.74 ? 23  LEU A CD1 1 
ATOM   35   C CD2 . LEU A 1 32  ? 5.276   3.550   -1.994  1.00 19.30 ? 23  LEU A CD2 1 
ATOM   36   N N   . TYR A 1 33  ? 3.970   4.736   -6.486  1.00 14.61 ? 24  TYR A N   1 
ATOM   37   C CA  . TYR A 1 33  ? 3.686   4.451   -7.891  1.00 18.25 ? 24  TYR A CA  1 
ATOM   38   C C   . TYR A 1 33  ? 3.712   2.949   -8.138  1.00 17.19 ? 24  TYR A C   1 
ATOM   39   O O   . TYR A 1 33  ? 4.753   2.308   -7.978  1.00 16.88 ? 24  TYR A O   1 
ATOM   40   C CB  . TYR A 1 33  ? 4.739   5.128   -8.773  1.00 18.61 ? 24  TYR A CB  1 
ATOM   41   C CG  . TYR A 1 33  ? 4.671   4.768   -10.248 1.00 20.39 ? 24  TYR A CG  1 
ATOM   42   C CD1 . TYR A 1 33  ? 3.910   5.520   -11.128 1.00 25.86 ? 24  TYR A CD1 1 
ATOM   43   C CD2 . TYR A 1 33  ? 5.387   3.689   -10.755 1.00 23.30 ? 24  TYR A CD2 1 
ATOM   44   C CE1 . TYR A 1 33  ? 3.850   5.208   -12.473 1.00 22.85 ? 24  TYR A CE1 1 
ATOM   45   C CE2 . TYR A 1 33  ? 5.332   3.359   -12.100 1.00 22.78 ? 24  TYR A CE2 1 
ATOM   46   C CZ  . TYR A 1 33  ? 4.563   4.126   -12.955 1.00 24.54 ? 24  TYR A CZ  1 
ATOM   47   O OH  . TYR A 1 33  ? 4.504   3.805   -14.292 1.00 29.99 ? 24  TYR A OH  1 
ATOM   48   N N   . CYS A 1 34  ? 2.576   2.388   -8.536  1.00 14.16 ? 25  CYS A N   1 
ATOM   49   C CA  . CYS A 1 34  ? 2.501   0.946   -8.799  1.00 13.31 ? 25  CYS A CA  1 
ATOM   50   C C   . CYS A 1 34  ? 2.911   0.632   -10.227 1.00 15.53 ? 25  CYS A C   1 
ATOM   51   O O   . CYS A 1 34  ? 2.410   1.243   -11.183 1.00 16.68 ? 25  CYS A O   1 
ATOM   52   C CB  . CYS A 1 34  ? 1.087   0.434   -8.529  1.00 13.47 ? 25  CYS A CB  1 
ATOM   53   S SG  . CYS A 1 34  ? 0.911   -1.349  -8.653  1.00 14.44 ? 25  CYS A SG  1 
ATOM   54   N N   . LYS A 1 35  ? 3.809   -0.335  -10.381 1.00 14.35 ? 26  LYS A N   1 
ATOM   55   C CA  . LYS A 1 35  ? 4.267   -0.737  -11.706 1.00 15.24 ? 26  LYS A CA  1 
ATOM   56   C C   . LYS A 1 35  ? 3.095   -1.246  -12.546 1.00 17.76 ? 26  LYS A C   1 
ATOM   57   O O   . LYS A 1 35  ? 3.099   -1.136  -13.773 1.00 19.22 ? 26  LYS A O   1 
ATOM   58   C CB  . LYS A 1 35  ? 5.359   -1.808  -11.587 1.00 17.70 ? 26  LYS A CB  1 
ATOM   59   C CG  . LYS A 1 35  ? 6.137   -2.045  -12.876 1.00 20.76 ? 26  LYS A CG  1 
ATOM   60   C CD  . LYS A 1 35  ? 7.229   -3.100  -12.698 1.00 22.61 ? 26  LYS A CD  1 
ATOM   61   C CE  . LYS A 1 35  ? 8.026   -3.282  -13.990 1.00 30.98 ? 26  LYS A CE  1 
ATOM   62   N NZ  . LYS A 1 35  ? 8.565   -1.982  -14.488 1.00 36.05 ? 26  LYS A NZ  1 
ATOM   63   N N   . ASN A 1 36  ? 2.078   -1.777  -11.877 1.00 15.11 ? 27  ASN A N   1 
ATOM   64   C CA  . ASN A 1 36  ? 0.925   -2.336  -12.561 1.00 14.94 ? 27  ASN A CA  1 
ATOM   65   C C   . ASN A 1 36  ? -0.023  -1.223  -12.970 1.00 17.32 ? 27  ASN A C   1 
ATOM   66   O O   . ASN A 1 36  ? -0.904  -0.849  -12.198 1.00 22.93 ? 27  ASN A O   1 
ATOM   67   C CB  . ASN A 1 36  ? 0.202   -3.319  -11.642 1.00 15.82 ? 27  ASN A CB  1 
ATOM   68   C CG  . ASN A 1 36  ? -0.562  -4.379  -12.405 1.00 16.77 ? 27  ASN A CG  1 
ATOM   69   O OD1 . ASN A 1 36  ? -0.234  -4.692  -13.555 1.00 21.19 ? 27  ASN A OD1 1 
ATOM   70   N ND2 . ASN A 1 36  ? -1.576  -4.950  -11.772 1.00 14.19 ? 27  ASN A ND2 1 
ATOM   71   N N   . GLY A 1 37  ? 0.183   -0.660  -14.156 1.00 16.15 ? 28  GLY A N   1 
ATOM   72   C CA  . GLY A 1 37  ? -0.717  0.360   -14.674 1.00 19.57 ? 28  GLY A CA  1 
ATOM   73   C C   . GLY A 1 37  ? -0.340  1.802   -14.374 1.00 19.22 ? 28  GLY A C   1 
ATOM   74   O O   . GLY A 1 37  ? -0.956  2.729   -14.904 1.00 20.79 ? 28  GLY A O   1 
ATOM   75   N N   . GLY A 1 38  ? 0.659   2.005   -13.522 1.00 16.37 ? 29  GLY A N   1 
ATOM   76   C CA  . GLY A 1 38  ? 1.081   3.352   -13.176 1.00 17.77 ? 29  GLY A CA  1 
ATOM   77   C C   . GLY A 1 38  ? 0.157   4.064   -12.211 1.00 18.50 ? 29  GLY A C   1 
ATOM   78   O O   . GLY A 1 38  ? 0.160   5.294   -12.127 1.00 22.34 ? 29  GLY A O   1 
ATOM   79   N N   . PHE A 1 39  ? -0.635  3.298   -11.473 1.00 15.32 ? 30  PHE A N   1 
ATOM   80   C CA  . PHE A 1 39  ? -1.529  3.881   -10.475 1.00 14.03 ? 30  PHE A CA  1 
ATOM   81   C C   . PHE A 1 39  ? -0.787  4.230   -9.197  1.00 15.84 ? 30  PHE A C   1 
ATOM   82   O O   . PHE A 1 39  ? 0.076   3.480   -8.743  1.00 17.18 ? 30  PHE A O   1 
ATOM   83   C CB  . PHE A 1 39  ? -2.655  2.907   -10.131 1.00 15.74 ? 30  PHE A CB  1 
ATOM   84   C CG  . PHE A 1 39  ? -3.546  2.590   -11.289 1.00 17.11 ? 30  PHE A CG  1 
ATOM   85   C CD1 . PHE A 1 39  ? -3.385  1.416   -12.014 1.00 21.38 ? 30  PHE A CD1 1 
ATOM   86   C CD2 . PHE A 1 39  ? -4.551  3.471   -11.656 1.00 20.40 ? 30  PHE A CD2 1 
ATOM   87   C CE1 . PHE A 1 39  ? -4.214  1.130   -13.087 1.00 21.17 ? 30  PHE A CE1 1 
ATOM   88   C CE2 . PHE A 1 39  ? -5.378  3.193   -12.726 1.00 22.22 ? 30  PHE A CE2 1 
ATOM   89   C CZ  . PHE A 1 39  ? -5.216  2.022   -13.440 1.00 21.67 ? 30  PHE A CZ  1 
ATOM   90   N N   . PHE A 1 40  ? -1.127  5.369   -8.610  1.00 13.64 ? 31  PHE A N   1 
ATOM   91   C CA  . PHE A 1 40  ? -0.635  5.702   -7.279  1.00 15.17 ? 31  PHE A CA  1 
ATOM   92   C C   . PHE A 1 40  ? -1.615  5.157   -6.262  1.00 13.14 ? 31  PHE A C   1 
ATOM   93   O O   . PHE A 1 40  ? -2.823  5.249   -6.454  1.00 16.68 ? 31  PHE A O   1 
ATOM   94   C CB  . PHE A 1 40  ? -0.510  7.219   -7.108  1.00 16.78 ? 31  PHE A CB  1 
ATOM   95   C CG  . PHE A 1 40  ? 0.447   7.855   -8.073  1.00 18.86 ? 31  PHE A CG  1 
ATOM   96   C CD1 . PHE A 1 40  ? 1.815   7.753   -7.880  1.00 20.78 ? 31  PHE A CD1 1 
ATOM   97   C CD2 . PHE A 1 40  ? -0.025  8.554   -9.177  1.00 19.36 ? 31  PHE A CD2 1 
ATOM   98   C CE1 . PHE A 1 40  ? 2.700   8.332   -8.780  1.00 25.11 ? 31  PHE A CE1 1 
ATOM   99   C CE2 . PHE A 1 40  ? 0.852   9.139   -10.072 1.00 22.57 ? 31  PHE A CE2 1 
ATOM   100  C CZ  . PHE A 1 40  ? 2.216   9.028   -9.875  1.00 27.80 ? 31  PHE A CZ  1 
ATOM   101  N N   . LEU A 1 41  ? -1.094  4.595   -5.176  1.00 12.21 ? 32  LEU A N   1 
ATOM   102  C CA  . LEU A 1 41  ? -1.941  4.131   -4.081  1.00 12.27 ? 32  LEU A CA  1 
ATOM   103  C C   . LEU A 1 41  ? -2.676  5.313   -3.448  1.00 14.24 ? 32  LEU A C   1 
ATOM   104  O O   . LEU A 1 41  ? -2.069  6.326   -3.097  1.00 15.07 ? 32  LEU A O   1 
ATOM   105  C CB  . LEU A 1 41  ? -1.099  3.386   -3.039  1.00 11.95 ? 32  LEU A CB  1 
ATOM   106  C CG  . LEU A 1 41  ? -1.885  2.675   -1.941  1.00 12.51 ? 32  LEU A CG  1 
ATOM   107  C CD1 . LEU A 1 41  ? -2.700  1.525   -2.528  1.00 14.07 ? 32  LEU A CD1 1 
ATOM   108  C CD2 . LEU A 1 41  ? -0.945  2.152   -0.849  1.00 13.47 ? 32  LEU A CD2 1 
ATOM   109  N N   . ARG A 1 42  ? -3.992  5.185   -3.337  1.00 13.11 ? 33  ARG A N   1 
ATOM   110  C CA  . ARG A 1 42  ? -4.822  6.268   -2.833  1.00 13.83 ? 33  ARG A CA  1 
ATOM   111  C C   . ARG A 1 42  ? -5.582  5.819   -1.603  1.00 12.67 ? 33  ARG A C   1 
ATOM   112  O O   . ARG A 1 42  ? -6.163  4.722   -1.576  1.00 12.85 ? 33  ARG A O   1 
ATOM   113  C CB  . ARG A 1 42  ? -5.805  6.700   -3.915  1.00 15.51 ? 33  ARG A CB  1 
ATOM   114  C CG  . ARG A 1 42  ? -6.784  7.775   -3.455  1.00 14.98 ? 33  ARG A CG  1 
ATOM   115  C CD  . ARG A 1 42  ? -7.446  8.477   -4.626  1.00 15.25 ? 33  ARG A CD  1 
ATOM   116  N NE  . ARG A 1 42  ? -8.329  7.602   -5.384  1.00 15.79 ? 33  ARG A NE  1 
ATOM   117  C CZ  . ARG A 1 42  ? -9.179  8.045   -6.310  1.00 22.36 ? 33  ARG A CZ  1 
ATOM   118  N NH1 . ARG A 1 42  ? -9.243  9.341   -6.577  1.00 23.33 ? 33  ARG A NH1 1 
ATOM   119  N NH2 . ARG A 1 42  ? -9.951  7.196   -6.970  1.00 22.68 ? 33  ARG A NH2 1 
ATOM   120  N N   . ILE A 1 43  ? -5.566  6.663   -0.574  1.00 15.30 ? 34  ILE A N   1 
ATOM   121  C CA  . ILE A 1 43  ? -6.345  6.406   0.622   1.00 14.42 ? 34  ILE A CA  1 
ATOM   122  C C   . ILE A 1 43  ? -7.392  7.498   0.785   1.00 15.57 ? 34  ILE A C   1 
ATOM   123  O O   . ILE A 1 43  ? -7.059  8.656   1.021   1.00 16.18 ? 34  ILE A O   1 
ATOM   124  C CB  . ILE A 1 43  ? -5.454  6.326   1.866   1.00 13.45 ? 34  ILE A CB  1 
ATOM   125  C CG1 . ILE A 1 43  ? -4.503  5.128   1.739   1.00 16.42 ? 34  ILE A CG1 1 
ATOM   126  C CG2 . ILE A 1 43  ? -6.310  6.206   3.102   1.00 16.07 ? 34  ILE A CG2 1 
ATOM   127  C CD1 . ILE A 1 43  ? -3.535  4.986   2.889   1.00 16.99 ? 34  ILE A CD1 1 
ATOM   128  N N   . HIS A 1 44  ? -8.652  7.121   0.621   1.00 14.97 ? 35  HIS A N   1 
ATOM   129  C CA  . HIS A 1 44  ? -9.763  8.065   0.727   1.00 18.21 ? 35  HIS A CA  1 
ATOM   130  C C   . HIS A 1 44  ? -9.989  8.448   2.189   1.00 16.73 ? 35  HIS A C   1 
ATOM   131  O O   . HIS A 1 44  ? -9.721  7.649   3.086   1.00 15.91 ? 35  HIS A O   1 
ATOM   132  C CB  . HIS A 1 44  ? -11.039 7.434   0.172   1.00 15.31 ? 35  HIS A CB  1 
ATOM   133  C CG  . HIS A 1 44  ? -11.041 7.246   -1.315  1.00 18.22 ? 35  HIS A CG  1 
ATOM   134  N ND1 . HIS A 1 44  ? -11.544 8.192   -2.188  1.00 22.93 ? 35  HIS A ND1 1 
ATOM   135  C CD2 . HIS A 1 44  ? -10.622 6.214   -2.084  1.00 17.85 ? 35  HIS A CD2 1 
ATOM   136  C CE1 . HIS A 1 44  ? -11.427 7.751   -3.427  1.00 22.25 ? 35  HIS A CE1 1 
ATOM   137  N NE2 . HIS A 1 44  ? -10.879 6.546   -3.393  1.00 19.37 ? 35  HIS A NE2 1 
ATOM   138  N N   . PRO A 1 45  ? -10.503 9.672   2.437   1.00 18.92 ? 36  PRO A N   1 
ATOM   139  C CA  . PRO A 1 45  ? -10.820 10.090  3.806   1.00 18.35 ? 36  PRO A CA  1 
ATOM   140  C C   . PRO A 1 45  ? -11.743 9.096   4.513   1.00 16.91 ? 36  PRO A C   1 
ATOM   141  O O   . PRO A 1 45  ? -11.644 8.988   5.734   1.00 19.58 ? 36  PRO A O   1 
ATOM   142  C CB  . PRO A 1 45  ? -11.523 11.441  3.611   1.00 20.43 ? 36  PRO A CB  1 
ATOM   143  C CG  . PRO A 1 45  ? -10.943 11.981  2.338   1.00 24.18 ? 36  PRO A CG  1 
ATOM   144  C CD  . PRO A 1 45  ? -10.696 10.758  1.461   1.00 19.70 ? 36  PRO A CD  1 
ATOM   145  N N   . ASP A 1 46  ? -12.593 8.376   3.778   1.00 18.38 ? 37  ASP A N   1 
ATOM   146  C CA  . ASP A 1 46  ? -13.519 7.429   4.409   1.00 19.10 ? 37  ASP A CA  1 
ATOM   147  C C   . ASP A 1 46  ? -12.933 6.031   4.652   1.00 19.91 ? 37  ASP A C   1 
ATOM   148  O O   . ASP A 1 46  ? -13.596 5.155   5.219   1.00 21.41 ? 37  ASP A O   1 
ATOM   149  C CB  . ASP A 1 46  ? -14.847 7.337   3.634   1.00 21.43 ? 37  ASP A CB  1 
ATOM   150  C CG  . ASP A 1 46  ? -14.700 6.688   2.259   1.00 21.16 ? 37  ASP A CG  1 
ATOM   151  O OD1 . ASP A 1 46  ? -13.605 6.196   1.915   1.00 19.57 ? 37  ASP A OD1 1 
ATOM   152  O OD2 . ASP A 1 46  ? -15.706 6.654   1.512   1.00 24.47 ? 37  ASP A OD2 1 
ATOM   153  N N   . GLY A 1 47  ? -11.699 5.821   4.204   1.00 16.99 ? 38  GLY A N   1 
ATOM   154  C CA  . GLY A 1 47  ? -11.009 4.564   4.444   1.00 17.06 ? 38  GLY A CA  1 
ATOM   155  C C   . GLY A 1 47  ? -10.886 3.643   3.243   1.00 18.43 ? 38  GLY A C   1 
ATOM   156  O O   . GLY A 1 47  ? -10.199 2.622   3.305   1.00 17.41 ? 38  GLY A O   1 
ATOM   157  N N   . ARG A 1 48  ? -11.563 3.979   2.150   1.00 16.80 ? 39  ARG A N   1 
ATOM   158  C CA  . ARG A 1 48  ? -11.453 3.167   0.942   1.00 16.00 ? 39  ARG A CA  1 
ATOM   159  C C   . ARG A 1 48  ? -10.069 3.292   0.350   1.00 15.37 ? 39  ARG A C   1 
ATOM   160  O O   . ARG A 1 48  ? -9.468  4.367   0.372   1.00 15.00 ? 39  ARG A O   1 
ATOM   161  C CB  . ARG A 1 48  ? -12.487 3.581   -0.102  1.00 16.38 ? 39  ARG A CB  1 
ATOM   162  C CG  . ARG A 1 48  ? -13.885 3.062   0.188   1.00 16.66 ? 39  ARG A CG  1 
ATOM   163  C CD  A ARG A 1 48  ? -14.974 3.694   -0.669  0.51 20.60 ? 39  ARG A CD  1 
ATOM   164  C CD  B ARG A 1 48  ? -14.864 3.687   -0.800  0.49 20.56 ? 39  ARG A CD  1 
ATOM   165  N NE  A ARG A 1 48  ? -16.229 2.969   -0.493  0.51 21.34 ? 39  ARG A NE  1 
ATOM   166  N NE  B ARG A 1 48  ? -14.799 5.146   -0.764  0.49 16.93 ? 39  ARG A NE  1 
ATOM   167  C CZ  A ARG A 1 48  ? -17.044 3.112   0.549   0.51 17.85 ? 39  ARG A CZ  1 
ATOM   168  C CZ  B ARG A 1 48  ? -14.999 5.932   -1.815  0.49 18.66 ? 39  ARG A CZ  1 
ATOM   169  N NH1 A ARG A 1 48  ? -18.153 2.390   0.625   0.51 16.48 ? 39  ARG A NH1 1 
ATOM   170  N NH1 B ARG A 1 48  ? -15.295 5.403   -2.994  0.49 22.54 ? 39  ARG A NH1 1 
ATOM   171  N NH2 A ARG A 1 48  ? -16.750 3.969   1.522   0.51 20.77 ? 39  ARG A NH2 1 
ATOM   172  N NH2 B ARG A 1 48  ? -14.915 7.251   -1.681  0.49 21.35 ? 39  ARG A NH2 1 
ATOM   173  N N   . VAL A 1 49  ? -9.567  2.178   -0.167  1.00 14.40 ? 40  VAL A N   1 
ATOM   174  C CA  . VAL A 1 49  ? -8.263  2.159   -0.820  1.00 14.19 ? 40  VAL A CA  1 
ATOM   175  C C   . VAL A 1 49  ? -8.419  1.765   -2.289  1.00 15.01 ? 40  VAL A C   1 
ATOM   176  O O   . VAL A 1 49  ? -9.167  0.847   -2.616  1.00 14.22 ? 40  VAL A O   1 
ATOM   177  C CB  . VAL A 1 49  ? -7.296  1.222   -0.082  1.00 14.04 ? 40  VAL A CB  1 
ATOM   178  C CG1 . VAL A 1 49  ? -5.944  1.153   -0.809  1.00 15.70 ? 40  VAL A CG1 1 
ATOM   179  C CG2 . VAL A 1 49  ? -7.127  1.700   1.358   1.00 12.95 ? 40  VAL A CG2 1 
ATOM   180  N N   . ASP A 1 50  ? -7.732  2.484   -3.169  1.00 12.34 ? 41  ASP A N   1 
ATOM   181  C CA  . ASP A 1 50  ? -7.718  2.175   -4.599  1.00 11.09 ? 41  ASP A CA  1 
ATOM   182  C C   . ASP A 1 50  ? -6.488  2.802   -5.234  1.00 12.85 ? 41  ASP A C   1 
ATOM   183  O O   . ASP A 1 50  ? -5.535  3.156   -4.533  1.00 15.76 ? 41  ASP A O   1 
ATOM   184  C CB  . ASP A 1 50  ? -9.019  2.630   -5.288  1.00 15.32 ? 41  ASP A CB  1 
ATOM   185  C CG  . ASP A 1 50  ? -9.308  4.101   -5.095  1.00 16.81 ? 41  ASP A CG  1 
ATOM   186  O OD1 . ASP A 1 50  ? -8.369  4.880   -4.841  1.00 15.95 ? 41  ASP A OD1 1 
ATOM   187  O OD2 . ASP A 1 50  ? -10.491 4.487   -5.223  1.00 21.08 ? 41  ASP A OD2 1 
ATOM   188  N N   . GLY A 1 51  ? -6.485  2.908   -6.555  1.00 13.31 ? 42  GLY A N   1 
ATOM   189  C CA  . GLY A 1 51  ? -5.389  3.550   -7.247  1.00 14.86 ? 42  GLY A CA  1 
ATOM   190  C C   . GLY A 1 51  ? -5.906  4.564   -8.248  1.00 16.24 ? 42  GLY A C   1 
ATOM   191  O O   . GLY A 1 51  ? -6.999  4.398   -8.805  1.00 21.00 ? 42  GLY A O   1 
ATOM   192  N N   . VAL A 1 52  ? -5.118  5.613   -8.472  1.00 15.37 ? 43  VAL A N   1 
ATOM   193  C CA  . VAL A 1 52  ? -5.446  6.661   -9.438  1.00 16.31 ? 43  VAL A CA  1 
ATOM   194  C C   . VAL A 1 52  ? -4.164  7.123   -10.145 1.00 17.78 ? 43  VAL A C   1 
ATOM   195  O O   . VAL A 1 52  ? -3.089  7.101   -9.553  1.00 15.80 ? 43  VAL A O   1 
ATOM   196  C CB  . VAL A 1 52  ? -6.170  7.858   -8.743  1.00 18.14 ? 43  VAL A CB  1 
ATOM   197  C CG1 . VAL A 1 52  ? -5.227  8.627   -7.821  1.00 16.67 ? 43  VAL A CG1 1 
ATOM   198  C CG2 . VAL A 1 52  ? -6.794  8.783   -9.767  1.00 25.33 ? 43  VAL A CG2 1 
ATOM   199  N N   . ARG A 1 53  ? -4.262  7.536   -11.407 1.00 17.62 ? 44  ARG A N   1 
ATOM   200  C CA  . ARG A 1 53  ? -3.066  7.972   -12.138 1.00 17.56 ? 44  ARG A CA  1 
ATOM   201  C C   . ARG A 1 53  ? -2.736  9.462   -11.973 1.00 20.92 ? 44  ARG A C   1 
ATOM   202  O O   . ARG A 1 53  ? -1.670  9.932   -12.387 1.00 22.32 ? 44  ARG A O   1 
ATOM   203  C CB  . ARG A 1 53  ? -3.173  7.605   -13.621 1.00 22.25 ? 44  ARG A CB  1 
ATOM   204  C CG  . ARG A 1 53  ? -3.188  6.113   -13.884 1.00 26.39 ? 44  ARG A CG  1 
ATOM   205  C CD  . ARG A 1 53  ? -2.874  5.820   -15.341 1.00 25.68 ? 44  ARG A CD  1 
ATOM   206  N NE  . ARG A 1 53  ? -2.948  4.395   -15.632 1.00 30.38 ? 44  ARG A NE  1 
ATOM   207  C CZ  . ARG A 1 53  ? -3.992  3.795   -16.198 1.00 34.30 ? 44  ARG A CZ  1 
ATOM   208  N NH1 . ARG A 1 53  ? -5.064  4.499   -16.548 1.00 33.06 ? 44  ARG A NH1 1 
ATOM   209  N NH2 . ARG A 1 53  ? -3.955  2.488   -16.422 1.00 34.00 ? 44  ARG A NH2 1 
ATOM   210  N N   . GLU A 1 54  ? -3.638  10.200  -11.342 1.00 20.03 ? 45  GLU A N   1 
ATOM   211  C CA  . GLU A 1 54  ? -3.459  11.639  -11.161 1.00 21.45 ? 45  GLU A CA  1 
ATOM   212  C C   . GLU A 1 54  ? -2.463  11.984  -10.054 1.00 18.08 ? 45  GLU A C   1 
ATOM   213  O O   . GLU A 1 54  ? -2.753  11.765  -8.873  1.00 18.47 ? 45  GLU A O   1 
ATOM   214  C CB  . GLU A 1 54  ? -4.808  12.278  -10.826 1.00 20.54 ? 45  GLU A CB  1 
ATOM   215  C CG  . GLU A 1 54  ? -5.970  11.717  -11.631 1.00 22.02 ? 45  GLU A CG  1 
ATOM   216  C CD  . GLU A 1 54  ? -5.905  12.123  -13.078 1.00 25.56 ? 45  GLU A CD  1 
ATOM   217  O OE1 . GLU A 1 54  ? -5.123  13.050  -13.388 1.00 27.07 ? 45  GLU A OE1 1 
ATOM   218  O OE2 . GLU A 1 54  ? -6.624  11.518  -13.905 1.00 26.84 ? 45  GLU A OE2 1 
ATOM   219  N N   . LYS A 1 55  ? -1.317  12.562  -10.420 1.00 19.95 ? 46  LYS A N   1 
ATOM   220  C CA  . LYS A 1 55  ? -0.311  12.950  -9.423  1.00 24.78 ? 46  LYS A CA  1 
ATOM   221  C C   . LYS A 1 55  ? -0.784  14.098  -8.529  1.00 25.22 ? 46  LYS A C   1 
ATOM   222  O O   . LYS A 1 55  ? -0.208  14.345  -7.467  1.00 25.09 ? 46  LYS A O   1 
ATOM   223  C CB  . LYS A 1 55  ? 1.045   13.289  -10.064 1.00 29.68 ? 46  LYS A CB  1 
ATOM   224  C CG  . LYS A 1 55  ? 1.107   14.600  -10.838 1.00 31.87 ? 46  LYS A CG  1 
ATOM   225  C CD  . LYS A 1 55  ? 2.556   14.918  -11.261 1.00 38.40 ? 46  LYS A CD  1 
ATOM   226  C CE  . LYS A 1 55  ? 2.630   15.998  -12.344 1.00 40.69 ? 46  LYS A CE  1 
ATOM   227  N NZ  . LYS A 1 55  ? 3.992   16.606  -12.467 1.00 42.09 ? 46  LYS A NZ  1 
ATOM   228  N N   . SER A 1 56  ? -1.834  14.784  -8.966  1.00 23.43 ? 47  SER A N   1 
ATOM   229  C CA  . SER A 1 56  ? -2.379  15.941  -8.255  1.00 24.27 ? 47  SER A CA  1 
ATOM   230  C C   . SER A 1 56  ? -3.427  15.564  -7.208  1.00 21.90 ? 47  SER A C   1 
ATOM   231  O O   . SER A 1 56  ? -3.872  16.418  -6.439  1.00 20.52 ? 47  SER A O   1 
ATOM   232  C CB  . SER A 1 56  ? -3.020  16.907  -9.257  1.00 23.67 ? 47  SER A CB  1 
ATOM   233  O OG  . SER A 1 56  ? -4.106  16.279  -9.919  1.00 23.51 ? 47  SER A OG  1 
ATOM   234  N N   . ASP A 1 57  ? -3.834  14.299  -7.186  1.00 18.79 ? 48  ASP A N   1 
ATOM   235  C CA  . ASP A 1 57  ? -4.872  13.841  -6.262  1.00 20.02 ? 48  ASP A CA  1 
ATOM   236  C C   . ASP A 1 57  ? -4.407  14.033  -4.822  1.00 22.96 ? 48  ASP A C   1 
ATOM   237  O O   . ASP A 1 57  ? -3.317  13.614  -4.462  1.00 19.93 ? 48  ASP A O   1 
ATOM   238  C CB  . ASP A 1 57  ? -5.202  12.369  -6.534  1.00 20.00 ? 48  ASP A CB  1 
ATOM   239  C CG  . ASP A 1 57  ? -6.424  11.885  -5.774  1.00 20.52 ? 48  ASP A CG  1 
ATOM   240  O OD1 . ASP A 1 57  ? -6.386  11.854  -4.529  1.00 25.41 ? 48  ASP A OD1 1 
ATOM   241  O OD2 . ASP A 1 57  ? -7.418  11.502  -6.419  1.00 19.04 ? 48  ASP A OD2 1 
ATOM   242  N N   . PRO A 1 58  ? -5.231  14.683  -3.988  1.00 20.36 ? 49  PRO A N   1 
ATOM   243  C CA  . PRO A 1 58  ? -4.744  14.960  -2.633  1.00 21.54 ? 49  PRO A CA  1 
ATOM   244  C C   . PRO A 1 58  ? -4.587  13.693  -1.785  1.00 20.51 ? 49  PRO A C   1 
ATOM   245  O O   . PRO A 1 58  ? -3.813  13.688  -0.822  1.00 22.57 ? 49  PRO A O   1 
ATOM   246  C CB  . PRO A 1 58  ? -5.835  15.877  -2.056  1.00 23.91 ? 49  PRO A CB  1 
ATOM   247  C CG  . PRO A 1 58  ? -7.070  15.529  -2.820  1.00 24.22 ? 49  PRO A CG  1 
ATOM   248  C CD  . PRO A 1 58  ? -6.602  15.179  -4.212  1.00 25.16 ? 49  PRO A CD  1 
ATOM   249  N N   . HIS A 1 59  ? -5.281  12.623  -2.164  1.00 18.56 ? 50  HIS A N   1 
ATOM   250  C CA  . HIS A 1 59  ? -5.394  11.449  -1.314  1.00 20.11 ? 50  HIS A CA  1 
ATOM   251  C C   . HIS A 1 59  ? -4.317  10.407  -1.605  1.00 16.40 ? 50  HIS A C   1 
ATOM   252  O O   . HIS A 1 59  ? -4.378  9.287   -1.095  1.00 16.79 ? 50  HIS A O   1 
ATOM   253  C CB  . HIS A 1 59  ? -6.783  10.824  -1.467  1.00 16.22 ? 50  HIS A CB  1 
ATOM   254  C CG  . HIS A 1 59  ? -7.912  11.785  -1.244  1.00 20.65 ? 50  HIS A CG  1 
ATOM   255  N ND1 . HIS A 1 59  ? -7.876  12.781  -0.291  1.00 26.63 ? 50  HIS A ND1 1 
ATOM   256  C CD2 . HIS A 1 59  ? -9.117  11.893  -1.852  1.00 24.43 ? 50  HIS A CD2 1 
ATOM   257  C CE1 . HIS A 1 59  ? -9.006  13.463  -0.326  1.00 21.14 ? 50  HIS A CE1 1 
ATOM   258  N NE2 . HIS A 1 59  ? -9.778  12.943  -1.266  1.00 26.20 ? 50  HIS A NE2 1 
ATOM   259  N N   . ILE A 1 60  ? -3.330  10.777  -2.415  1.00 17.43 ? 51  ILE A N   1 
ATOM   260  C CA  . ILE A 1 60  ? -2.219  9.867   -2.692  1.00 14.67 ? 51  ILE A CA  1 
ATOM   261  C C   . ILE A 1 60  ? -0.951  10.222  -1.923  1.00 17.78 ? 51  ILE A C   1 
ATOM   262  O O   . ILE A 1 60  ? 0.045   9.503   -1.998  1.00 18.77 ? 51  ILE A O   1 
ATOM   263  C CB  . ILE A 1 60  ? -1.896  9.745   -4.214  1.00 16.62 ? 51  ILE A CB  1 
ATOM   264  C CG1 . ILE A 1 60  ? -1.353  11.065  -4.780  1.00 18.17 ? 51  ILE A CG1 1 
ATOM   265  C CG2 . ILE A 1 60  ? -3.095  9.216   -4.989  1.00 17.68 ? 51  ILE A CG2 1 
ATOM   266  C CD1 . ILE A 1 60  ? -0.646  10.904  -6.125  1.00 20.80 ? 51  ILE A CD1 1 
ATOM   267  N N   . LYS A 1 61  ? -0.978  11.331  -1.186  1.00 18.05 ? 52  LYS A N   1 
ATOM   268  C CA  . LYS A 1 61  ? 0.157   11.705  -0.353  1.00 17.43 ? 52  LYS A CA  1 
ATOM   269  C C   . LYS A 1 61  ? 0.179   10.822  0.891   1.00 16.35 ? 52  LYS A C   1 
ATOM   270  O O   . LYS A 1 61  ? -0.791  10.784  1.658   1.00 15.67 ? 52  LYS A O   1 
ATOM   271  C CB  . LYS A 1 61  ? 0.062   13.188  0.052   1.00 17.89 ? 52  LYS A CB  1 
ATOM   272  C CG  . LYS A 1 61  ? 0.150   14.155  -1.130  1.00 24.51 ? 52  LYS A CG  1 
ATOM   273  C CD  . LYS A 1 61  ? -0.003  15.615  -0.686  1.00 29.50 ? 52  LYS A CD  1 
ATOM   274  C CE  . LYS A 1 61  ? 1.113   16.063  0.250   1.00 36.01 ? 52  LYS A CE  1 
ATOM   275  N NZ  . LYS A 1 61  ? 0.926   17.489  0.682   1.00 36.49 ? 52  LYS A NZ  1 
ATOM   276  N N   . LEU A 1 62  ? 1.273   10.090  1.072   1.00 17.76 ? 53  LEU A N   1 
ATOM   277  C CA  . LEU A 1 62  ? 1.386   9.142   2.170   1.00 16.30 ? 53  LEU A CA  1 
ATOM   278  C C   . LEU A 1 62  ? 2.547   9.466   3.102   1.00 17.30 ? 53  LEU A C   1 
ATOM   279  O O   . LEU A 1 62  ? 3.553   10.044  2.684   1.00 22.60 ? 53  LEU A O   1 
ATOM   280  C CB  . LEU A 1 62  ? 1.574   7.730   1.613   1.00 19.10 ? 53  LEU A CB  1 
ATOM   281  C CG  . LEU A 1 62  ? 0.591   7.305   0.527   1.00 16.07 ? 53  LEU A CG  1 
ATOM   282  C CD1 . LEU A 1 62  ? 1.059   5.990   -0.112  1.00 16.56 ? 53  LEU A CD1 1 
ATOM   283  C CD2 . LEU A 1 62  ? -0.822  7.156   1.072   1.00 17.24 ? 53  LEU A CD2 1 
ATOM   284  N N   . GLN A 1 63  ? 2.398   9.096   4.367   1.00 16.03 ? 54  GLN A N   1 
ATOM   285  C CA  . GLN A 1 63  ? 3.512   9.118   5.304   1.00 19.78 ? 54  GLN A CA  1 
ATOM   286  C C   . GLN A 1 63  ? 3.906   7.685   5.622   1.00 17.12 ? 54  GLN A C   1 
ATOM   287  O O   . GLN A 1 63  ? 3.112   6.926   6.182   1.00 18.87 ? 54  GLN A O   1 
ATOM   288  C CB  . GLN A 1 63  ? 3.133   9.862   6.587   1.00 20.27 ? 54  GLN A CB  1 
ATOM   289  C CG  . GLN A 1 63  ? 2.909   11.366  6.414   1.00 21.55 ? 54  GLN A CG  1 
ATOM   290  C CD  . GLN A 1 63  ? 4.201   12.141  6.196   1.00 28.59 ? 54  GLN A CD  1 
ATOM   291  O OE1 . GLN A 1 63  ? 5.286   11.561  6.159   1.00 28.60 ? 54  GLN A OE1 1 
ATOM   292  N NE2 . GLN A 1 63  ? 4.091   13.463  6.068   1.00 27.25 ? 54  GLN A NE2 1 
ATOM   293  N N   . LEU A 1 64  ? 5.121   7.308   5.242   1.00 17.62 ? 55  LEU A N   1 
ATOM   294  C CA  . LEU A 1 64  ? 5.645   5.981   5.555   1.00 20.87 ? 55  LEU A CA  1 
ATOM   295  C C   . LEU A 1 64  ? 6.510   6.102   6.799   1.00 22.36 ? 55  LEU A C   1 
ATOM   296  O O   . LEU A 1 64  ? 7.540   6.768   6.772   1.00 25.19 ? 55  LEU A O   1 
ATOM   297  C CB  . LEU A 1 64  ? 6.470   5.431   4.389   1.00 20.33 ? 55  LEU A CB  1 
ATOM   298  C CG  . LEU A 1 64  ? 5.717   4.774   3.221   1.00 23.01 ? 55  LEU A CG  1 
ATOM   299  C CD1 . LEU A 1 64  ? 4.906   5.776   2.432   1.00 25.47 ? 55  LEU A CD1 1 
ATOM   300  C CD2 . LEU A 1 64  ? 6.672   4.033   2.302   1.00 28.01 ? 55  LEU A CD2 1 
ATOM   301  N N   . GLN A 1 65  ? 6.080   5.482   7.891   1.00 17.76 ? 56  GLN A N   1 
ATOM   302  C CA  . GLN A 1 65  ? 6.769   5.644   9.166   1.00 22.09 ? 56  GLN A CA  1 
ATOM   303  C C   . GLN A 1 65  ? 7.368   4.316   9.603   1.00 23.70 ? 56  GLN A C   1 
ATOM   304  O O   . GLN A 1 65  ? 6.685   3.298   9.635   1.00 21.62 ? 56  GLN A O   1 
ATOM   305  C CB  . GLN A 1 65  ? 5.813   6.210   10.218  1.00 26.59 ? 56  GLN A CB  1 
ATOM   306  C CG  . GLN A 1 65  ? 5.013   7.401   9.684   1.00 28.83 ? 56  GLN A CG  1 
ATOM   307  C CD  . GLN A 1 65  ? 4.185   8.101   10.740  1.00 31.79 ? 56  GLN A CD  1 
ATOM   308  O OE1 . GLN A 1 65  ? 4.725   8.709   11.663  1.00 38.00 ? 56  GLN A OE1 1 
ATOM   309  N NE2 . GLN A 1 65  ? 2.867   8.031   10.604  1.00 27.12 ? 56  GLN A NE2 1 
ATOM   310  N N   . ALA A 1 66  ? 8.658   4.329   9.924   1.00 25.31 ? 57  ALA A N   1 
ATOM   311  C CA  . ALA A 1 66  ? 9.355   3.098   10.290  1.00 25.69 ? 57  ALA A CA  1 
ATOM   312  C C   . ALA A 1 66  ? 9.032   2.698   11.723  1.00 25.32 ? 57  ALA A C   1 
ATOM   313  O O   . ALA A 1 66  ? 9.140   3.512   12.637  1.00 29.74 ? 57  ALA A O   1 
ATOM   314  C CB  . ALA A 1 66  ? 10.849  3.258   10.102  1.00 28.34 ? 57  ALA A CB  1 
ATOM   315  N N   . GLU A 1 67  ? 8.637   1.443   11.914  1.00 22.00 ? 58  GLU A N   1 
ATOM   316  C CA  . GLU A 1 67  ? 8.295   0.927   13.237  1.00 24.49 ? 58  GLU A CA  1 
ATOM   317  C C   . GLU A 1 67  ? 9.522   0.239   13.828  1.00 27.33 ? 58  GLU A C   1 
ATOM   318  O O   . GLU A 1 67  ? 9.828   0.371   15.016  1.00 32.34 ? 58  GLU A O   1 
ATOM   319  C CB  . GLU A 1 67  ? 7.117   -0.042  13.120  1.00 26.95 ? 58  GLU A CB  1 
ATOM   320  C CG  . GLU A 1 67  ? 6.483   -0.426  14.440  1.00 28.69 ? 58  GLU A CG  1 
ATOM   321  C CD  . GLU A 1 67  ? 7.160   -1.619  15.078  1.00 27.63 ? 58  GLU A CD  1 
ATOM   322  O OE1 . GLU A 1 67  ? 7.138   -1.708  16.325  1.00 26.57 ? 58  GLU A OE1 1 
ATOM   323  O OE2 . GLU A 1 67  ? 7.700   -2.468  14.334  1.00 29.91 ? 58  GLU A OE2 1 
ATOM   324  N N   . GLU A 1 68  ? 10.207  -0.516  12.979  1.00 26.55 ? 59  GLU A N   1 
ATOM   325  C CA  . GLU A 1 68  ? 11.580  -0.932  13.216  1.00 27.60 ? 59  GLU A CA  1 
ATOM   326  C C   . GLU A 1 68  ? 12.192  -1.066  11.831  1.00 29.38 ? 59  GLU A C   1 
ATOM   327  O O   . GLU A 1 68  ? 11.521  -0.780  10.835  1.00 21.42 ? 59  GLU A O   1 
ATOM   328  C CB  . GLU A 1 68  ? 11.659  -2.244  14.004  1.00 29.93 ? 59  GLU A CB  1 
ATOM   329  C CG  . GLU A 1 68  ? 10.967  -3.426  13.362  1.00 31.11 ? 59  GLU A CG  1 
ATOM   330  C CD  . GLU A 1 68  ? 11.557  -4.749  13.812  1.00 31.92 ? 59  GLU A CD  1 
ATOM   331  O OE1 . GLU A 1 68  ? 12.798  -4.825  13.950  1.00 41.47 ? 59  GLU A OE1 1 
ATOM   332  O OE2 . GLU A 1 68  ? 10.784  -5.710  14.015  1.00 36.74 ? 59  GLU A OE2 1 
ATOM   333  N N   . ARG A 1 69  ? 13.447  -1.485  11.743  1.00 28.63 ? 60  ARG A N   1 
ATOM   334  C CA  . ARG A 1 69  ? 14.085  -1.591  10.437  1.00 25.24 ? 60  ARG A CA  1 
ATOM   335  C C   . ARG A 1 69  ? 13.330  -2.573  9.547   1.00 23.64 ? 60  ARG A C   1 
ATOM   336  O O   . ARG A 1 69  ? 13.085  -3.711  9.939   1.00 25.52 ? 60  ARG A O   1 
ATOM   337  C CB  . ARG A 1 69  ? 15.552  -2.008  10.559  1.00 32.86 ? 60  ARG A CB  1 
ATOM   338  C CG  . ARG A 1 69  ? 16.347  -1.759  9.281   1.00 36.76 ? 60  ARG A CG  1 
ATOM   339  C CD  . ARG A 1 69  ? 17.774  -2.285  9.362   1.00 43.13 ? 60  ARG A CD  1 
ATOM   340  N NE  . ARG A 1 69  ? 18.719  -1.378  8.711   1.00 45.42 ? 60  ARG A NE  1 
ATOM   341  C CZ  . ARG A 1 69  ? 19.925  -1.730  8.272   1.00 41.81 ? 60  ARG A CZ  1 
ATOM   342  N NH1 . ARG A 1 69  ? 20.343  -2.980  8.397   1.00 42.03 ? 60  ARG A NH1 1 
ATOM   343  N NH2 . ARG A 1 69  ? 20.711  -0.829  7.698   1.00 38.71 ? 60  ARG A NH2 1 
ATOM   344  N N   . GLY A 1 70  ? 12.924  -2.109  8.372   1.00 26.64 ? 61  GLY A N   1 
ATOM   345  C CA  . GLY A 1 70  ? 12.238  -2.964  7.420   1.00 24.26 ? 61  GLY A CA  1 
ATOM   346  C C   . GLY A 1 70  ? 10.748  -3.112  7.661   1.00 21.26 ? 61  GLY A C   1 
ATOM   347  O O   . GLY A 1 70  ? 10.082  -3.863  6.948   1.00 20.30 ? 61  GLY A O   1 
ATOM   348  N N   . VAL A 1 71  ? 10.217  -2.414  8.660   1.00 18.14 ? 62  VAL A N   1 
ATOM   349  C CA  . VAL A 1 71  ? 8.790   -2.517  8.963   1.00 17.54 ? 62  VAL A CA  1 
ATOM   350  C C   . VAL A 1 71  ? 8.162   -1.129  8.973   1.00 17.13 ? 62  VAL A C   1 
ATOM   351  O O   . VAL A 1 71  ? 8.637   -0.244  9.679   1.00 19.51 ? 62  VAL A O   1 
ATOM   352  C CB  . VAL A 1 71  ? 8.553   -3.173  10.342  1.00 19.80 ? 62  VAL A CB  1 
ATOM   353  C CG1 . VAL A 1 71  ? 7.047   -3.233  10.661  1.00 20.00 ? 62  VAL A CG1 1 
ATOM   354  C CG2 . VAL A 1 71  ? 9.172   -4.554  10.395  1.00 23.19 ? 62  VAL A CG2 1 
ATOM   355  N N   . VAL A 1 72  ? 7.092   -0.935  8.205   1.00 14.51 ? 63  VAL A N   1 
ATOM   356  C CA  . VAL A 1 72  ? 6.453   0.383   8.139   1.00 17.05 ? 63  VAL A CA  1 
ATOM   357  C C   . VAL A 1 72  ? 4.935   0.378   8.326   1.00 13.90 ? 63  VAL A C   1 
ATOM   358  O O   . VAL A 1 72  ? 4.257   -0.632  8.123   1.00 14.10 ? 63  VAL A O   1 
ATOM   359  C CB  . VAL A 1 72  ? 6.746   1.098   6.793   1.00 16.01 ? 63  VAL A CB  1 
ATOM   360  C CG1 . VAL A 1 72  ? 8.241   1.290   6.601   1.00 19.48 ? 63  VAL A CG1 1 
ATOM   361  C CG2 . VAL A 1 72  ? 6.147   0.310   5.614   1.00 16.64 ? 63  VAL A CG2 1 
ATOM   362  N N   . SER A 1 73  ? 4.421   1.534   8.733   1.00 15.59 ? 64  SER A N   1 
ATOM   363  C CA  . SER A 1 73  ? 3.004   1.838   8.612   1.00 16.03 ? 64  SER A CA  1 
ATOM   364  C C   . SER A 1 73  ? 2.861   2.835   7.474   1.00 14.87 ? 64  SER A C   1 
ATOM   365  O O   . SER A 1 73  ? 3.812   3.547   7.133   1.00 17.29 ? 64  SER A O   1 
ATOM   366  C CB  . SER A 1 73  ? 2.445   2.418   9.911   1.00 17.09 ? 64  SER A CB  1 
ATOM   367  O OG  . SER A 1 73  ? 3.102   3.626   10.270  1.00 19.29 ? 64  SER A OG  1 
ATOM   368  N N   . ILE A 1 74  ? 1.680   2.861   6.872   1.00 13.12 ? 65  ILE A N   1 
ATOM   369  C CA  . ILE A 1 74  ? 1.423   3.692   5.704   1.00 14.20 ? 65  ILE A CA  1 
ATOM   370  C C   . ILE A 1 74  ? 0.187   4.532   5.998   1.00 14.33 ? 65  ILE A C   1 
ATOM   371  O O   . ILE A 1 74  ? -0.928  4.010   6.056   1.00 17.56 ? 65  ILE A O   1 
ATOM   372  C CB  . ILE A 1 74  ? 1.232   2.839   4.427   1.00 15.02 ? 65  ILE A CB  1 
ATOM   373  C CG1 . ILE A 1 74  ? 2.511   2.066   4.103   1.00 14.42 ? 65  ILE A CG1 1 
ATOM   374  C CG2 . ILE A 1 74  ? 0.870   3.722   3.238   1.00 15.22 ? 65  ILE A CG2 1 
ATOM   375  C CD1 . ILE A 1 74  ? 2.340   0.983   3.051   1.00 15.88 ? 65  ILE A CD1 1 
ATOM   376  N N   . LYS A 1 75  ? 0.386   5.831   6.207   1.00 16.54 ? 66  LYS A N   1 
ATOM   377  C CA  . LYS A 1 75  ? -0.715  6.717   6.571   1.00 17.19 ? 66  LYS A CA  1 
ATOM   378  C C   . LYS A 1 75  ? -1.098  7.642   5.426   1.00 14.45 ? 66  LYS A C   1 
ATOM   379  O O   . LYS A 1 75  ? -0.228  8.250   4.804   1.00 15.62 ? 66  LYS A O   1 
ATOM   380  C CB  . LYS A 1 75  ? -0.350  7.565   7.790   1.00 17.05 ? 66  LYS A CB  1 
ATOM   381  C CG  . LYS A 1 75  ? -1.541  8.353   8.347   1.00 19.55 ? 66  LYS A CG  1 
ATOM   382  C CD  . LYS A 1 75  ? -1.176  9.248   9.523   1.00 24.26 ? 66  LYS A CD  1 
ATOM   383  C CE  . LYS A 1 75  ? -0.311  10.396  9.084   1.00 28.63 ? 66  LYS A CE  1 
ATOM   384  N NZ  . LYS A 1 75  ? 0.023   11.286  10.244  1.00 31.95 ? 66  LYS A NZ  1 
ATOM   385  N N   . GLY A 1 76  ? -2.395  7.755   5.156   1.00 14.36 ? 67  GLY A N   1 
ATOM   386  C CA  . GLY A 1 76  ? -2.876  8.720   4.178   1.00 13.83 ? 67  GLY A CA  1 
ATOM   387  C C   . GLY A 1 76  ? -2.871  10.109  4.797   1.00 17.08 ? 67  GLY A C   1 
ATOM   388  O O   . GLY A 1 76  ? -3.545  10.345  5.801   1.00 15.91 ? 67  GLY A O   1 
ATOM   389  N N   . VAL A 1 77  ? -2.107  11.024  4.208   1.00 14.41 ? 68  VAL A N   1 
ATOM   390  C CA  . VAL A 1 77  ? -1.974  12.374  4.775   1.00 14.45 ? 68  VAL A CA  1 
ATOM   391  C C   . VAL A 1 77  ? -3.315  13.121  4.888   1.00 18.90 ? 68  VAL A C   1 
ATOM   392  O O   . VAL A 1 77  ? -3.588  13.762  5.914   1.00 18.21 ? 68  VAL A O   1 
ATOM   393  C CB  . VAL A 1 77  ? -0.935  13.224  4.005   1.00 15.72 ? 68  VAL A CB  1 
ATOM   394  C CG1 . VAL A 1 77  ? -0.938  14.671  4.514   1.00 15.71 ? 68  VAL A CG1 1 
ATOM   395  C CG2 . VAL A 1 77  ? 0.446   12.639  4.150   1.00 18.18 ? 68  VAL A CG2 1 
ATOM   396  N N   . SER A 1 78  ? -4.147  13.035  3.852   1.00 17.22 ? 69  SER A N   1 
ATOM   397  C CA  . SER A 1 78  ? -5.453  13.709  3.851   1.00 17.26 ? 69  SER A CA  1 
ATOM   398  C C   . SER A 1 78  ? -6.453  13.004  4.760   1.00 20.27 ? 69  SER A C   1 
ATOM   399  O O   . SER A 1 78  ? -7.302  13.637  5.368   1.00 18.43 ? 69  SER A O   1 
ATOM   400  C CB  . SER A 1 78  ? -6.032  13.788  2.429   1.00 17.82 ? 69  SER A CB  1 
ATOM   401  O OG  . SER A 1 78  ? -6.545  12.530  1.994   1.00 27.23 ? 69  SER A OG  1 
ATOM   402  N N   . ALA A 1 79  ? -6.351  11.684  4.838   1.00 19.75 ? 70  ALA A N   1 
ATOM   403  C CA  . ALA A 1 79  ? -7.360  10.855  5.490   1.00 16.55 ? 70  ALA A CA  1 
ATOM   404  C C   . ALA A 1 79  ? -7.152  10.674  6.990   1.00 19.10 ? 70  ALA A C   1 
ATOM   405  O O   . ALA A 1 79  ? -8.110  10.387  7.718   1.00 21.07 ? 70  ALA A O   1 
ATOM   406  C CB  . ALA A 1 79  ? -7.408  9.480   4.810   1.00 19.56 ? 70  ALA A CB  1 
ATOM   407  N N   . ASN A 1 80  ? -5.912  10.835  7.454   1.00 16.77 ? 71  ASN A N   1 
ATOM   408  C CA  . ASN A 1 80  ? -5.553  10.464  8.826   1.00 15.67 ? 71  ASN A CA  1 
ATOM   409  C C   . ASN A 1 80  ? -5.976  9.046   9.128   1.00 18.26 ? 71  ASN A C   1 
ATOM   410  O O   . ASN A 1 80  ? -6.556  8.763   10.176  1.00 21.33 ? 71  ASN A O   1 
ATOM   411  C CB  . ASN A 1 80  ? -6.162  11.428  9.849   1.00 19.35 ? 71  ASN A CB  1 
ATOM   412  C CG  . ASN A 1 80  ? -5.197  12.483  10.272  1.00 18.10 ? 71  ASN A CG  1 
ATOM   413  O OD1 . ASN A 1 80  ? -3.989  12.335  10.100  1.00 20.79 ? 71  ASN A OD1 1 
ATOM   414  N ND2 . ASN A 1 80  ? -5.715  13.563  10.846  1.00 21.57 ? 71  ASN A ND2 1 
ATOM   415  N N   . ARG A 1 81  ? -5.685  8.162   8.179   1.00 17.33 ? 72  ARG A N   1 
ATOM   416  C CA  . ARG A 1 81  ? -6.012  6.755   8.297   1.00 16.68 ? 72  ARG A CA  1 
ATOM   417  C C   . ARG A 1 81  ? -4.818  5.939   7.866   1.00 14.49 ? 72  ARG A C   1 
ATOM   418  O O   . ARG A 1 81  ? -4.045  6.360   7.001   1.00 17.40 ? 72  ARG A O   1 
ATOM   419  C CB  . ARG A 1 81  ? -7.211  6.393   7.424   1.00 15.49 ? 72  ARG A CB  1 
ATOM   420  C CG  . ARG A 1 81  ? -8.538  6.966   7.917   1.00 16.89 ? 72  ARG A CG  1 
ATOM   421  C CD  . ARG A 1 81  ? -9.647  6.540   6.984   1.00 17.02 ? 72  ARG A CD  1 
ATOM   422  N NE  . ARG A 1 81  ? -10.965 6.895   7.503   1.00 19.17 ? 72  ARG A NE  1 
ATOM   423  C CZ  . ARG A 1 81  ? -11.741 6.070   8.199   1.00 21.84 ? 72  ARG A CZ  1 
ATOM   424  N NH1 . ARG A 1 81  ? -11.343 4.832   8.451   1.00 23.46 ? 72  ARG A NH1 1 
ATOM   425  N NH2 . ARG A 1 81  ? -12.925 6.483   8.639   1.00 27.27 ? 72  ARG A NH2 1 
ATOM   426  N N   . TYR A 1 82  ? -4.675  4.773   8.479   1.00 15.44 ? 73  TYR A N   1 
ATOM   427  C CA  . TYR A 1 82  ? -3.524  3.919   8.237   1.00 17.26 ? 73  TYR A CA  1 
ATOM   428  C C   . TYR A 1 82  ? -3.927  2.707   7.428   1.00 14.90 ? 73  TYR A C   1 
ATOM   429  O O   . TYR A 1 82  ? -4.928  2.053   7.731   1.00 14.33 ? 73  TYR A O   1 
ATOM   430  C CB  . TYR A 1 82  ? -2.935  3.459   9.566   1.00 16.56 ? 73  TYR A CB  1 
ATOM   431  C CG  . TYR A 1 82  ? -2.416  4.591   10.409  1.00 20.08 ? 73  TYR A CG  1 
ATOM   432  C CD1 . TYR A 1 82  ? -3.259  5.264   11.272  1.00 19.22 ? 73  TYR A CD1 1 
ATOM   433  C CD2 . TYR A 1 82  ? -1.090  4.996   10.329  1.00 17.76 ? 73  TYR A CD2 1 
ATOM   434  C CE1 . TYR A 1 82  ? -2.803  6.307   12.047  1.00 20.50 ? 73  TYR A CE1 1 
ATOM   435  C CE2 . TYR A 1 82  ? -0.615  6.046   11.104  1.00 19.32 ? 73  TYR A CE2 1 
ATOM   436  C CZ  . TYR A 1 82  ? -1.489  6.699   11.953  1.00 20.92 ? 73  TYR A CZ  1 
ATOM   437  O OH  . TYR A 1 82  ? -1.049  7.747   12.733  1.00 27.13 ? 73  TYR A OH  1 
ATOM   438  N N   . LEU A 1 83  ? -3.131  2.392   6.411   1.00 13.22 ? 74  LEU A N   1 
ATOM   439  C CA  . LEU A 1 83  ? -3.398  1.219   5.593   1.00 13.84 ? 74  LEU A CA  1 
ATOM   440  C C   . LEU A 1 83  ? -3.393  -0.048  6.448   1.00 14.42 ? 74  LEU A C   1 
ATOM   441  O O   . LEU A 1 83  ? -2.504  -0.242  7.282   1.00 15.49 ? 74  LEU A O   1 
ATOM   442  C CB  . LEU A 1 83  ? -2.353  1.109   4.486   1.00 14.98 ? 74  LEU A CB  1 
ATOM   443  C CG  . LEU A 1 83  ? -2.642  0.081   3.402   1.00 13.00 ? 74  LEU A CG  1 
ATOM   444  C CD1 . LEU A 1 83  ? -3.869  0.533   2.638   1.00 14.40 ? 74  LEU A CD1 1 
ATOM   445  C CD2 . LEU A 1 83  ? -1.449  -0.036  2.480   1.00 14.72 ? 74  LEU A CD2 1 
ATOM   446  N N   . ALA A 1 84  ? -4.406  -0.886  6.261   1.00 14.46 ? 75  ALA A N   1 
ATOM   447  C CA  . ALA A 1 84  ? -4.509  -2.153  6.969   1.00 16.03 ? 75  ALA A CA  1 
ATOM   448  C C   . ALA A 1 84  ? -4.878  -3.268  6.007   1.00 16.31 ? 75  ALA A C   1 
ATOM   449  O O   . ALA A 1 84  ? -5.655  -3.058  5.073   1.00 16.65 ? 75  ALA A O   1 
ATOM   450  C CB  . ALA A 1 84  ? -5.525  -2.066  8.091   1.00 16.38 ? 75  ALA A CB  1 
ATOM   451  N N   . MET A 1 85  ? -4.304  -4.450  6.213   1.00 14.55 ? 76  MET A N   1 
ATOM   452  C CA  . MET A 1 85  ? -4.780  -5.633  5.508   1.00 16.40 ? 76  MET A CA  1 
ATOM   453  C C   . MET A 1 85  ? -5.564  -6.521  6.462   1.00 17.63 ? 76  MET A C   1 
ATOM   454  O O   . MET A 1 85  ? -5.120  -6.801  7.577   1.00 18.06 ? 76  MET A O   1 
ATOM   455  C CB  . MET A 1 85  ? -3.644  -6.417  4.845   1.00 20.32 ? 76  MET A CB  1 
ATOM   456  C CG  . MET A 1 85  ? -4.169  -7.603  4.045   1.00 24.37 ? 76  MET A CG  1 
ATOM   457  S SD  . MET A 1 85  ? -2.938  -8.491  3.085   1.00 24.50 ? 76  MET A SD  1 
ATOM   458  C CE  . MET A 1 85  ? -2.269  -7.171  2.070   1.00 24.61 ? 76  MET A CE  1 
ATOM   459  N N   . LYS A 1 86  ? -6.746  -6.943  6.025   1.00 16.30 ? 77  LYS A N   1 
ATOM   460  C CA  . LYS A 1 86  ? -7.625  -7.760  6.853   1.00 18.52 ? 77  LYS A CA  1 
ATOM   461  C C   . LYS A 1 86  ? -7.340  -9.246  6.669   1.00 19.51 ? 77  LYS A C   1 
ATOM   462  O O   . LYS A 1 86  ? -6.662  -9.643  5.723   1.00 17.91 ? 77  LYS A O   1 
ATOM   463  C CB  . LYS A 1 86  ? -9.087  -7.467  6.508   1.00 18.02 ? 77  LYS A CB  1 
ATOM   464  C CG  . LYS A 1 86  ? -9.438  -5.988  6.590   1.00 19.33 ? 77  LYS A CG  1 
ATOM   465  C CD  . LYS A 1 86  ? -9.093  -5.419  7.949   1.00 21.10 ? 77  LYS A CD  1 
ATOM   466  C CE  . LYS A 1 86  ? -10.084 -5.878  8.998   1.00 22.52 ? 77  LYS A CE  1 
ATOM   467  N NZ  . LYS A 1 86  ? -9.775  -5.260  10.319  1.00 25.92 ? 77  LYS A NZ  1 
ATOM   468  N N   . GLU A 1 87  ? -7.896  -10.059 7.561   1.00 24.41 ? 78  GLU A N   1 
ATOM   469  C CA  . GLU A 1 87  ? -7.645  -11.497 7.565   1.00 23.55 ? 78  GLU A CA  1 
ATOM   470  C C   . GLU A 1 87  ? -8.128  -12.220 6.308   1.00 23.91 ? 78  GLU A C   1 
ATOM   471  O O   . GLU A 1 87  ? -7.681  -13.333 6.030   1.00 26.68 ? 78  GLU A O   1 
ATOM   472  C CB  . GLU A 1 87  ? -8.238  -12.143 8.824   1.00 27.44 ? 78  GLU A CB  1 
ATOM   473  C CG  . GLU A 1 87  ? -9.741  -12.355 8.766   1.00 31.85 ? 78  GLU A CG  1 
ATOM   474  C CD  . GLU A 1 87  ? -10.351 -12.628 10.130  1.00 39.45 ? 78  GLU A CD  1 
ATOM   475  O OE1 . GLU A 1 87  ? -11.309 -11.914 10.499  1.00 46.30 ? 78  GLU A OE1 1 
ATOM   476  O OE2 . GLU A 1 87  ? -9.884  -13.550 10.834  1.00 44.34 ? 78  GLU A OE2 1 
ATOM   477  N N   . ASP A 1 88  ? -9.027  -11.595 5.548   1.00 20.60 ? 79  ASP A N   1 
ATOM   478  C CA  . ASP A 1 88  ? -9.481  -12.183 4.289   1.00 23.94 ? 79  ASP A CA  1 
ATOM   479  C C   . ASP A 1 88  ? -8.875  -11.500 3.067   1.00 20.89 ? 79  ASP A C   1 
ATOM   480  O O   . ASP A 1 88  ? -9.325  -11.716 1.940   1.00 25.77 ? 79  ASP A O   1 
ATOM   481  C CB  . ASP A 1 88  ? -11.010 -12.174 4.206   1.00 22.14 ? 79  ASP A CB  1 
ATOM   482  C CG  . ASP A 1 88  ? -11.587 -10.778 4.233   1.00 25.72 ? 79  ASP A CG  1 
ATOM   483  O OD1 . ASP A 1 88  ? -10.820 -9.807  4.428   1.00 21.82 ? 79  ASP A OD1 1 
ATOM   484  O OD2 . ASP A 1 88  ? -12.820 -10.662 4.072   1.00 29.26 ? 79  ASP A OD2 1 
ATOM   485  N N   . GLY A 1 89  ? -7.864  -10.668 3.296   1.00 18.66 ? 80  GLY A N   1 
ATOM   486  C CA  . GLY A 1 89  ? -7.128  -10.052 2.206   1.00 16.76 ? 80  GLY A CA  1 
ATOM   487  C C   . GLY A 1 89  ? -7.634  -8.678  1.793   1.00 15.62 ? 80  GLY A C   1 
ATOM   488  O O   . GLY A 1 89  ? -7.084  -8.050  0.880   1.00 16.59 ? 80  GLY A O   1 
ATOM   489  N N   . ARG A 1 90  ? -8.678  -8.194  2.450   1.00 16.86 ? 81  ARG A N   1 
ATOM   490  C CA  . ARG A 1 90  ? -9.185  -6.868  2.107   1.00 18.47 ? 81  ARG A CA  1 
ATOM   491  C C   . ARG A 1 90  ? -8.176  -5.806  2.521   1.00 17.68 ? 81  ARG A C   1 
ATOM   492  O O   . ARG A 1 90  ? -7.494  -5.945  3.538   1.00 17.05 ? 81  ARG A O   1 
ATOM   493  C CB  . ARG A 1 90  ? -10.527 -6.594  2.795   1.00 15.80 ? 81  ARG A CB  1 
ATOM   494  C CG  . ARG A 1 90  ? -11.679 -7.379  2.201   1.00 18.49 ? 81  ARG A CG  1 
ATOM   495  C CD  . ARG A 1 90  ? -12.747 -7.704  3.252   1.00 31.53 ? 81  ARG A CD  1 
ATOM   496  N NE  . ARG A 1 90  ? -13.267 -6.541  3.959   1.00 37.48 ? 81  ARG A NE  1 
ATOM   497  C CZ  . ARG A 1 90  ? -13.305 -6.410  5.286   1.00 28.36 ? 81  ARG A CZ  1 
ATOM   498  N NH1 . ARG A 1 90  ? -12.845 -7.369  6.082   1.00 31.66 ? 81  ARG A NH1 1 
ATOM   499  N NH2 . ARG A 1 90  ? -13.810 -5.316  5.822   1.00 28.98 ? 81  ARG A NH2 1 
ATOM   500  N N   . LEU A 1 91  ? -8.073  -4.754  1.717   1.00 15.35 ? 82  LEU A N   1 
ATOM   501  C CA  . LEU A 1 91  ? -7.345  -3.555  2.085   1.00 15.13 ? 82  LEU A CA  1 
ATOM   502  C C   . LEU A 1 91  ? -8.341  -2.480  2.463   1.00 17.53 ? 82  LEU A C   1 
ATOM   503  O O   . LEU A 1 91  ? -9.385  -2.332  1.816   1.00 20.59 ? 82  LEU A O   1 
ATOM   504  C CB  . LEU A 1 91  ? -6.513  -3.033  0.920   1.00 21.20 ? 82  LEU A CB  1 
ATOM   505  C CG  . LEU A 1 91  ? -5.170  -3.625  0.547   1.00 20.36 ? 82  LEU A CG  1 
ATOM   506  C CD1 . LEU A 1 91  ? -4.466  -2.664  -0.391  1.00 15.90 ? 82  LEU A CD1 1 
ATOM   507  C CD2 . LEU A 1 91  ? -4.316  -3.887  1.785   1.00 19.28 ? 82  LEU A CD2 1 
ATOM   508  N N   . LEU A 1 92  ? -8.009  -1.718  3.496   1.00 15.80 ? 83  LEU A N   1 
ATOM   509  C CA  . LEU A 1 92  ? -8.779  -0.543  3.865   1.00 17.10 ? 83  LEU A CA  1 
ATOM   510  C C   . LEU A 1 92  ? -7.876  0.320   4.720   1.00 17.16 ? 83  LEU A C   1 
ATOM   511  O O   . LEU A 1 92  ? -6.740  -0.064  4.998   1.00 16.66 ? 83  LEU A O   1 
ATOM   512  C CB  . LEU A 1 92  ? -10.044 -0.938  4.628   1.00 18.96 ? 83  LEU A CB  1 
ATOM   513  C CG  . LEU A 1 92  ? -9.930  -1.869  5.834   1.00 21.75 ? 83  LEU A CG  1 
ATOM   514  C CD1 . LEU A 1 92  ? -9.630  -1.116  7.128   1.00 25.80 ? 83  LEU A CD1 1 
ATOM   515  C CD2 . LEU A 1 92  ? -11.208 -2.672  5.966   1.00 28.05 ? 83  LEU A CD2 1 
ATOM   516  N N   . ALA A 1 93  ? -8.358  1.480   5.136   1.00 16.78 ? 84  ALA A N   1 
ATOM   517  C CA  . ALA A 1 93  ? -7.550  2.329   5.999   1.00 15.82 ? 84  ALA A CA  1 
ATOM   518  C C   . ALA A 1 93  ? -8.319  2.675   7.261   1.00 16.39 ? 84  ALA A C   1 
ATOM   519  O O   . ALA A 1 93  ? -9.454  3.143   7.192   1.00 19.67 ? 84  ALA A O   1 
ATOM   520  C CB  . ALA A 1 93  ? -7.107  3.574   5.266   1.00 18.45 ? 84  ALA A CB  1 
ATOM   521  N N   . SER A 1 94  ? -7.694  2.434   8.412   1.00 16.48 ? 85  SER A N   1 
ATOM   522  C CA  . SER A 1 94  ? -8.358  2.595   9.701   1.00 19.95 ? 85  SER A CA  1 
ATOM   523  C C   . SER A 1 94  ? -7.897  3.833   10.456  1.00 21.38 ? 85  SER A C   1 
ATOM   524  O O   . SER A 1 94  ? -6.763  4.288   10.300  1.00 18.55 ? 85  SER A O   1 
ATOM   525  C CB  . SER A 1 94  ? -8.084  1.378   10.566  1.00 24.66 ? 85  SER A CB  1 
ATOM   526  O OG  . SER A 1 94  ? -6.703  1.256   10.830  1.00 23.15 ? 85  SER A OG  1 
ATOM   527  N N   . LYS A 1 95  ? -8.769  4.366   11.304  1.00 22.67 ? 86  LYS A N   1 
ATOM   528  C CA  . LYS A 1 95  ? -8.389  5.505   12.129  1.00 22.68 ? 86  LYS A CA  1 
ATOM   529  C C   . LYS A 1 95  ? -7.361  5.117   13.182  1.00 23.17 ? 86  LYS A C   1 
ATOM   530  O O   . LYS A 1 95  ? -6.482  5.910   13.520  1.00 21.62 ? 86  LYS A O   1 
ATOM   531  C CB  . LYS A 1 95  ? -9.612  6.122   12.810  1.00 23.73 ? 86  LYS A CB  1 
ATOM   532  C CG  . LYS A 1 95  ? -10.451 6.996   11.903  1.00 27.06 ? 86  LYS A CG  1 
ATOM   533  C CD  . LYS A 1 95  ? -11.625 7.589   12.673  1.00 32.57 ? 86  LYS A CD  1 
ATOM   534  C CE  . LYS A 1 95  ? -12.596 8.291   11.739  1.00 40.07 ? 86  LYS A CE  1 
ATOM   535  N NZ  . LYS A 1 95  ? -12.203 9.707   11.489  1.00 41.64 ? 86  LYS A NZ  1 
ATOM   536  N N   . SER A 1 96  ? -7.475  3.893   13.692  1.00 22.68 ? 87  SER A N   1 
ATOM   537  C CA  . SER A 1 96  ? -6.559  3.407   14.711  1.00 26.33 ? 87  SER A CA  1 
ATOM   538  C C   . SER A 1 96  ? -5.434  2.578   14.116  1.00 24.46 ? 87  SER A C   1 
ATOM   539  O O   . SER A 1 96  ? -5.598  1.933   13.075  1.00 22.68 ? 87  SER A O   1 
ATOM   540  C CB  . SER A 1 96  ? -7.312  2.573   15.747  1.00 27.27 ? 87  SER A CB  1 
ATOM   541  O OG  . SER A 1 96  ? -8.397  3.302   16.292  1.00 35.97 ? 87  SER A OG  1 
ATOM   542  N N   . VAL A 1 97  ? -4.281  2.610   14.778  1.00 24.11 ? 88  VAL A N   1 
ATOM   543  C CA  . VAL A 1 97  ? -3.167  1.745   14.423  1.00 21.49 ? 88  VAL A CA  1 
ATOM   544  C C   . VAL A 1 97  ? -3.338  0.434   15.164  1.00 26.01 ? 88  VAL A C   1 
ATOM   545  O O   . VAL A 1 97  ? -3.382  0.418   16.398  1.00 28.58 ? 88  VAL A O   1 
ATOM   546  C CB  . VAL A 1 97  ? -1.808  2.363   14.820  1.00 22.37 ? 88  VAL A CB  1 
ATOM   547  C CG1 . VAL A 1 97  ? -0.656  1.496   14.347  1.00 27.46 ? 88  VAL A CG1 1 
ATOM   548  C CG2 . VAL A 1 97  ? -1.680  3.779   14.277  1.00 31.81 ? 88  VAL A CG2 1 
ATOM   549  N N   . THR A 1 98  ? -3.462  -0.658  14.418  1.00 20.66 ? 89  THR A N   1 
ATOM   550  C CA  . THR A 1 98  ? -3.483  -1.995  15.000  1.00 23.94 ? 89  THR A CA  1 
ATOM   551  C C   . THR A 1 98  ? -2.404  -2.844  14.343  1.00 19.11 ? 89  THR A C   1 
ATOM   552  O O   . THR A 1 98  ? -1.660  -2.356  13.492  1.00 19.46 ? 89  THR A O   1 
ATOM   553  C CB  . THR A 1 98  ? -4.842  -2.677  14.815  1.00 24.09 ? 89  THR A CB  1 
ATOM   554  O OG1 . THR A 1 98  ? -5.018  -3.026  13.436  1.00 22.45 ? 89  THR A OG1 1 
ATOM   555  C CG2 . THR A 1 98  ? -5.969  -1.760  15.251  1.00 27.21 ? 89  THR A CG2 1 
ATOM   556  N N   . ASP A 1 99  ? -2.329  -4.116  14.722  1.00 21.36 ? 90  ASP A N   1 
ATOM   557  C CA  . ASP A 1 99  ? -1.300  -4.997  14.186  1.00 18.93 ? 90  ASP A CA  1 
ATOM   558  C C   . ASP A 1 99  ? -1.507  -5.283  12.704  1.00 18.35 ? 90  ASP A C   1 
ATOM   559  O O   . ASP A 1 99  ? -0.617  -5.801  12.034  1.00 19.82 ? 90  ASP A O   1 
ATOM   560  C CB  . ASP A 1 99  ? -1.199  -6.299  14.995  1.00 25.88 ? 90  ASP A CB  1 
ATOM   561  C CG  . ASP A 1 99  ? -2.482  -7.116  14.984  1.00 28.98 ? 90  ASP A CG  1 
ATOM   562  O OD1 . ASP A 1 99  ? -3.494  -6.670  14.405  1.00 28.73 ? 90  ASP A OD1 1 
ATOM   563  O OD2 . ASP A 1 99  ? -2.474  -8.215  15.585  1.00 31.07 ? 90  ASP A OD2 1 
ATOM   564  N N   . GLU A 1 100 ? -2.678  -4.932  12.191  1.00 18.72 ? 91  GLU A N   1 
ATOM   565  C CA  . GLU A 1 100 ? -2.941  -5.121  10.773  1.00 18.05 ? 91  GLU A CA  1 
ATOM   566  C C   . GLU A 1 100 ? -2.410  -3.968  9.923   1.00 16.32 ? 91  GLU A C   1 
ATOM   567  O O   . GLU A 1 100 ? -2.532  -3.987  8.701   1.00 15.24 ? 91  GLU A O   1 
ATOM   568  C CB  . GLU A 1 100 ? -4.435  -5.339  10.539  1.00 15.99 ? 91  GLU A CB  1 
ATOM   569  C CG  . GLU A 1 100 ? -4.941  -6.655  11.105  1.00 19.76 ? 91  GLU A CG  1 
ATOM   570  C CD  . GLU A 1 100 ? -6.417  -6.855  10.877  1.00 23.42 ? 91  GLU A CD  1 
ATOM   571  O OE1 . GLU A 1 100 ? -7.155  -5.853  10.895  1.00 23.63 ? 91  GLU A OE1 1 
ATOM   572  O OE2 . GLU A 1 100 ? -6.837  -8.014  10.691  1.00 25.50 ? 91  GLU A OE2 1 
ATOM   573  N N   . CYS A 1 101 ? -1.778  -2.995  10.571  1.00 15.57 ? 92  CYS A N   1 
ATOM   574  C CA  . CYS A 1 101 ? -1.343  -1.774  9.899   1.00 15.71 ? 92  CYS A CA  1 
ATOM   575  C C   . CYS A 1 101 ? 0.153   -1.727  9.642   1.00 14.02 ? 92  CYS A C   1 
ATOM   576  O O   . CYS A 1 101 ? 0.704   -0.673  9.332   1.00 16.94 ? 92  CYS A O   1 
ATOM   577  C CB  . CYS A 1 101 ? -1.747  -0.543  10.710  1.00 17.38 ? 92  CYS A CB  1 
ATOM   578  S SG  . CYS A 1 101 ? -3.528  -0.333  10.895  1.00 17.40 ? 92  CYS A SG  1 
ATOM   579  N N   . PHE A 1 102 ? 0.826   -2.857  9.793   1.00 14.14 ? 93  PHE A N   1 
ATOM   580  C CA  . PHE A 1 102 ? 2.265   -2.863  9.596   1.00 14.75 ? 93  PHE A CA  1 
ATOM   581  C C   . PHE A 1 102 ? 2.677   -3.772  8.478   1.00 12.24 ? 93  PHE A C   1 
ATOM   582  O O   . PHE A 1 102 ? 2.089   -4.836  8.274   1.00 15.33 ? 93  PHE A O   1 
ATOM   583  C CB  . PHE A 1 102 ? 2.983   -3.220  10.898  1.00 15.30 ? 93  PHE A CB  1 
ATOM   584  C CG  . PHE A 1 102 ? 2.760   -2.212  11.974  1.00 16.34 ? 93  PHE A CG  1 
ATOM   585  C CD1 . PHE A 1 102 ? 1.784   -2.419  12.939  1.00 20.66 ? 93  PHE A CD1 1 
ATOM   586  C CD2 . PHE A 1 102 ? 3.492   -1.031  11.991  1.00 17.95 ? 93  PHE A CD2 1 
ATOM   587  C CE1 . PHE A 1 102 ? 1.554   -1.477  13.928  1.00 23.22 ? 93  PHE A CE1 1 
ATOM   588  C CE2 . PHE A 1 102 ? 3.273   -0.080  12.975  1.00 23.60 ? 93  PHE A CE2 1 
ATOM   589  C CZ  . PHE A 1 102 ? 2.305   -0.306  13.946  1.00 19.49 ? 93  PHE A CZ  1 
ATOM   590  N N   . PHE A 1 103 ? 3.698   -3.339  7.748   1.00 12.01 ? 94  PHE A N   1 
ATOM   591  C CA  . PHE A 1 103 ? 4.100   -4.023  6.537   1.00 13.19 ? 94  PHE A CA  1 
ATOM   592  C C   . PHE A 1 103 ? 5.610   -4.131  6.446   1.00 13.48 ? 94  PHE A C   1 
ATOM   593  O O   . PHE A 1 103 ? 6.327   -3.189  6.809   1.00 15.06 ? 94  PHE A O   1 
ATOM   594  C CB  . PHE A 1 103 ? 3.568   -3.268  5.322   1.00 13.24 ? 94  PHE A CB  1 
ATOM   595  C CG  . PHE A 1 103 ? 2.082   -3.187  5.288   1.00 12.99 ? 94  PHE A CG  1 
ATOM   596  C CD1 . PHE A 1 103 ? 1.425   -2.135  5.910   1.00 13.81 ? 94  PHE A CD1 1 
ATOM   597  C CD2 . PHE A 1 103 ? 1.335   -4.179  4.666   1.00 12.11 ? 94  PHE A CD2 1 
ATOM   598  C CE1 . PHE A 1 103 ? 0.046   -2.062  5.908   1.00 14.14 ? 94  PHE A CE1 1 
ATOM   599  C CE2 . PHE A 1 103 ? -0.055  -4.108  4.654   1.00 14.59 ? 94  PHE A CE2 1 
ATOM   600  C CZ  . PHE A 1 103 ? -0.694  -3.048  5.281   1.00 12.92 ? 94  PHE A CZ  1 
ATOM   601  N N   . PHE A 1 104 ? 6.086   -5.281  5.976   1.00 14.60 ? 95  PHE A N   1 
ATOM   602  C CA  . PHE A 1 104 ? 7.492   -5.420  5.617   1.00 15.28 ? 95  PHE A CA  1 
ATOM   603  C C   . PHE A 1 104 ? 7.728   -4.622  4.348   1.00 13.84 ? 95  PHE A C   1 
ATOM   604  O O   . PHE A 1 104 ? 7.098   -4.878  3.320   1.00 15.23 ? 95  PHE A O   1 
ATOM   605  C CB  . PHE A 1 104 ? 7.874   -6.887  5.366   1.00 15.61 ? 95  PHE A CB  1 
ATOM   606  C CG  . PHE A 1 104 ? 7.593   -7.802  6.525   1.00 16.40 ? 95  PHE A CG  1 
ATOM   607  C CD1 . PHE A 1 104 ? 8.269   -7.645  7.735   1.00 20.89 ? 95  PHE A CD1 1 
ATOM   608  C CD2 . PHE A 1 104 ? 6.668   -8.827  6.404   1.00 19.39 ? 95  PHE A CD2 1 
ATOM   609  C CE1 . PHE A 1 104 ? 8.016   -8.499  8.799   1.00 19.75 ? 95  PHE A CE1 1 
ATOM   610  C CE2 . PHE A 1 104 ? 6.406   -9.676  7.463   1.00 20.77 ? 95  PHE A CE2 1 
ATOM   611  C CZ  . PHE A 1 104 ? 7.078   -9.511  8.665   1.00 19.08 ? 95  PHE A CZ  1 
ATOM   612  N N   . GLU A 1 105 ? 8.616   -3.640  4.419   1.00 14.92 ? 96  GLU A N   1 
ATOM   613  C CA  . GLU A 1 105 ? 9.011   -2.903  3.232   1.00 16.90 ? 96  GLU A CA  1 
ATOM   614  C C   . GLU A 1 105 ? 10.328  -3.471  2.726   1.00 18.19 ? 96  GLU A C   1 
ATOM   615  O O   . GLU A 1 105 ? 11.342  -3.399  3.417   1.00 18.35 ? 96  GLU A O   1 
ATOM   616  C CB  . GLU A 1 105 ? 9.159   -1.415  3.537   1.00 18.10 ? 96  GLU A CB  1 
ATOM   617  C CG  . GLU A 1 105 ? 9.740   -0.622  2.381   1.00 20.96 ? 96  GLU A CG  1 
ATOM   618  C CD  . GLU A 1 105 ? 9.928   0.842   2.718   1.00 25.75 ? 96  GLU A CD  1 
ATOM   619  O OE1 . GLU A 1 105 ? 9.249   1.683   2.098   1.00 22.21 ? 96  GLU A OE1 1 
ATOM   620  O OE2 . GLU A 1 105 ? 10.763  1.156   3.592   1.00 27.39 ? 96  GLU A OE2 1 
ATOM   621  N N   . ARG A 1 106 ? 10.308  -4.037  1.524   1.00 16.65 ? 97  ARG A N   1 
ATOM   622  C CA  . ARG A 1 106 ? 11.496  -4.686  0.960   1.00 14.24 ? 97  ARG A CA  1 
ATOM   623  C C   . ARG A 1 106 ? 11.844  -4.088  -0.392  1.00 17.37 ? 97  ARG A C   1 
ATOM   624  O O   . ARG A 1 106 ? 10.974  -3.961  -1.258  1.00 16.29 ? 97  ARG A O   1 
ATOM   625  C CB  . ARG A 1 106 ? 11.254  -6.187  0.798   1.00 17.23 ? 97  ARG A CB  1 
ATOM   626  C CG  . ARG A 1 106 ? 12.501  -6.970  0.418   1.00 23.07 ? 97  ARG A CG  1 
ATOM   627  C CD  . ARG A 1 106 ? 12.199  -8.462  0.296   1.00 24.18 ? 97  ARG A CD  1 
ATOM   628  N NE  . ARG A 1 106 ? 13.341  -9.276  0.709   1.00 37.35 ? 97  ARG A NE  1 
ATOM   629  C CZ  . ARG A 1 106 ? 14.077  -10.000 -0.125  1.00 28.06 ? 97  ARG A CZ  1 
ATOM   630  N NH1 . ARG A 1 106 ? 13.776  -10.022 -1.417  1.00 35.44 ? 97  ARG A NH1 1 
ATOM   631  N NH2 . ARG A 1 106 ? 15.103  -10.712 0.326   1.00 35.73 ? 97  ARG A NH2 1 
ATOM   632  N N   . LEU A 1 107 ? 13.110  -3.719  -0.575  1.00 14.66 ? 98  LEU A N   1 
ATOM   633  C CA  . LEU A 1 107 ? 13.584  -3.284  -1.885  1.00 13.16 ? 98  LEU A CA  1 
ATOM   634  C C   . LEU A 1 107 ? 13.996  -4.504  -2.673  1.00 15.03 ? 98  LEU A C   1 
ATOM   635  O O   . LEU A 1 107 ? 14.986  -5.154  -2.345  1.00 18.35 ? 98  LEU A O   1 
ATOM   636  C CB  . LEU A 1 107 ? 14.762  -2.312  -1.759  1.00 16.93 ? 98  LEU A CB  1 
ATOM   637  C CG  . LEU A 1 107 ? 15.316  -1.755  -3.077  1.00 18.99 ? 98  LEU A CG  1 
ATOM   638  C CD1 . LEU A 1 107 ? 14.296  -0.867  -3.782  1.00 20.37 ? 98  LEU A CD1 1 
ATOM   639  C CD2 . LEU A 1 107 ? 16.619  -0.994  -2.856  1.00 22.14 ? 98  LEU A CD2 1 
ATOM   640  N N   . GLU A 1 108 ? 13.225  -4.825  -3.706  1.00 14.32 ? 99  GLU A N   1 
ATOM   641  C CA  . GLU A 1 108 ? 13.463  -6.029  -4.497  1.00 14.21 ? 99  GLU A CA  1 
ATOM   642  C C   . GLU A 1 108 ? 14.625  -5.838  -5.468  1.00 15.91 ? 99  GLU A C   1 
ATOM   643  O O   . GLU A 1 108 ? 15.107  -4.722  -5.662  1.00 15.43 ? 99  GLU A O   1 
ATOM   644  C CB  . GLU A 1 108 ? 12.196  -6.427  -5.256  1.00 14.72 ? 99  GLU A CB  1 
ATOM   645  C CG  . GLU A 1 108 ? 10.953  -6.654  -4.389  1.00 16.05 ? 99  GLU A CG  1 
ATOM   646  C CD  . GLU A 1 108 ? 11.109  -7.735  -3.320  1.00 20.59 ? 99  GLU A CD  1 
ATOM   647  O OE1 . GLU A 1 108 ? 12.031  -8.588  -3.417  1.00 21.67 ? 99  GLU A OE1 1 
ATOM   648  O OE2 . GLU A 1 108 ? 10.292  -7.747  -2.372  1.00 19.17 ? 99  GLU A OE2 1 
ATOM   649  N N   . SER A 1 109 ? 15.083  -6.932  -6.071  1.00 17.16 ? 100 SER A N   1 
ATOM   650  C CA  . SER A 1 109 ? 16.231  -6.867  -6.972  1.00 18.79 ? 100 SER A CA  1 
ATOM   651  C C   . SER A 1 109 ? 15.982  -6.007  -8.213  1.00 17.98 ? 100 SER A C   1 
ATOM   652  O O   . SER A 1 109 ? 16.935  -5.577  -8.866  1.00 21.54 ? 100 SER A O   1 
ATOM   653  C CB  . SER A 1 109 ? 16.680  -8.271  -7.382  1.00 19.45 ? 100 SER A CB  1 
ATOM   654  O OG  . SER A 1 109 ? 15.697  -8.901  -8.180  1.00 21.31 ? 100 SER A OG  1 
ATOM   655  N N   . ASN A 1 110 ? 14.715  -5.752  -8.538  1.00 17.79 ? 101 ASN A N   1 
ATOM   656  C CA  . ASN A 1 110 ? 14.379  -4.854  -9.638  1.00 17.38 ? 101 ASN A CA  1 
ATOM   657  C C   . ASN A 1 110 ? 14.243  -3.390  -9.201  1.00 18.34 ? 101 ASN A C   1 
ATOM   658  O O   . ASN A 1 110 ? 13.833  -2.529  -9.982  1.00 17.12 ? 101 ASN A O   1 
ATOM   659  C CB  . ASN A 1 110 ? 13.095  -5.315  -10.339 1.00 17.73 ? 101 ASN A CB  1 
ATOM   660  C CG  . ASN A 1 110 ? 11.922  -5.451  -9.384  1.00 19.59 ? 101 ASN A CG  1 
ATOM   661  O OD1 . ASN A 1 110 ? 11.915  -4.870  -8.297  1.00 19.20 ? 101 ASN A OD1 1 
ATOM   662  N ND2 . ASN A 1 110 ? 10.918  -6.225  -9.792  1.00 22.50 ? 101 ASN A ND2 1 
ATOM   663  N N   . ASN A 1 111 ? 14.583  -3.124  -7.939  1.00 16.09 ? 102 ASN A N   1 
ATOM   664  C CA  . ASN A 1 111 ? 14.546  -1.778  -7.361  1.00 17.30 ? 102 ASN A CA  1 
ATOM   665  C C   . ASN A 1 111 ? 13.151  -1.184  -7.212  1.00 14.27 ? 102 ASN A C   1 
ATOM   666  O O   . ASN A 1 111 ? 13.003  0.026   -7.054  1.00 16.73 ? 102 ASN A O   1 
ATOM   667  C CB  . ASN A 1 111 ? 15.485  -0.810  -8.098  1.00 16.19 ? 102 ASN A CB  1 
ATOM   668  C CG  . ASN A 1 111 ? 16.919  -0.903  -7.605  1.00 17.34 ? 102 ASN A CG  1 
ATOM   669  O OD1 . ASN A 1 111 ? 17.244  -1.757  -6.786  1.00 21.49 ? 102 ASN A OD1 1 
ATOM   670  N ND2 . ASN A 1 111 ? 17.780  -0.020  -8.101  1.00 18.18 ? 102 ASN A ND2 1 
ATOM   671  N N   . TYR A 1 112 ? 12.138  -2.040  -7.276  1.00 15.34 ? 103 TYR A N   1 
ATOM   672  C CA  . TYR A 1 112 ? 10.805  -1.659  -6.820  1.00 15.13 ? 103 TYR A CA  1 
ATOM   673  C C   . TYR A 1 112 ? 10.652  -2.154  -5.392  1.00 16.56 ? 103 TYR A C   1 
ATOM   674  O O   . TYR A 1 112 ? 11.293  -3.124  -4.989  1.00 14.95 ? 103 TYR A O   1 
ATOM   675  C CB  . TYR A 1 112 ? 9.705   -2.255  -7.711  1.00 12.92 ? 103 TYR A CB  1 
ATOM   676  C CG  . TYR A 1 112 ? 9.538   -1.572  -9.048  1.00 17.67 ? 103 TYR A CG  1 
ATOM   677  C CD1 . TYR A 1 112 ? 10.394  -1.850  -10.106 1.00 21.56 ? 103 TYR A CD1 1 
ATOM   678  C CD2 . TYR A 1 112 ? 8.510   -0.656  -9.253  1.00 23.57 ? 103 TYR A CD2 1 
ATOM   679  C CE1 . TYR A 1 112 ? 10.238  -1.229  -11.334 1.00 24.93 ? 103 TYR A CE1 1 
ATOM   680  C CE2 . TYR A 1 112 ? 8.346   -0.036  -10.479 1.00 23.48 ? 103 TYR A CE2 1 
ATOM   681  C CZ  . TYR A 1 112 ? 9.215   -0.325  -11.509 1.00 28.19 ? 103 TYR A CZ  1 
ATOM   682  O OH  . TYR A 1 112 ? 9.058   0.296   -12.729 1.00 33.90 ? 103 TYR A OH  1 
ATOM   683  N N   . ASN A 1 113 ? 9.825   -1.473  -4.610  1.00 12.62 ? 104 ASN A N   1 
ATOM   684  C CA  . ASN A 1 113 ? 9.550   -1.914  -3.249  1.00 13.37 ? 104 ASN A CA  1 
ATOM   685  C C   . ASN A 1 113 ? 8.312   -2.793  -3.230  1.00 15.55 ? 104 ASN A C   1 
ATOM   686  O O   . ASN A 1 113 ? 7.439   -2.659  -4.081  1.00 15.52 ? 104 ASN A O   1 
ATOM   687  C CB  . ASN A 1 113 ? 9.304   -0.714  -2.330  1.00 14.90 ? 104 ASN A CB  1 
ATOM   688  C CG  . ASN A 1 113 ? 10.585  -0.033  -1.891  1.00 19.40 ? 104 ASN A CG  1 
ATOM   689  O OD1 . ASN A 1 113 ? 11.640  -0.647  -1.835  1.00 23.67 ? 104 ASN A OD1 1 
ATOM   690  N ND2 . ASN A 1 113 ? 10.489  1.242   -1.548  1.00 27.43 ? 104 ASN A ND2 1 
ATOM   691  N N   . THR A 1 114 ? 8.240   -3.685  -2.252  1.00 15.27 ? 105 THR A N   1 
ATOM   692  C CA  . THR A 1 114 ? 7.009   -4.408  -1.974  1.00 13.67 ? 105 THR A CA  1 
ATOM   693  C C   . THR A 1 114 ? 6.619   -4.158  -0.527  1.00 14.62 ? 105 THR A C   1 
ATOM   694  O O   . THR A 1 114 ? 7.477   -3.853  0.309   1.00 14.96 ? 105 THR A O   1 
ATOM   695  C CB  . THR A 1 114 ? 7.162   -5.912  -2.217  1.00 15.60 ? 105 THR A CB  1 
ATOM   696  O OG1 . THR A 1 114 ? 8.206   -6.433  -1.388  1.00 14.36 ? 105 THR A OG1 1 
ATOM   697  C CG2 . THR A 1 114 ? 7.500   -6.169  -3.664  1.00 14.03 ? 105 THR A CG2 1 
ATOM   698  N N   . TYR A 1 115 ? 5.321   -4.268  -0.247  1.00 13.99 ? 106 TYR A N   1 
ATOM   699  C CA  . TYR A 1 115 ? 4.788   -4.089  1.100   1.00 13.02 ? 106 TYR A CA  1 
ATOM   700  C C   . TYR A 1 115 ? 3.988   -5.316  1.496   1.00 14.05 ? 106 TYR A C   1 
ATOM   701  O O   . TYR A 1 115 ? 2.871   -5.526  1.032   1.00 15.69 ? 106 TYR A O   1 
ATOM   702  C CB  . TYR A 1 115 ? 3.969   -2.790  1.183   1.00 13.22 ? 106 TYR A CB  1 
ATOM   703  C CG  . TYR A 1 115 ? 4.853   -1.616  0.871   1.00 13.87 ? 106 TYR A CG  1 
ATOM   704  C CD1 . TYR A 1 115 ? 5.571   -0.985  1.874   1.00 15.36 ? 106 TYR A CD1 1 
ATOM   705  C CD2 . TYR A 1 115 ? 5.033   -1.194  -0.439  1.00 14.06 ? 106 TYR A CD2 1 
ATOM   706  C CE1 . TYR A 1 115 ? 6.420   0.062   1.588   1.00 16.78 ? 106 TYR A CE1 1 
ATOM   707  C CE2 . TYR A 1 115 ? 5.880   -0.143  -0.737  1.00 16.08 ? 106 TYR A CE2 1 
ATOM   708  C CZ  . TYR A 1 115 ? 6.571   0.474   0.281   1.00 12.70 ? 106 TYR A CZ  1 
ATOM   709  O OH  . TYR A 1 115 ? 7.424   1.515   -0.013  1.00 17.64 ? 106 TYR A OH  1 
ATOM   710  N N   . ARG A 1 116 ? 4.593   -6.145  2.339   1.00 14.75 ? 107 ARG A N   1 
ATOM   711  C CA  . ARG A 1 116 ? 4.024   -7.433  2.699   1.00 13.41 ? 107 ARG A CA  1 
ATOM   712  C C   . ARG A 1 116 ? 3.483   -7.346  4.114   1.00 14.19 ? 107 ARG A C   1 
ATOM   713  O O   . ARG A 1 116 ? 4.157   -6.835  5.004   1.00 14.56 ? 107 ARG A O   1 
ATOM   714  C CB  . ARG A 1 116 ? 5.101   -8.515  2.608   1.00 14.59 ? 107 ARG A CB  1 
ATOM   715  C CG  . ARG A 1 116 ? 4.638   -9.926  2.891   1.00 15.99 ? 107 ARG A CG  1 
ATOM   716  C CD  . ARG A 1 116 ? 5.689   -10.955 2.415   1.00 17.55 ? 107 ARG A CD  1 
ATOM   717  N NE  . ARG A 1 116 ? 7.010   -10.753 3.009   1.00 20.11 ? 107 ARG A NE  1 
ATOM   718  C CZ  . ARG A 1 116 ? 7.405   -11.325 4.142   1.00 19.57 ? 107 ARG A CZ  1 
ATOM   719  N NH1 . ARG A 1 116 ? 6.574   -12.128 4.788   1.00 21.65 ? 107 ARG A NH1 1 
ATOM   720  N NH2 . ARG A 1 116 ? 8.621   -11.101 4.627   1.00 21.95 ? 107 ARG A NH2 1 
ATOM   721  N N   . SER A 1 117 ? 2.271   -7.848  4.321   1.00 12.87 ? 108 SER A N   1 
ATOM   722  C CA  . SER A 1 117 ? 1.617   -7.734  5.629   1.00 14.27 ? 108 SER A CA  1 
ATOM   723  C C   . SER A 1 117 ? 2.407   -8.429  6.723   1.00 13.24 ? 108 SER A C   1 
ATOM   724  O O   . SER A 1 117 ? 2.774   -9.596  6.592   1.00 15.96 ? 108 SER A O   1 
ATOM   725  C CB  . SER A 1 117 ? 0.186   -8.284  5.580   1.00 16.93 ? 108 SER A CB  1 
ATOM   726  O OG  . SER A 1 117 ? -0.321  -8.446  6.894   1.00 17.17 ? 108 SER A OG  1 
ATOM   727  N N   . ARG A 1 118 ? 2.676   -7.700  7.804   1.00 12.77 ? 109 ARG A N   1 
ATOM   728  C CA  . ARG A 1 118 ? 3.414   -8.273  8.926   1.00 14.96 ? 109 ARG A CA  1 
ATOM   729  C C   . ARG A 1 118 ? 2.577   -9.325  9.645   1.00 17.79 ? 109 ARG A C   1 
ATOM   730  O O   . ARG A 1 118 ? 3.118   -10.241 10.283  1.00 18.36 ? 109 ARG A O   1 
ATOM   731  C CB  . ARG A 1 118 ? 3.855   -7.182  9.896   1.00 13.48 ? 109 ARG A CB  1 
ATOM   732  C CG  . ARG A 1 118 ? 4.822   -7.705  10.946  1.00 16.06 ? 109 ARG A CG  1 
ATOM   733  C CD  . ARG A 1 118 ? 5.302   -6.627  11.868  1.00 19.14 ? 109 ARG A CD  1 
ATOM   734  N NE  . ARG A 1 118 ? 6.463   -7.085  12.615  1.00 16.54 ? 109 ARG A NE  1 
ATOM   735  C CZ  . ARG A 1 118 ? 6.964   -6.470  13.677  1.00 19.72 ? 109 ARG A CZ  1 
ATOM   736  N NH1 . ARG A 1 118 ? 6.398   -5.366  14.147  1.00 18.67 ? 109 ARG A NH1 1 
ATOM   737  N NH2 . ARG A 1 118 ? 8.030   -6.973  14.274  1.00 18.50 ? 109 ARG A NH2 1 
ATOM   738  N N   . LYS A 1 119 ? 1.257   -9.211  9.524   1.00 17.97 ? 110 LYS A N   1 
ATOM   739  C CA  . LYS A 1 119 ? 0.362   -10.136 10.203  1.00 18.71 ? 110 LYS A CA  1 
ATOM   740  C C   . LYS A 1 119 ? -0.008  -11.331 9.335   1.00 20.64 ? 110 LYS A C   1 
ATOM   741  O O   . LYS A 1 119 ? 0.030   -12.477 9.787   1.00 23.88 ? 110 LYS A O   1 
ATOM   742  C CB  . LYS A 1 119 ? -0.897  -9.419  10.678  1.00 22.09 ? 110 LYS A CB  1 
ATOM   743  C CG  . LYS A 1 119 ? -1.764  -10.300 11.556  1.00 28.78 ? 110 LYS A CG  1 
ATOM   744  C CD  . LYS A 1 119 ? -2.763  -9.485  12.331  1.00 27.06 ? 110 LYS A CD  1 
ATOM   745  C CE  . LYS A 1 119 ? -3.486  -10.343 13.348  1.00 30.66 ? 110 LYS A CE  1 
ATOM   746  N NZ  . LYS A 1 119 ? -4.662  -9.629  13.914  1.00 35.12 ? 110 LYS A NZ  1 
ATOM   747  N N   . TYR A 1 120 ? -0.363  -11.058 8.082   1.00 17.52 ? 111 TYR A N   1 
ATOM   748  C CA  . TYR A 1 120 ? -0.725  -12.100 7.128   1.00 17.15 ? 111 TYR A CA  1 
ATOM   749  C C   . TYR A 1 120 ? 0.404   -12.194 6.110   1.00 17.86 ? 111 TYR A C   1 
ATOM   750  O O   . TYR A 1 120 ? 0.377   -11.578 5.050   1.00 17.45 ? 111 TYR A O   1 
ATOM   751  C CB  . TYR A 1 120 ? -2.077  -11.764 6.491   1.00 20.32 ? 111 TYR A CB  1 
ATOM   752  C CG  . TYR A 1 120 ? -3.112  -11.422 7.543   1.00 21.02 ? 111 TYR A CG  1 
ATOM   753  C CD1 . TYR A 1 120 ? -3.615  -12.403 8.384   1.00 23.87 ? 111 TYR A CD1 1 
ATOM   754  C CD2 . TYR A 1 120 ? -3.566  -10.116 7.715   1.00 19.26 ? 111 TYR A CD2 1 
ATOM   755  C CE1 . TYR A 1 120 ? -4.550  -12.107 9.358   1.00 24.78 ? 111 TYR A CE1 1 
ATOM   756  C CE2 . TYR A 1 120 ? -4.502  -9.807  8.694   1.00 20.03 ? 111 TYR A CE2 1 
ATOM   757  C CZ  . TYR A 1 120 ? -4.983  -10.807 9.516   1.00 23.67 ? 111 TYR A CZ  1 
ATOM   758  O OH  . TYR A 1 120 ? -5.916  -10.520 10.488  1.00 25.38 ? 111 TYR A OH  1 
ATOM   759  N N   . THR A 1 121 ? 1.412   -12.978 6.464   1.00 16.84 ? 112 THR A N   1 
ATOM   760  C CA  . THR A 1 121 ? 2.750   -12.796 5.917   1.00 17.32 ? 112 THR A CA  1 
ATOM   761  C C   . THR A 1 121 ? 2.992   -13.282 4.488   1.00 18.19 ? 112 THR A C   1 
ATOM   762  O O   . THR A 1 121 ? 4.102   -13.144 3.981   1.00 20.04 ? 112 THR A O   1 
ATOM   763  C CB  . THR A 1 121 ? 3.798   -13.419 6.847   1.00 21.05 ? 112 THR A CB  1 
ATOM   764  O OG1 . THR A 1 121 ? 3.485   -14.802 7.055   1.00 25.16 ? 112 THR A OG1 1 
ATOM   765  C CG2 . THR A 1 121 ? 3.808   -12.693 8.192   1.00 20.49 ? 112 THR A CG2 1 
ATOM   766  N N   . SER A 1 122 ? 1.973   -13.856 3.851   1.00 20.83 ? 113 SER A N   1 
ATOM   767  C CA  . SER A 1 122 ? 2.086   -14.280 2.458   1.00 17.13 ? 113 SER A CA  1 
ATOM   768  C C   . SER A 1 122 ? 1.425   -13.281 1.514   1.00 18.14 ? 113 SER A C   1 
ATOM   769  O O   . SER A 1 122 ? 1.442   -13.456 0.290   1.00 19.97 ? 113 SER A O   1 
ATOM   770  C CB  . SER A 1 122 ? 1.434   -15.649 2.264   1.00 18.88 ? 113 SER A CB  1 
ATOM   771  O OG  . SER A 1 122 ? 2.096   -16.648 3.014   1.00 26.72 ? 113 SER A OG  1 
ATOM   772  N N   . TRP A 1 123 ? 0.839   -12.237 2.091   1.00 17.17 ? 114 TRP A N   1 
ATOM   773  C CA  . TRP A 1 123 ? 0.016   -11.314 1.320   1.00 18.52 ? 114 TRP A CA  1 
ATOM   774  C C   . TRP A 1 123 ? 0.606   -9.907  1.179   1.00 16.72 ? 114 TRP A C   1 
ATOM   775  O O   . TRP A 1 123 ? 1.164   -9.348  2.126   1.00 16.78 ? 114 TRP A O   1 
ATOM   776  C CB  . TRP A 1 123 ? -1.378  -11.243 1.926   1.00 20.24 ? 114 TRP A CB  1 
ATOM   777  C CG  . TRP A 1 123 ? -2.096  -12.551 1.947   1.00 19.26 ? 114 TRP A CG  1 
ATOM   778  C CD1 . TRP A 1 123 ? -1.766  -13.687 1.268   1.00 20.45 ? 114 TRP A CD1 1 
ATOM   779  C CD2 . TRP A 1 123 ? -3.270  -12.861 2.707   1.00 20.88 ? 114 TRP A CD2 1 
ATOM   780  N NE1 . TRP A 1 123 ? -2.672  -14.683 1.552   1.00 23.23 ? 114 TRP A NE1 1 
ATOM   781  C CE2 . TRP A 1 123 ? -3.606  -14.199 2.430   1.00 20.57 ? 114 TRP A CE2 1 
ATOM   782  C CE3 . TRP A 1 123 ? -4.074  -12.128 3.587   1.00 20.75 ? 114 TRP A CE3 1 
ATOM   783  C CZ2 . TRP A 1 123 ? -4.713  -14.827 3.012   1.00 24.02 ? 114 TRP A CZ2 1 
ATOM   784  C CZ3 . TRP A 1 123 ? -5.171  -12.749 4.165   1.00 22.32 ? 114 TRP A CZ3 1 
ATOM   785  C CH2 . TRP A 1 123 ? -5.479  -14.085 3.876   1.00 21.70 ? 114 TRP A CH2 1 
ATOM   786  N N   . TYR A 1 124 ? 0.458   -9.342  -0.017  1.00 14.75 ? 115 TYR A N   1 
ATOM   787  C CA  . TYR A 1 124 ? 1.049   -8.057  -0.364  1.00 13.67 ? 115 TYR A CA  1 
ATOM   788  C C   . TYR A 1 124 ? -0.002  -7.003  -0.668  1.00 12.82 ? 115 TYR A C   1 
ATOM   789  O O   . TYR A 1 124 ? -1.080  -7.313  -1.185  1.00 14.02 ? 115 TYR A O   1 
ATOM   790  C CB  . TYR A 1 124 ? 1.891   -8.209  -1.629  1.00 11.74 ? 115 TYR A CB  1 
ATOM   791  C CG  . TYR A 1 124 ? 3.153   -9.016  -1.480  1.00 14.26 ? 115 TYR A CG  1 
ATOM   792  C CD1 . TYR A 1 124 ? 3.134   -10.403 -1.593  1.00 14.32 ? 115 TYR A CD1 1 
ATOM   793  C CD2 . TYR A 1 124 ? 4.372   -8.389  -1.278  1.00 11.52 ? 115 TYR A CD2 1 
ATOM   794  C CE1 . TYR A 1 124 ? 4.298   -11.140 -1.474  1.00 14.65 ? 115 TYR A CE1 1 
ATOM   795  C CE2 . TYR A 1 124 ? 5.543   -9.123  -1.162  1.00 15.10 ? 115 TYR A CE2 1 
ATOM   796  C CZ  . TYR A 1 124 ? 5.498   -10.494 -1.261  1.00 17.11 ? 115 TYR A CZ  1 
ATOM   797  O OH  . TYR A 1 124 ? 6.663   -11.227 -1.140  1.00 17.55 ? 115 TYR A OH  1 
ATOM   798  N N   . VAL A 1 125 ? 0.333   -5.754  -0.340  1.00 11.99 ? 116 VAL A N   1 
ATOM   799  C CA  . VAL A 1 125 ? -0.383  -4.580  -0.837  1.00 12.47 ? 116 VAL A CA  1 
ATOM   800  C C   . VAL A 1 125 ? -0.217  -4.575  -2.348  1.00 11.71 ? 116 VAL A C   1 
ATOM   801  O O   . VAL A 1 125 ? 0.906   -4.723  -2.860  1.00 13.10 ? 116 VAL A O   1 
ATOM   802  C CB  . VAL A 1 125 ? 0.217   -3.279  -0.265  1.00 10.64 ? 116 VAL A CB  1 
ATOM   803  C CG1 . VAL A 1 125 ? -0.493  -2.061  -0.853  1.00 12.01 ? 116 VAL A CG1 1 
ATOM   804  C CG2 . VAL A 1 125 ? 0.117   -3.258  1.268   1.00 10.66 ? 116 VAL A CG2 1 
ATOM   805  N N   . ALA A 1 126 ? -1.316  -4.424  -3.080  1.00 9.97  ? 117 ALA A N   1 
ATOM   806  C CA  . ALA A 1 126 ? -1.260  -4.588  -4.527  1.00 9.91  ? 117 ALA A CA  1 
ATOM   807  C C   . ALA A 1 126 ? -2.397  -3.858  -5.219  1.00 12.15 ? 117 ALA A C   1 
ATOM   808  O O   . ALA A 1 126 ? -3.486  -3.750  -4.667  1.00 15.28 ? 117 ALA A O   1 
ATOM   809  C CB  . ALA A 1 126 ? -1.309  -6.056  -4.874  1.00 12.79 ? 117 ALA A CB  1 
ATOM   810  N N   . LEU A 1 127 ? -2.148  -3.382  -6.436  1.00 11.64 ? 118 LEU A N   1 
ATOM   811  C CA  . LEU A 1 127 ? -3.204  -2.799  -7.263  1.00 11.58 ? 118 LEU A CA  1 
ATOM   812  C C   . LEU A 1 127 ? -3.356  -3.573  -8.551  1.00 13.58 ? 118 LEU A C   1 
ATOM   813  O O   . LEU A 1 127 ? -2.373  -3.990  -9.154  1.00 12.42 ? 118 LEU A O   1 
ATOM   814  C CB  . LEU A 1 127 ? -2.902  -1.339  -7.601  1.00 12.35 ? 118 LEU A CB  1 
ATOM   815  C CG  . LEU A 1 127 ? -2.838  -0.346  -6.438  1.00 14.67 ? 118 LEU A CG  1 
ATOM   816  C CD1 . LEU A 1 127 ? -2.417  1.014   -6.954  1.00 15.97 ? 118 LEU A CD1 1 
ATOM   817  C CD2 . LEU A 1 127 ? -4.168  -0.240  -5.705  1.00 16.98 ? 118 LEU A CD2 1 
ATOM   818  N N   . LYS A 1 128 ? -4.602  -3.753  -8.971  1.00 12.92 ? 119 LYS A N   1 
ATOM   819  C CA  . LYS A 1 128 ? -4.889  -4.384  -10.262 1.00 11.92 ? 119 LYS A CA  1 
ATOM   820  C C   . LYS A 1 128 ? -4.820  -3.374  -11.402 1.00 16.05 ? 119 LYS A C   1 
ATOM   821  O O   . LYS A 1 128 ? -4.785  -2.154  -11.171 1.00 14.51 ? 119 LYS A O   1 
ATOM   822  C CB  . LYS A 1 128 ? -6.291  -5.003  -10.227 1.00 14.73 ? 119 LYS A CB  1 
ATOM   823  C CG  . LYS A 1 128 ? -6.452  -6.006  -9.106  1.00 17.41 ? 119 LYS A CG  1 
ATOM   824  C CD  . LYS A 1 128 ? -7.722  -6.838  -9.209  1.00 21.64 ? 119 LYS A CD  1 
ATOM   825  C CE  . LYS A 1 128 ? -8.962  -6.077  -8.831  1.00 24.60 ? 119 LYS A CE  1 
ATOM   826  N NZ  . LYS A 1 128 ? -10.166 -6.952  -8.992  1.00 30.97 ? 119 LYS A NZ  1 
ATOM   827  N N   . ARG A 1 129 ? -4.830  -3.885  -12.631 1.00 15.59 ? 120 ARG A N   1 
ATOM   828  C CA  . ARG A 1 129 ? -4.775  -3.044  -13.829 1.00 18.91 ? 120 ARG A CA  1 
ATOM   829  C C   . ARG A 1 129 ? -5.960  -2.109  -14.000 1.00 20.07 ? 120 ARG A C   1 
ATOM   830  O O   . ARG A 1 129 ? -5.888  -1.167  -14.781 1.00 23.10 ? 120 ARG A O   1 
ATOM   831  C CB  . ARG A 1 129 ? -4.652  -3.901  -15.085 1.00 19.08 ? 120 ARG A CB  1 
ATOM   832  C CG  . ARG A 1 129 ? -3.269  -4.369  -15.325 1.00 24.77 ? 120 ARG A CG  1 
ATOM   833  C CD  . ARG A 1 129 ? -2.293  -3.201  -15.296 1.00 26.91 ? 120 ARG A CD  1 
ATOM   834  N NE  . ARG A 1 129 ? -2.389  -2.370  -16.493 1.00 30.63 ? 120 ARG A NE  1 
ATOM   835  C CZ  . ARG A 1 129 ? -1.811  -2.659  -17.656 1.00 29.28 ? 120 ARG A CZ  1 
ATOM   836  N NH1 . ARG A 1 129 ? -1.101  -3.773  -17.793 1.00 30.62 ? 120 ARG A NH1 1 
ATOM   837  N NH2 . ARG A 1 129 ? -1.951  -1.838  -18.689 1.00 34.33 ? 120 ARG A NH2 1 
ATOM   838  N N   . THR A 1 130 ? -7.045  -2.394  -13.286 1.00 19.05 ? 121 THR A N   1 
ATOM   839  C CA  . THR A 1 130 ? -8.257  -1.580  -13.317 1.00 18.06 ? 121 THR A CA  1 
ATOM   840  C C   . THR A 1 130 ? -8.178  -0.400  -12.360 1.00 21.19 ? 121 THR A C   1 
ATOM   841  O O   . THR A 1 130 ? -9.036  0.483   -12.389 1.00 23.06 ? 121 THR A O   1 
ATOM   842  C CB  . THR A 1 130 ? -9.488  -2.413  -12.948 1.00 19.33 ? 121 THR A CB  1 
ATOM   843  O OG1 . THR A 1 130 ? -9.308  -2.984  -11.646 1.00 20.09 ? 121 THR A OG1 1 
ATOM   844  C CG2 . THR A 1 130 ? -9.685  -3.531  -13.959 1.00 22.69 ? 121 THR A CG2 1 
ATOM   845  N N   . GLY A 1 131 ? -7.155  -0.397  -11.505 1.00 16.40 ? 122 GLY A N   1 
ATOM   846  C CA  . GLY A 1 131 ? -6.985  0.650   -10.508 1.00 17.05 ? 122 GLY A CA  1 
ATOM   847  C C   . GLY A 1 131 ? -7.669  0.312   -9.195  1.00 17.87 ? 122 GLY A C   1 
ATOM   848  O O   . GLY A 1 131 ? -7.612  1.077   -8.234  1.00 21.70 ? 122 GLY A O   1 
ATOM   849  N N   . GLN A 1 132 ? -8.352  -0.825  -9.174  1.00 14.89 ? 123 GLN A N   1 
ATOM   850  C CA  . GLN A 1 132 ? -8.944  -1.364  -7.957  1.00 16.01 ? 123 GLN A CA  1 
ATOM   851  C C   . GLN A 1 132 ? -7.866  -2.154  -7.204  1.00 16.50 ? 123 GLN A C   1 
ATOM   852  O O   . GLN A 1 132 ? -7.003  -2.769  -7.832  1.00 18.93 ? 123 GLN A O   1 
ATOM   853  C CB  . GLN A 1 132 ? -10.114 -2.264  -8.355  1.00 22.21 ? 123 GLN A CB  1 
ATOM   854  C CG  . GLN A 1 132 ? -10.770 -3.063  -7.254  1.00 27.38 ? 123 GLN A CG  1 
ATOM   855  C CD  . GLN A 1 132 ? -11.705 -4.123  -7.814  1.00 29.63 ? 123 GLN A CD  1 
ATOM   856  O OE1 . GLN A 1 132 ? -11.973 -4.157  -9.018  1.00 39.55 ? 123 GLN A OE1 1 
ATOM   857  N NE2 . GLN A 1 132 ? -12.190 -5.005  -6.949  1.00 31.04 ? 123 GLN A NE2 1 
ATOM   858  N N   . TYR A 1 133 ? -7.882  -2.138  -5.870  1.00 14.18 ? 124 TYR A N   1 
ATOM   859  C CA  . TYR A 1 133 ? -6.902  -2.951  -5.136  1.00 13.62 ? 124 TYR A CA  1 
ATOM   860  C C   . TYR A 1 133 ? -7.087  -4.457  -5.390  1.00 15.12 ? 124 TYR A C   1 
ATOM   861  O O   . TYR A 1 133 ? -8.186  -4.926  -5.705  1.00 14.82 ? 124 TYR A O   1 
ATOM   862  C CB  . TYR A 1 133 ? -6.866  -2.608  -3.632  1.00 15.41 ? 124 TYR A CB  1 
ATOM   863  C CG  . TYR A 1 133 ? -7.908  -3.287  -2.764  1.00 14.76 ? 124 TYR A CG  1 
ATOM   864  C CD1 . TYR A 1 133 ? -7.740  -4.594  -2.336  1.00 14.00 ? 124 TYR A CD1 1 
ATOM   865  C CD2 . TYR A 1 133 ? -9.050  -2.607  -2.355  1.00 16.15 ? 124 TYR A CD2 1 
ATOM   866  C CE1 . TYR A 1 133 ? -8.674  -5.216  -1.543  1.00 15.38 ? 124 TYR A CE1 1 
ATOM   867  C CE2 . TYR A 1 133 ? -9.989  -3.217  -1.551  1.00 18.83 ? 124 TYR A CE2 1 
ATOM   868  C CZ  . TYR A 1 133 ? -9.792  -4.525  -1.150  1.00 15.63 ? 124 TYR A CZ  1 
ATOM   869  O OH  . TYR A 1 133 ? -10.711 -5.161  -0.345  1.00 17.32 ? 124 TYR A OH  1 
ATOM   870  N N   . LYS A 1 134 ? -5.989  -5.199  -5.283  1.00 15.23 ? 125 LYS A N   1 
ATOM   871  C CA  . LYS A 1 134 ? -6.005  -6.641  -5.465  1.00 15.62 ? 125 LYS A CA  1 
ATOM   872  C C   . LYS A 1 134 ? -6.088  -7.324  -4.102  1.00 14.71 ? 125 LYS A C   1 
ATOM   873  O O   . LYS A 1 134 ? -5.327  -6.984  -3.189  1.00 15.73 ? 125 LYS A O   1 
ATOM   874  C CB  . LYS A 1 134 ? -4.733  -7.065  -6.205  1.00 13.28 ? 125 LYS A CB  1 
ATOM   875  C CG  . LYS A 1 134 ? -4.789  -8.455  -6.780  1.00 14.84 ? 125 LYS A CG  1 
ATOM   876  C CD  . LYS A 1 134 ? -3.695  -8.644  -7.808  1.00 15.81 ? 125 LYS A CD  1 
ATOM   877  C CE  . LYS A 1 134 ? -3.767  -10.027 -8.407  1.00 19.05 ? 125 LYS A CE  1 
ATOM   878  N NZ  . LYS A 1 134 ? -2.686  -10.271 -9.410  1.00 16.60 ? 125 LYS A NZ  1 
ATOM   879  N N   . LEU A 1 135 ? -7.028  -8.258  -3.943  1.00 13.71 ? 126 LEU A N   1 
ATOM   880  C CA  . LEU A 1 135 ? -7.180  -8.982  -2.672  1.00 14.64 ? 126 LEU A CA  1 
ATOM   881  C C   . LEU A 1 135 ? -5.843  -9.626  -2.288  1.00 17.21 ? 126 LEU A C   1 
ATOM   882  O O   . LEU A 1 135 ? -5.195  -10.238 -3.125  1.00 16.71 ? 126 LEU A O   1 
ATOM   883  C CB  . LEU A 1 135 ? -8.283  -10.040 -2.775  1.00 16.96 ? 126 LEU A CB  1 
ATOM   884  C CG  . LEU A 1 135 ? -8.991  -10.514 -1.503  1.00 22.44 ? 126 LEU A CG  1 
ATOM   885  C CD1 . LEU A 1 135 ? -9.806  -9.384  -0.863  1.00 20.25 ? 126 LEU A CD1 1 
ATOM   886  C CD2 . LEU A 1 135 ? -9.901  -11.699 -1.807  1.00 28.62 ? 126 LEU A CD2 1 
ATOM   887  N N   . GLY A 1 136 ? -5.427  -9.449  -1.034  1.00 16.47 ? 127 GLY A N   1 
ATOM   888  C CA  . GLY A 1 136 ? -4.131  -9.922  -0.563  1.00 16.25 ? 127 GLY A CA  1 
ATOM   889  C C   . GLY A 1 136 ? -3.885  -11.389 -0.852  1.00 17.25 ? 127 GLY A C   1 
ATOM   890  O O   . GLY A 1 136 ? -2.772  -11.783 -1.219  1.00 15.64 ? 127 GLY A O   1 
ATOM   891  N N   . SER A 1 137 ? -4.934  -12.192 -0.707  1.00 17.63 ? 128 SER A N   1 
ATOM   892  C CA  . SER A 1 137 ? -4.838  -13.634 -0.913  1.00 20.42 ? 128 SER A CA  1 
ATOM   893  C C   . SER A 1 137 ? -4.580  -14.014 -2.373  1.00 20.10 ? 128 SER A C   1 
ATOM   894  O O   . SER A 1 137 ? -4.288  -15.176 -2.679  1.00 20.16 ? 128 SER A O   1 
ATOM   895  C CB  . SER A 1 137 ? -6.111  -14.313 -0.416  1.00 23.81 ? 128 SER A CB  1 
ATOM   896  O OG  . SER A 1 137 ? -7.245  -13.809 -1.091  1.00 25.96 ? 128 SER A OG  1 
ATOM   897  N N   . LYS A 1 138 ? -4.681  -13.045 -3.278  1.00 16.95 ? 129 LYS A N   1 
ATOM   898  C CA  . LYS A 1 138 ? -4.439  -13.293 -4.695  1.00 18.93 ? 129 LYS A CA  1 
ATOM   899  C C   . LYS A 1 138 ? -3.088  -12.765 -5.176  1.00 17.86 ? 129 LYS A C   1 
ATOM   900  O O   . LYS A 1 138 ? -2.785  -12.812 -6.367  1.00 17.35 ? 129 LYS A O   1 
ATOM   901  C CB  . LYS A 1 138 ? -5.563  -12.671 -5.524  1.00 17.88 ? 129 LYS A CB  1 
ATOM   902  C CG  . LYS A 1 138 ? -6.946  -13.211 -5.169  1.00 24.09 ? 129 LYS A CG  1 
ATOM   903  C CD  . LYS A 1 138 ? -7.981  -12.864 -6.214  1.00 28.35 ? 129 LYS A CD  1 
ATOM   904  C CE  . LYS A 1 138 ? -9.357  -13.374 -5.797  1.00 38.46 ? 129 LYS A CE  1 
ATOM   905  N NZ  . LYS A 1 138 ? -10.393 -13.145 -6.852  1.00 42.76 ? 129 LYS A NZ  1 
ATOM   906  N N   . THR A 1 139 ? -2.286  -12.253 -4.248  1.00 14.52 ? 130 THR A N   1 
ATOM   907  C CA  . THR A 1 139 ? -1.010  -11.634 -4.585  1.00 12.51 ? 130 THR A CA  1 
ATOM   908  C C   . THR A 1 139 ? 0.150   -12.590 -4.306  1.00 14.82 ? 130 THR A C   1 
ATOM   909  O O   . THR A 1 139 ? -0.025  -13.596 -3.623  1.00 18.08 ? 130 THR A O   1 
ATOM   910  C CB  . THR A 1 139 ? -0.780  -10.356 -3.739  1.00 13.79 ? 130 THR A CB  1 
ATOM   911  O OG1 . THR A 1 139 ? -0.567  -10.718 -2.366  1.00 14.31 ? 130 THR A OG1 1 
ATOM   912  C CG2 . THR A 1 139 ? -1.969  -9.425  -3.818  1.00 16.42 ? 130 THR A CG2 1 
ATOM   913  N N   . GLY A 1 140 ? 1.330   -12.262 -4.828  1.00 14.50 ? 131 GLY A N   1 
ATOM   914  C CA  . GLY A 1 140 ? 2.543   -13.015 -4.529  1.00 12.17 ? 131 GLY A CA  1 
ATOM   915  C C   . GLY A 1 140 ? 3.702   -12.557 -5.392  1.00 15.36 ? 131 GLY A C   1 
ATOM   916  O O   . GLY A 1 140 ? 3.522   -11.788 -6.337  1.00 16.90 ? 131 GLY A O   1 
ATOM   917  N N   . PRO A 1 141 ? 4.913   -13.045 -5.090  1.00 15.06 ? 132 PRO A N   1 
ATOM   918  C CA  . PRO A 1 141 ? 6.106   -12.676 -5.861  1.00 16.91 ? 132 PRO A CA  1 
ATOM   919  C C   . PRO A 1 141 ? 5.984   -13.008 -7.342  1.00 18.53 ? 132 PRO A C   1 
ATOM   920  O O   . PRO A 1 141 ? 5.479   -14.079 -7.706  1.00 19.78 ? 132 PRO A O   1 
ATOM   921  C CB  . PRO A 1 141 ? 7.205   -13.554 -5.247  1.00 19.91 ? 132 PRO A CB  1 
ATOM   922  C CG  . PRO A 1 141 ? 6.701   -13.912 -3.886  1.00 23.33 ? 132 PRO A CG  1 
ATOM   923  C CD  . PRO A 1 141 ? 5.213   -14.008 -4.018  1.00 21.26 ? 132 PRO A CD  1 
ATOM   924  N N   . GLY A 1 142 ? 6.473   -12.105 -8.185  1.00 17.93 ? 133 GLY A N   1 
ATOM   925  C CA  . GLY A 1 142 ? 6.426   -12.287 -9.622  1.00 19.84 ? 133 GLY A CA  1 
ATOM   926  C C   . GLY A 1 142 ? 5.317   -11.472 -10.260 1.00 17.60 ? 133 GLY A C   1 
ATOM   927  O O   . GLY A 1 142 ? 5.332   -11.226 -11.471 1.00 22.48 ? 133 GLY A O   1 
ATOM   928  N N   . GLN A 1 143 ? 4.353   -11.051 -9.443  1.00 14.18 ? 134 GLN A N   1 
ATOM   929  C CA  . GLN A 1 143 ? 3.257   -10.220 -9.943  1.00 16.65 ? 134 GLN A CA  1 
ATOM   930  C C   . GLN A 1 143 ? 3.664   -8.759  -10.034 1.00 17.14 ? 134 GLN A C   1 
ATOM   931  O O   . GLN A 1 143 ? 4.347   -8.233  -9.153  1.00 15.26 ? 134 GLN A O   1 
ATOM   932  C CB  . GLN A 1 143 ? 2.020   -10.329 -9.046  1.00 14.97 ? 134 GLN A CB  1 
ATOM   933  C CG  . GLN A 1 143 ? 1.349   -11.680 -9.035  1.00 13.06 ? 134 GLN A CG  1 
ATOM   934  C CD  . GLN A 1 143 ? 0.083   -11.675 -8.211  1.00 15.65 ? 134 GLN A CD  1 
ATOM   935  O OE1 . GLN A 1 143 ? -0.353  -10.621 -7.742  1.00 13.90 ? 134 GLN A OE1 1 
ATOM   936  N NE2 . GLN A 1 143 ? -0.511  -12.840 -8.022  1.00 14.61 ? 134 GLN A NE2 1 
ATOM   937  N N   . LYS A 1 144 ? 3.228   -8.107  -11.102 1.00 15.93 ? 135 LYS A N   1 
ATOM   938  C CA  . LYS A 1 144 ? 3.451   -6.686  -11.286 1.00 14.63 ? 135 LYS A CA  1 
ATOM   939  C C   . LYS A 1 144 ? 2.674   -5.901  -10.235 1.00 13.05 ? 135 LYS A C   1 
ATOM   940  O O   . LYS A 1 144 ? 3.086   -4.824  -9.822  1.00 12.90 ? 135 LYS A O   1 
ATOM   941  C CB  . LYS A 1 144 ? 2.941   -6.296  -12.669 1.00 19.19 ? 135 LYS A CB  1 
ATOM   942  C CG  . LYS A 1 144 ? 3.778   -5.284  -13.413 1.00 25.06 ? 135 LYS A CG  1 
ATOM   943  C CD  . LYS A 1 144 ? 3.705   -5.603  -14.903 1.00 28.26 ? 135 LYS A CD  1 
ATOM   944  C CE  . LYS A 1 144 ? 4.560   -4.677  -15.732 1.00 35.10 ? 135 LYS A CE  1 
ATOM   945  N NZ  . LYS A 1 144 ? 4.209   -4.811  -17.177 1.00 33.49 ? 135 LYS A NZ  1 
ATOM   946  N N   . ALA A 1 145 ? 1.544   -6.467  -9.814  1.00 16.63 ? 136 ALA A N   1 
ATOM   947  C CA  . ALA A 1 145 ? 0.600   -5.794  -8.916  1.00 13.81 ? 136 ALA A CA  1 
ATOM   948  C C   . ALA A 1 145 ? 1.213   -5.349  -7.598  1.00 14.05 ? 136 ALA A C   1 
ATOM   949  O O   . ALA A 1 145 ? 0.736   -4.397  -6.987  1.00 12.38 ? 136 ALA A O   1 
ATOM   950  C CB  . ALA A 1 145 ? -0.619  -6.674  -8.646  1.00 13.10 ? 136 ALA A CB  1 
ATOM   951  N N   . ILE A 1 146 ? 2.253   -6.050  -7.152  1.00 13.63 ? 137 ILE A N   1 
ATOM   952  C CA  . ILE A 1 146 ? 2.815   -5.820  -5.821  1.00 11.41 ? 137 ILE A CA  1 
ATOM   953  C C   . ILE A 1 146 ? 3.995   -4.845  -5.829  1.00 12.53 ? 137 ILE A C   1 
ATOM   954  O O   . ILE A 1 146 ? 4.586   -4.566  -4.789  1.00 12.55 ? 137 ILE A O   1 
ATOM   955  C CB  . ILE A 1 146 ? 3.249   -7.156  -5.163  1.00 12.51 ? 137 ILE A CB  1 
ATOM   956  C CG1 . ILE A 1 146 ? 4.502   -7.722  -5.831  1.00 12.18 ? 137 ILE A CG1 1 
ATOM   957  C CG2 . ILE A 1 146 ? 2.098   -8.164  -5.176  1.00 13.53 ? 137 ILE A CG2 1 
ATOM   958  C CD1 . ILE A 1 146 ? 5.107   -8.911  -5.065  1.00 14.01 ? 137 ILE A CD1 1 
ATOM   959  N N   . LEU A 1 147 ? 4.362   -4.343  -7.003  1.00 11.40 ? 138 LEU A N   1 
ATOM   960  C CA  . LEU A 1 147 ? 5.591   -3.553  -7.106  1.00 12.71 ? 138 LEU A CA  1 
ATOM   961  C C   . LEU A 1 147 ? 5.309   -2.060  -7.066  1.00 14.47 ? 138 LEU A C   1 
ATOM   962  O O   . LEU A 1 147 ? 4.518   -1.562  -7.869  1.00 14.28 ? 138 LEU A O   1 
ATOM   963  C CB  . LEU A 1 147 ? 6.337   -3.896  -8.390  1.00 12.87 ? 138 LEU A CB  1 
ATOM   964  C CG  . LEU A 1 147 ? 6.766   -5.352  -8.546  1.00 14.14 ? 138 LEU A CG  1 
ATOM   965  C CD1 . LEU A 1 147 ? 7.301   -5.589  -9.952  1.00 17.27 ? 138 LEU A CD1 1 
ATOM   966  C CD2 . LEU A 1 147 ? 7.804   -5.752  -7.504  1.00 14.59 ? 138 LEU A CD2 1 
ATOM   967  N N   . PHE A 1 148 ? 5.962   -1.350  -6.144  1.00 13.43 ? 139 PHE A N   1 
ATOM   968  C CA  . PHE A 1 148 ? 5.744   0.097   -6.006  1.00 12.56 ? 139 PHE A CA  1 
ATOM   969  C C   . PHE A 1 148 ? 7.058   0.874   -5.968  1.00 17.38 ? 139 PHE A C   1 
ATOM   970  O O   . PHE A 1 148 ? 8.039   0.416   -5.375  1.00 20.30 ? 139 PHE A O   1 
ATOM   971  C CB  . PHE A 1 148 ? 4.964   0.417   -4.722  1.00 14.83 ? 139 PHE A CB  1 
ATOM   972  C CG  . PHE A 1 148 ? 3.571   -0.131  -4.701  1.00 13.79 ? 139 PHE A CG  1 
ATOM   973  C CD1 . PHE A 1 148 ? 3.340   -1.446  -4.325  1.00 12.50 ? 139 PHE A CD1 1 
ATOM   974  C CD2 . PHE A 1 148 ? 2.485   0.674   -5.034  1.00 11.69 ? 139 PHE A CD2 1 
ATOM   975  C CE1 . PHE A 1 148 ? 2.061   -1.970  -4.297  1.00 11.94 ? 139 PHE A CE1 1 
ATOM   976  C CE2 . PHE A 1 148 ? 1.188   0.162   -5.011  1.00 13.27 ? 139 PHE A CE2 1 
ATOM   977  C CZ  . PHE A 1 148 ? 0.969   -1.159  -4.646  1.00 13.02 ? 139 PHE A CZ  1 
ATOM   978  N N   . LEU A 1 149 ? 7.074   2.054   -6.590  1.00 17.51 ? 140 LEU A N   1 
ATOM   979  C CA  . LEU A 1 149 ? 8.196   2.986   -6.451  1.00 18.75 ? 140 LEU A CA  1 
ATOM   980  C C   . LEU A 1 149 ? 7.738   4.164   -5.624  1.00 17.88 ? 140 LEU A C   1 
ATOM   981  O O   . LEU A 1 149 ? 6.874   4.911   -6.064  1.00 18.18 ? 140 LEU A O   1 
ATOM   982  C CB  . LEU A 1 149 ? 8.616   3.563   -7.802  1.00 21.72 ? 140 LEU A CB  1 
ATOM   983  C CG  . LEU A 1 149 ? 9.286   2.787   -8.916  1.00 29.52 ? 140 LEU A CG  1 
ATOM   984  C CD1 . LEU A 1 149 ? 9.495   3.714   -10.107 1.00 33.45 ? 140 LEU A CD1 1 
ATOM   985  C CD2 . LEU A 1 149 ? 10.602  2.190   -8.454  1.00 26.23 ? 140 LEU A CD2 1 
ATOM   986  N N   . PRO A 1 150 ? 8.312   4.351   -4.429  1.00 17.59 ? 141 PRO A N   1 
ATOM   987  C CA  . PRO A 1 150 ? 7.987   5.576   -3.692  1.00 17.31 ? 141 PRO A CA  1 
ATOM   988  C C   . PRO A 1 150 ? 8.626   6.787   -4.354  1.00 23.65 ? 141 PRO A C   1 
ATOM   989  O O   . PRO A 1 150 ? 9.772   6.712   -4.804  1.00 24.54 ? 141 PRO A O   1 
ATOM   990  C CB  . PRO A 1 150 ? 8.620   5.351   -2.313  1.00 21.37 ? 141 PRO A CB  1 
ATOM   991  C CG  . PRO A 1 150 ? 8.891   3.892   -2.235  1.00 20.99 ? 141 PRO A CG  1 
ATOM   992  C CD  . PRO A 1 150 ? 9.160   3.444   -3.642  1.00 18.68 ? 141 PRO A CD  1 
ATOM   993  N N   . MET A 1 151 ? 7.883   7.889   -4.421  1.00 21.03 ? 142 MET A N   1 
ATOM   994  C CA  . MET A 1 151 ? 8.397   9.127   -4.987  1.00 22.82 ? 142 MET A CA  1 
ATOM   995  C C   . MET A 1 151 ? 7.952   10.272  -4.096  1.00 26.69 ? 142 MET A C   1 
ATOM   996  O O   . MET A 1 151 ? 6.976   10.143  -3.359  1.00 22.46 ? 142 MET A O   1 
ATOM   997  C CB  . MET A 1 151 ? 7.835   9.365   -6.390  1.00 24.85 ? 142 MET A CB  1 
ATOM   998  C CG  . MET A 1 151 ? 7.648   8.126   -7.251  1.00 28.54 ? 142 MET A CG  1 
ATOM   999  S SD  . MET A 1 151 ? 6.835   8.513   -8.814  1.00 36.26 ? 142 MET A SD  1 
ATOM   1000 C CE  . MET A 1 151 ? 7.437   7.172   -9.830  1.00 37.50 ? 142 MET A CE  1 
ATOM   1001 N N   . SER A 1 152 ? 8.664   11.393  -4.168  1.00 30.80 ? 143 SER A N   1 
ATOM   1002 C CA  . SER A 1 152 ? 8.271   12.589  -3.429  1.00 33.98 ? 143 SER A CA  1 
ATOM   1003 C C   . SER A 1 152 ? 7.058   13.225  -4.094  1.00 29.31 ? 143 SER A C   1 
ATOM   1004 O O   . SER A 1 152 ? 6.909   13.162  -5.317  1.00 34.40 ? 143 SER A O   1 
ATOM   1005 C CB  . SER A 1 152 ? 9.424   13.594  -3.367  1.00 36.82 ? 143 SER A CB  1 
ATOM   1006 O OG  . SER A 1 152 ? 9.134   14.640  -2.458  1.00 45.35 ? 143 SER A OG  1 
HETATM 1007 S S   . IDY B 2 .   ? -0.028  -9.335  -12.313 1.00 15.71 ? 1   IDY B S   1 
HETATM 1008 C C1  . IDY B 2 .   ? 0.553   -8.917  -15.652 1.00 20.74 ? 1   IDY B C1  1 
HETATM 1009 O O1  . IDY B 2 .   ? 1.494   -8.036  -16.261 1.00 22.80 ? 1   IDY B O1  1 
HETATM 1010 C C2  . IDY B 2 .   ? -0.228  -8.149  -14.582 1.00 18.21 ? 1   IDY B C2  1 
HETATM 1011 O O2  . IDY B 2 .   ? -0.771  -9.074  -13.632 1.00 16.49 ? 1   IDY B O2  1 
HETATM 1012 C C3  . IDY B 2 .   ? -1.330  -7.257  -15.158 1.00 20.68 ? 1   IDY B C3  1 
HETATM 1013 O O3  . IDY B 2 .   ? -0.740  -6.051  -15.648 1.00 20.30 ? 1   IDY B O3  1 
HETATM 1014 C C4  . IDY B 2 .   ? -2.104  -7.912  -16.297 1.00 17.71 ? 1   IDY B C4  1 
HETATM 1015 O O4  . IDY B 2 .   ? -2.966  -8.928  -15.769 1.00 17.99 ? 1   IDY B O4  1 
HETATM 1016 C C5  . IDY B 2 .   ? -1.138  -8.522  -17.303 1.00 21.64 ? 1   IDY B C5  1 
HETATM 1017 O O5  . IDY B 2 .   ? -0.325  -9.485  -16.636 1.00 16.91 ? 1   IDY B O5  1 
HETATM 1018 C C6  . IDY B 2 .   ? -1.918  -9.191  -18.390 1.00 19.60 ? 1   IDY B C6  1 
HETATM 1019 C C7  . IDY B 2 .   ? 2.536   -8.753  -16.923 1.00 23.88 ? 1   IDY B C7  1 
HETATM 1020 O O6A . IDY B 2 .   ? -1.584  -10.342 -18.740 1.00 21.30 ? 1   IDY B O6A 1 
HETATM 1021 O O6B . IDY B 2 .   ? -2.875  -8.571  -18.897 1.00 19.81 ? 1   IDY B O6B 1 
HETATM 1022 O OS1 . IDY B 2 .   ? -0.802  -10.364 -11.591 1.00 16.39 ? 1   IDY B OS1 1 
HETATM 1023 O OS2 . IDY B 2 .   ? 0.036   -8.050  -11.599 1.00 17.56 ? 1   IDY B OS2 1 
HETATM 1024 O OS3 . IDY B 2 .   ? 1.319   -9.853  -12.663 1.00 17.37 ? 1   IDY B OS3 1 
HETATM 1025 N N2  . SUS B 2 .   ? -3.990  -9.073  -13.086 1.00 13.08 ? 2   SUS B N2  1 
HETATM 1026 C C1  . SUS B 2 .   ? -4.292  -8.512  -15.422 1.00 15.91 ? 2   SUS B C1  1 
HETATM 1027 S S1  . SUS B 2 .   ? -4.226  -7.859  -12.155 1.00 15.13 ? 2   SUS B S1  1 
HETATM 1028 C C2  . SUS B 2 .   ? -4.901  -9.264  -14.233 1.00 16.70 ? 2   SUS B C2  1 
HETATM 1029 S S2  . SUS B 2 .   ? -8.383  -9.918  -18.918 1.00 38.08 ? 2   SUS B S2  1 
HETATM 1030 C C3  . SUS B 2 .   ? -5.062  -10.755 -14.575 1.00 16.85 ? 2   SUS B C3  1 
HETATM 1031 O O3  . SUS B 2 .   ? -5.826  -11.402 -13.558 1.00 19.63 ? 2   SUS B O3  1 
HETATM 1032 S S3  . SUS B 2 .   ? -5.413  -12.759 -12.974 1.00 25.52 ? 2   SUS B S3  1 
HETATM 1033 C C4  . SUS B 2 .   ? -5.801  -10.894 -15.903 1.00 18.40 ? 2   SUS B C4  1 
HETATM 1034 O O4  . SUS B 2 .   ? -5.881  -12.269 -16.296 1.00 21.78 ? 2   SUS B O4  1 
HETATM 1035 C C5  . SUS B 2 .   ? -5.120  -10.088 -16.998 1.00 16.41 ? 2   SUS B C5  1 
HETATM 1036 O O5  . SUS B 2 .   ? -5.081  -8.715  -16.606 1.00 18.43 ? 2   SUS B O5  1 
HETATM 1037 C C6  . SUS B 2 .   ? -5.919  -10.199 -18.287 1.00 22.12 ? 2   SUS B C6  1 
HETATM 1038 O O6  . SUS B 2 .   ? -7.186  -9.612  -18.016 1.00 27.44 ? 2   SUS B O6  1 
HETATM 1039 O O1S . SUS B 2 .   ? -3.988  -6.614  -12.902 1.00 16.21 ? 2   SUS B O1S 1 
HETATM 1040 O O2S . SUS B 2 .   ? -5.627  -7.940  -11.696 1.00 20.87 ? 2   SUS B O2S 1 
HETATM 1041 O O3S . SUS B 2 .   ? -3.275  -7.968  -11.026 1.00 16.27 ? 2   SUS B O3S 1 
HETATM 1042 O O4S . SUS B 2 .   ? -8.579  -11.388 -18.915 1.00 37.47 ? 2   SUS B O4S 1 
HETATM 1043 O O5S . SUS B 2 .   ? -9.582  -9.239  -18.394 1.00 35.62 ? 2   SUS B O5S 1 
HETATM 1044 O O6S . SUS B 2 .   ? -8.063  -9.434  -20.275 1.00 35.60 ? 2   SUS B O6S 1 
HETATM 1045 O O7S . SUS B 2 .   ? -6.350  -13.781 -13.495 1.00 30.76 ? 2   SUS B O7S 1 
HETATM 1046 O O8S . SUS B 2 .   ? -4.031  -13.049 -13.401 1.00 25.22 ? 2   SUS B O8S 1 
HETATM 1047 O O9S . SUS B 2 .   ? -5.474  -12.726 -11.499 1.00 28.99 ? 2   SUS B O9S 1 
HETATM 1048 O O   . HOH C 3 .   ? -8.809  -9.144  -6.325  1.00 19.66 ? 301 HOH A O   1 
HETATM 1049 O O   . HOH C 3 .   ? -3.422  -5.745  -1.532  1.00 14.55 ? 302 HOH A O   1 
HETATM 1050 O O   . HOH C 3 .   ? -10.119 -0.683  -4.806  1.00 17.15 ? 303 HOH A O   1 
HETATM 1051 O O   . HOH C 3 .   ? -10.622 -0.253  0.577   1.00 17.80 ? 304 HOH A O   1 
HETATM 1052 O O   . HOH C 3 .   ? -3.305  11.857  1.358   1.00 15.96 ? 305 HOH A O   1 
HETATM 1053 O O   . HOH C 3 .   ? 7.815   -6.734  1.208   1.00 19.05 ? 306 HOH A O   1 
HETATM 1054 O O   . HOH C 3 .   ? -3.413  -4.429  17.485  1.00 31.95 ? 307 HOH A O   1 
HETATM 1055 O O   . HOH C 3 .   ? 9.052   -8.993  1.883   1.00 21.30 ? 308 HOH A O   1 
HETATM 1056 O O   . HOH C 3 .   ? 17.680  -4.221  -4.507  1.00 20.14 ? 309 HOH A O   1 
HETATM 1057 O O   . HOH C 3 .   ? 3.541   -4.897  -2.312  1.00 13.19 ? 310 HOH A O   1 
HETATM 1058 O O   . HOH C 3 .   ? -3.007  17.927  -4.509  1.00 24.61 ? 311 HOH A O   1 
HETATM 1059 O O   . HOH C 3 .   ? -5.217  10.202  2.364   1.00 15.59 ? 312 HOH A O   1 
HETATM 1060 O O   . HOH C 3 .   ? -6.601  15.465  -8.489  1.00 21.09 ? 313 HOH A O   1 
HETATM 1061 O O   . HOH C 3 .   ? 0.390   7.149   -3.345  1.00 16.09 ? 314 HOH A O   1 
HETATM 1062 O O   . HOH C 3 .   ? 14.052  -9.320  -4.962  1.00 21.89 ? 315 HOH A O   1 
HETATM 1063 O O   . HOH C 3 .   ? -0.407  1.465   7.968   1.00 16.29 ? 316 HOH A O   1 
HETATM 1064 O O   . HOH C 3 .   ? -13.793 9.590   1.254   1.00 23.61 ? 317 HOH A O   1 
HETATM 1065 O O   . HOH C 3 .   ? 15.082  -3.949  1.546   1.00 25.19 ? 318 HOH A O   1 
HETATM 1066 O O   . HOH C 3 .   ? -6.831  6.880   -12.790 1.00 23.59 ? 319 HOH A O   1 
HETATM 1067 O O   . HOH C 3 .   ? -10.709 -5.619  -4.526  1.00 24.17 ? 320 HOH A O   1 
HETATM 1068 O O   . HOH C 3 .   ? 6.885   -9.172  -8.327  1.00 21.28 ? 321 HOH A O   1 
HETATM 1069 O O   . HOH C 3 .   ? 17.561  -3.063  -10.097 1.00 23.06 ? 322 HOH A O   1 
HETATM 1070 O O   . HOH C 3 .   ? -6.776  -10.237 -10.631 1.00 24.61 ? 323 HOH A O   1 
HETATM 1071 O O   . HOH C 3 .   ? -2.237  13.714  8.197   1.00 21.67 ? 324 HOH A O   1 
HETATM 1072 O O   . HOH C 3 .   ? -1.563  -12.419 -12.991 1.00 29.61 ? 325 HOH A O   1 
HETATM 1073 O O   . HOH C 3 .   ? -3.541  -12.840 -9.891  1.00 26.28 ? 326 HOH A O   1 
HETATM 1074 O O   . HOH C 3 .   ? -0.700  13.261  -13.393 1.00 32.36 ? 327 HOH A O   1 
HETATM 1075 O O   . HOH C 3 .   ? -3.991  -0.436  -16.936 1.00 35.59 ? 328 HOH A O   1 
HETATM 1076 O O   . HOH C 3 .   ? 1.735   -6.587  12.853  1.00 24.02 ? 329 HOH A O   1 
HETATM 1077 O O   . HOH C 3 .   ? -0.846  14.598  -4.701  1.00 27.60 ? 330 HOH A O   1 
HETATM 1078 O O   . HOH C 3 .   ? -6.050  8.613   12.815  1.00 25.55 ? 331 HOH A O   1 
HETATM 1079 O O   . HOH C 3 .   ? 6.332   -13.954 -0.350  1.00 32.04 ? 332 HOH A O   1 
HETATM 1080 O O   . HOH C 3 .   ? -3.131  15.093  -11.927 1.00 28.03 ? 333 HOH A O   1 
HETATM 1081 O O   . HOH C 3 .   ? -8.341  11.619  -8.870  1.00 31.95 ? 334 HOH A O   1 
HETATM 1082 O O   . HOH C 3 .   ? -1.038  -14.604 4.584   1.00 24.56 ? 335 HOH A O   1 
HETATM 1083 O O   . HOH C 3 .   ? -6.759  -1.099  11.917  1.00 30.33 ? 336 HOH A O   1 
HETATM 1084 O O   . HOH C 3 .   ? 14.603  -1.303  2.600   1.00 39.58 ? 337 HOH A O   1 
HETATM 1085 O O   . HOH C 3 .   ? -7.270  -6.531  -16.175 1.00 30.03 ? 338 HOH A O   1 
HETATM 1086 O O   . HOH C 3 .   ? 2.494   5.767   8.961   1.00 21.12 ? 339 HOH A O   1 
HETATM 1087 O O   . HOH C 3 .   ? 4.501   -16.059 -6.634  1.00 22.59 ? 340 HOH A O   1 
HETATM 1088 O O   . HOH C 3 .   ? 5.375   2.865   12.094  1.00 25.94 ? 341 HOH A O   1 
HETATM 1089 O O   . HOH C 3 .   ? -7.363  -6.339  -13.457 1.00 23.33 ? 342 HOH A O   1 
HETATM 1090 O O   . HOH C 3 .   ? 11.848  6.724   -2.445  1.00 33.77 ? 343 HOH A O   1 
HETATM 1091 O O   . HOH C 3 .   ? -9.283  -9.043  9.934   1.00 28.02 ? 344 HOH A O   1 
HETATM 1092 O O   . HOH C 3 .   ? -0.667  17.180  -3.860  1.00 37.16 ? 345 HOH A O   1 
HETATM 1093 O O   . HOH C 3 .   ? -12.658 2.813   -4.342  1.00 27.78 ? 346 HOH A O   1 
HETATM 1094 O O   . HOH C 3 .   ? 8.918   -9.917  -0.835  1.00 26.25 ? 347 HOH A O   1 
HETATM 1095 O O   . HOH C 3 .   ? 7.133   8.990   4.460   1.00 33.77 ? 348 HOH A O   1 
HETATM 1096 O O   . HOH C 3 .   ? -12.427 10.637  -1.524  1.00 29.10 ? 349 HOH A O   1 
HETATM 1097 O O   . HOH C 3 .   ? 0.070   -5.958  9.499   1.00 26.02 ? 350 HOH A O   1 
HETATM 1098 O O   . HOH C 3 .   ? -9.213  11.306  -4.767  1.00 33.66 ? 351 HOH A O   1 
HETATM 1099 O O   . HOH C 3 .   ? 0.671   -14.521 8.936   1.00 34.91 ? 352 HOH A O   1 
HETATM 1100 O O   . HOH C 3 .   ? -7.114  -4.444  13.294  1.00 32.35 ? 353 HOH A O   1 
HETATM 1101 O O   . HOH C 3 .   ? 1.314   -5.516  -18.300 1.00 31.97 ? 354 HOH A O   1 
HETATM 1102 O O   . HOH C 3 .   ? 13.331  0.402   0.524   1.00 33.01 ? 355 HOH A O   1 
HETATM 1103 O O   . HOH C 3 .   ? -11.830 0.732   -6.587  1.00 27.74 ? 356 HOH A O   1 
HETATM 1104 O O   . HOH C 3 .   ? 0.772   7.557   -13.316 1.00 37.22 ? 357 HOH A O   1 
HETATM 1105 O O   . HOH C 3 .   ? -10.436 11.387  7.426   1.00 33.02 ? 358 HOH A O   1 
HETATM 1106 O O   . HOH C 3 .   ? 8.526   5.199   14.656  1.00 36.42 ? 359 HOH A O   1 
HETATM 1107 O O   . HOH C 3 .   ? 9.617   4.853   16.697  1.00 36.62 ? 360 HOH A O   1 
HETATM 1108 O O   . HOH C 3 .   ? -10.716 10.292  -9.054  1.00 27.59 ? 361 HOH A O   1 
HETATM 1109 O O   . HOH C 3 .   ? -9.590  -13.951 0.865   1.00 37.03 ? 362 HOH A O   1 
HETATM 1110 O O   . HOH C 3 .   ? 0.906   8.815   12.563  1.00 31.78 ? 363 HOH A O   1 
HETATM 1111 O O   . HOH C 3 .   ? -5.654  -7.733  -21.655 1.00 30.80 ? 364 HOH A O   1 
HETATM 1112 O O   . HOH C 3 .   ? -13.930 -5.487  8.707   1.00 34.30 ? 365 HOH A O   1 
HETATM 1113 O O   . HOH C 3 .   ? 6.041   -15.927 3.632   1.00 41.68 ? 366 HOH A O   1 
HETATM 1114 O O   . HOH C 3 .   ? 10.319  -7.082  -12.637 1.00 45.43 ? 367 HOH A O   1 
HETATM 1115 O O   . HOH C 3 .   ? -2.187  -6.882  7.830   1.00 22.98 ? 368 HOH A O   1 
HETATM 1116 O O   . HOH C 3 .   ? -9.034  -2.248  10.996  1.00 39.99 ? 369 HOH A O   1 
HETATM 1117 O O   . HOH C 3 .   ? 11.737  5.430   -0.173  1.00 39.94 ? 370 HOH A O   1 
HETATM 1118 O O   . HOH C 3 .   ? 10.345  6.683   10.338  1.00 35.14 ? 371 HOH A O   1 
HETATM 1119 O O   . HOH C 3 .   ? 1.329   -2.000  -16.575 1.00 30.66 ? 372 HOH A O   1 
HETATM 1120 O O   . HOH C 3 .   ? 11.365  -6.098  5.630   1.00 28.10 ? 373 HOH A O   1 
HETATM 1121 O O   . HOH C 3 .   ? 3.617   -14.760 -0.821  1.00 28.95 ? 374 HOH A O   1 
HETATM 1122 O O   . HOH C 3 .   ? 4.686   -16.076 9.235   1.00 33.44 ? 375 HOH A O   1 
HETATM 1123 O O   . HOH C 3 .   ? -12.442 1.665   9.161   1.00 42.82 ? 376 HOH A O   1 
HETATM 1124 O O   . HOH C 3 .   ? 9.091   -9.191  -9.917  1.00 35.17 ? 377 HOH A O   1 
HETATM 1125 O O   . HOH C 3 .   ? -11.748 -9.813  7.723   1.00 35.84 ? 378 HOH A O   1 
HETATM 1126 O O   . HOH C 3 .   ? 6.087   3.232   14.168  1.00 33.60 ? 379 HOH A O   1 
HETATM 1127 O O   . HOH C 3 .   ? 10.944  -8.827  4.026   1.00 27.02 ? 380 HOH A O   1 
HETATM 1128 O O   . HOH C 3 .   ? 8.354   12.710  6.640   1.00 45.96 ? 381 HOH A O   1 
HETATM 1129 O O   . HOH C 3 .   ? -5.591  -19.069 -4.636  1.00 33.97 ? 382 HOH A O   1 
HETATM 1130 O O   . HOH C 3 .   ? -8.001  -10.561 -8.444  1.00 35.39 ? 383 HOH A O   1 
HETATM 1131 O O   . HOH C 3 .   ? -5.640  -16.844 -4.743  1.00 29.95 ? 384 HOH A O   1 
HETATM 1132 O O   . HOH C 3 .   ? 12.916  -8.454  -11.369 1.00 37.19 ? 385 HOH A O   1 
HETATM 1133 O O   . HOH C 3 .   ? -14.165 2.782   4.168   1.00 36.35 ? 386 HOH A O   1 
HETATM 1134 O O   . HOH C 3 .   ? 4.501   -16.707 5.044   1.00 40.33 ? 387 HOH A O   1 
HETATM 1135 O O   . HOH C 3 .   ? 10.190  4.052   4.253   1.00 38.22 ? 388 HOH A O   1 
HETATM 1136 O O   . HOH C 3 .   ? -7.677  -6.233  14.548  1.00 40.59 ? 389 HOH A O   1 
HETATM 1137 O O   . HOH C 3 .   ? -11.315 3.245   11.650  1.00 30.14 ? 390 HOH A O   1 
HETATM 1138 O O   . HOH C 3 .   ? -7.832  10.291  14.020  1.00 36.51 ? 391 HOH A O   1 
HETATM 1139 O O   . HOH C 3 .   ? 2.706   14.296  -5.540  1.00 41.20 ? 392 HOH A O   1 
HETATM 1140 O O   . HOH C 3 .   ? 8.337   12.593  2.815   1.00 41.99 ? 393 HOH A O   1 
HETATM 1141 O O   . HOH C 3 .   ? 1.885   -13.174 11.470  1.00 38.95 ? 394 HOH A O   1 
HETATM 1142 O O   . HOH C 3 .   ? 12.890  -8.434  -8.370  1.00 29.85 ? 395 HOH A O   1 
HETATM 1143 O O   . HOH C 3 .   ? 15.243  -2.252  14.028  1.00 35.27 ? 396 HOH A O   1 
HETATM 1144 O O   . HOH C 3 .   ? -15.514 9.489   10.592  1.00 44.05 ? 397 HOH A O   1 
HETATM 1145 O O   . HOH C 3 .   ? 12.875  -1.433  4.032   1.00 30.91 ? 398 HOH A O   1 
HETATM 1146 O O   . HOH C 3 .   ? 11.688  7.327   -6.808  1.00 37.34 ? 399 HOH A O   1 
HETATM 1147 O O   . HOH C 3 .   ? -7.994  -16.165 -2.827  1.00 34.29 ? 400 HOH A O   1 
HETATM 1148 O O   . HOH C 3 .   ? 14.060  -5.333  11.701  1.00 36.43 ? 401 HOH A O   1 
HETATM 1149 O O   . HOH C 3 .   ? 11.622  2.720   5.960   1.00 37.77 ? 402 HOH A O   1 
HETATM 1150 O O   . HOH C 3 .   ? -2.525  0.637   18.625  1.00 38.55 ? 403 HOH A O   1 
HETATM 1151 O O   . HOH C 3 .   ? -13.503 9.404   8.357   1.00 35.89 ? 404 HOH A O   1 
# 
loop_
_pdbx_poly_seq_scheme.asym_id 
_pdbx_poly_seq_scheme.entity_id 
_pdbx_poly_seq_scheme.seq_id 
_pdbx_poly_seq_scheme.mon_id 
_pdbx_poly_seq_scheme.ndb_seq_num 
_pdbx_poly_seq_scheme.pdb_seq_num 
_pdbx_poly_seq_scheme.auth_seq_num 
_pdbx_poly_seq_scheme.pdb_mon_id 
_pdbx_poly_seq_scheme.auth_mon_id 
_pdbx_poly_seq_scheme.pdb_strand_id 
_pdbx_poly_seq_scheme.pdb_ins_code 
_pdbx_poly_seq_scheme.hetero 
A 1 1   MET 1   -8  ?   ?   ?   A . n 
A 1 2   ALA 2   -7  ?   ?   ?   A . n 
A 1 3   ALA 3   -6  ?   ?   ?   A . n 
A 1 4   GLY 4   -5  ?   ?   ?   A . n 
A 1 5   SER 5   -4  ?   ?   ?   A . n 
A 1 6   ILE 6   -3  ?   ?   ?   A . n 
A 1 7   THR 7   -2  ?   ?   ?   A . n 
A 1 8   THR 8   -1  ?   ?   ?   A . n 
A 1 9   LEU 9   0   ?   ?   ?   A . n 
A 1 10  PRO 10  1   ?   ?   ?   A . n 
A 1 11  ALA 11  2   ?   ?   ?   A . n 
A 1 12  LEU 12  3   ?   ?   ?   A . n 
A 1 13  PRO 13  4   ?   ?   ?   A . n 
A 1 14  GLU 14  5   ?   ?   ?   A . n 
A 1 15  ASP 15  6   ?   ?   ?   A . n 
A 1 16  GLY 16  7   ?   ?   ?   A . n 
A 1 17  GLY 17  8   ?   ?   ?   A . n 
A 1 18  SER 18  9   ?   ?   ?   A . n 
A 1 19  GLY 19  10  ?   ?   ?   A . n 
A 1 20  ALA 20  11  ?   ?   ?   A . n 
A 1 21  PHE 21  12  ?   ?   ?   A . n 
A 1 22  PRO 22  13  ?   ?   ?   A . n 
A 1 23  PRO 23  14  ?   ?   ?   A . n 
A 1 24  GLY 24  15  ?   ?   ?   A . n 
A 1 25  HIS 25  16  ?   ?   ?   A . n 
A 1 26  PHE 26  17  ?   ?   ?   A . n 
A 1 27  LYS 27  18  ?   ?   ?   A . n 
A 1 28  ASP 28  19  ?   ?   ?   A . n 
A 1 29  PRO 29  20  20  PRO PRO A . n 
A 1 30  LYS 30  21  21  LYS LYS A . n 
A 1 31  ARG 31  22  22  ARG ARG A . n 
A 1 32  LEU 32  23  23  LEU LEU A . n 
A 1 33  TYR 33  24  24  TYR TYR A . n 
A 1 34  CYS 34  25  25  CYS CYS A . n 
A 1 35  LYS 35  26  26  LYS LYS A . n 
A 1 36  ASN 36  27  27  ASN ASN A . n 
A 1 37  GLY 37  28  28  GLY GLY A . n 
A 1 38  GLY 38  29  29  GLY GLY A . n 
A 1 39  PHE 39  30  30  PHE PHE A . n 
A 1 40  PHE 40  31  31  PHE PHE A . n 
A 1 41  LEU 41  32  32  LEU LEU A . n 
A 1 42  ARG 42  33  33  ARG ARG A . n 
A 1 43  ILE 43  34  34  ILE ILE A . n 
A 1 44  HIS 44  35  35  HIS HIS A . n 
A 1 45  PRO 45  36  36  PRO PRO A . n 
A 1 46  ASP 46  37  37  ASP ASP A . n 
A 1 47  GLY 47  38  38  GLY GLY A . n 
A 1 48  ARG 48  39  39  ARG ARG A . n 
A 1 49  VAL 49  40  40  VAL VAL A . n 
A 1 50  ASP 50  41  41  ASP ASP A . n 
A 1 51  GLY 51  42  42  GLY GLY A . n 
A 1 52  VAL 52  43  43  VAL VAL A . n 
A 1 53  ARG 53  44  44  ARG ARG A . n 
A 1 54  GLU 54  45  45  GLU GLU A . n 
A 1 55  LYS 55  46  46  LYS LYS A . n 
A 1 56  SER 56  47  47  SER SER A . n 
A 1 57  ASP 57  48  48  ASP ASP A . n 
A 1 58  PRO 58  49  49  PRO PRO A . n 
A 1 59  HIS 59  50  50  HIS HIS A . n 
A 1 60  ILE 60  51  51  ILE ILE A . n 
A 1 61  LYS 61  52  52  LYS LYS A . n 
A 1 62  LEU 62  53  53  LEU LEU A . n 
A 1 63  GLN 63  54  54  GLN GLN A . n 
A 1 64  LEU 64  55  55  LEU LEU A . n 
A 1 65  GLN 65  56  56  GLN GLN A . n 
A 1 66  ALA 66  57  57  ALA ALA A . n 
A 1 67  GLU 67  58  58  GLU GLU A . n 
A 1 68  GLU 68  59  59  GLU GLU A . n 
A 1 69  ARG 69  60  60  ARG ARG A . n 
A 1 70  GLY 70  61  61  GLY GLY A . n 
A 1 71  VAL 71  62  62  VAL VAL A . n 
A 1 72  VAL 72  63  63  VAL VAL A . n 
A 1 73  SER 73  64  64  SER SER A . n 
A 1 74  ILE 74  65  65  ILE ILE A . n 
A 1 75  LYS 75  66  66  LYS LYS A . n 
A 1 76  GLY 76  67  67  GLY GLY A . n 
A 1 77  VAL 77  68  68  VAL VAL A . n 
A 1 78  SER 78  69  69  SER SER A . n 
A 1 79  ALA 79  70  70  ALA ALA A . n 
A 1 80  ASN 80  71  71  ASN ASN A . n 
A 1 81  ARG 81  72  72  ARG ARG A . n 
A 1 82  TYR 82  73  73  TYR TYR A . n 
A 1 83  LEU 83  74  74  LEU LEU A . n 
A 1 84  ALA 84  75  75  ALA ALA A . n 
A 1 85  MET 85  76  76  MET MET A . n 
A 1 86  LYS 86  77  77  LYS LYS A . n 
A 1 87  GLU 87  78  78  GLU GLU A . n 
A 1 88  ASP 88  79  79  ASP ASP A . n 
A 1 89  GLY 89  80  80  GLY GLY A . n 
A 1 90  ARG 90  81  81  ARG ARG A . n 
A 1 91  LEU 91  82  82  LEU LEU A . n 
A 1 92  LEU 92  83  83  LEU LEU A . n 
A 1 93  ALA 93  84  84  ALA ALA A . n 
A 1 94  SER 94  85  85  SER SER A . n 
A 1 95  LYS 95  86  86  LYS LYS A . n 
A 1 96  SER 96  87  87  SER SER A . n 
A 1 97  VAL 97  88  88  VAL VAL A . n 
A 1 98  THR 98  89  89  THR THR A . n 
A 1 99  ASP 99  90  90  ASP ASP A . n 
A 1 100 GLU 100 91  91  GLU GLU A . n 
A 1 101 CYS 101 92  92  CYS CYS A . n 
A 1 102 PHE 102 93  93  PHE PHE A . n 
A 1 103 PHE 103 94  94  PHE PHE A . n 
A 1 104 PHE 104 95  95  PHE PHE A . n 
A 1 105 GLU 105 96  96  GLU GLU A . n 
A 1 106 ARG 106 97  97  ARG ARG A . n 
A 1 107 LEU 107 98  98  LEU LEU A . n 
A 1 108 GLU 108 99  99  GLU GLU A . n 
A 1 109 SER 109 100 100 SER SER A . n 
A 1 110 ASN 110 101 101 ASN ASN A . n 
A 1 111 ASN 111 102 102 ASN ASN A . n 
A 1 112 TYR 112 103 103 TYR TYR A . n 
A 1 113 ASN 113 104 104 ASN ASN A . n 
A 1 114 THR 114 105 105 THR THR A . n 
A 1 115 TYR 115 106 106 TYR TYR A . n 
A 1 116 ARG 116 107 107 ARG ARG A . n 
A 1 117 SER 117 108 108 SER SER A . n 
A 1 118 ARG 118 109 109 ARG ARG A . n 
A 1 119 LYS 119 110 110 LYS LYS A . n 
A 1 120 TYR 120 111 111 TYR TYR A . n 
A 1 121 THR 121 112 112 THR THR A . n 
A 1 122 SER 122 113 113 SER SER A . n 
A 1 123 TRP 123 114 114 TRP TRP A . n 
A 1 124 TYR 124 115 115 TYR TYR A . n 
A 1 125 VAL 125 116 116 VAL VAL A . n 
A 1 126 ALA 126 117 117 ALA ALA A . n 
A 1 127 LEU 127 118 118 LEU LEU A . n 
A 1 128 LYS 128 119 119 LYS LYS A . n 
A 1 129 ARG 129 120 120 ARG ARG A . n 
A 1 130 THR 130 121 121 THR THR A . n 
A 1 131 GLY 131 122 122 GLY GLY A . n 
A 1 132 GLN 132 123 123 GLN GLN A . n 
A 1 133 TYR 133 124 124 TYR TYR A . n 
A 1 134 LYS 134 125 125 LYS LYS A . n 
A 1 135 LEU 135 126 126 LEU LEU A . n 
A 1 136 GLY 136 127 127 GLY GLY A . n 
A 1 137 SER 137 128 128 SER SER A . n 
A 1 138 LYS 138 129 129 LYS LYS A . n 
A 1 139 THR 139 130 130 THR THR A . n 
A 1 140 GLY 140 131 131 GLY GLY A . n 
A 1 141 PRO 141 132 132 PRO PRO A . n 
A 1 142 GLY 142 133 133 GLY GLY A . n 
A 1 143 GLN 143 134 134 GLN GLN A . n 
A 1 144 LYS 144 135 135 LYS LYS A . n 
A 1 145 ALA 145 136 136 ALA ALA A . n 
A 1 146 ILE 146 137 137 ILE ILE A . n 
A 1 147 LEU 147 138 138 LEU LEU A . n 
A 1 148 PHE 148 139 139 PHE PHE A . n 
A 1 149 LEU 149 140 140 LEU LEU A . n 
A 1 150 PRO 150 141 141 PRO PRO A . n 
A 1 151 MET 151 142 142 MET MET A . n 
A 1 152 SER 152 143 143 SER SER A . n 
A 1 153 ALA 153 144 ?   ?   ?   A . n 
A 1 154 LYS 154 145 ?   ?   ?   A . n 
A 1 155 SER 155 146 ?   ?   ?   A . n 
# 
loop_
_pdbx_nonpoly_scheme.asym_id 
_pdbx_nonpoly_scheme.entity_id 
_pdbx_nonpoly_scheme.mon_id 
_pdbx_nonpoly_scheme.ndb_seq_num 
_pdbx_nonpoly_scheme.pdb_seq_num 
_pdbx_nonpoly_scheme.auth_seq_num 
_pdbx_nonpoly_scheme.pdb_mon_id 
_pdbx_nonpoly_scheme.auth_mon_id 
_pdbx_nonpoly_scheme.pdb_strand_id 
_pdbx_nonpoly_scheme.pdb_ins_code 
C 3 HOH 1   301 1   HOH HOH A . 
C 3 HOH 2   302 2   HOH HOH A . 
C 3 HOH 3   303 3   HOH HOH A . 
C 3 HOH 4   304 4   HOH HOH A . 
C 3 HOH 5   305 5   HOH HOH A . 
C 3 HOH 6   306 6   HOH HOH A . 
C 3 HOH 7   307 7   HOH HOH A . 
C 3 HOH 8   308 8   HOH HOH A . 
C 3 HOH 9   309 9   HOH HOH A . 
C 3 HOH 10  310 10  HOH HOH A . 
C 3 HOH 11  311 11  HOH HOH A . 
C 3 HOH 12  312 12  HOH HOH A . 
C 3 HOH 13  313 13  HOH HOH A . 
C 3 HOH 14  314 14  HOH HOH A . 
C 3 HOH 15  315 15  HOH HOH A . 
C 3 HOH 16  316 16  HOH HOH A . 
C 3 HOH 17  317 17  HOH HOH A . 
C 3 HOH 18  318 18  HOH HOH A . 
C 3 HOH 19  319 19  HOH HOH A . 
C 3 HOH 20  320 20  HOH HOH A . 
C 3 HOH 21  321 21  HOH HOH A . 
C 3 HOH 22  322 22  HOH HOH A . 
C 3 HOH 23  323 23  HOH HOH A . 
C 3 HOH 24  324 24  HOH HOH A . 
C 3 HOH 25  325 25  HOH HOH A . 
C 3 HOH 26  326 26  HOH HOH A . 
C 3 HOH 27  327 27  HOH HOH A . 
C 3 HOH 28  328 28  HOH HOH A . 
C 3 HOH 29  329 29  HOH HOH A . 
C 3 HOH 30  330 30  HOH HOH A . 
C 3 HOH 31  331 31  HOH HOH A . 
C 3 HOH 32  332 32  HOH HOH A . 
C 3 HOH 33  333 33  HOH HOH A . 
C 3 HOH 34  334 34  HOH HOH A . 
C 3 HOH 35  335 35  HOH HOH A . 
C 3 HOH 36  336 36  HOH HOH A . 
C 3 HOH 37  337 37  HOH HOH A . 
C 3 HOH 38  338 38  HOH HOH A . 
C 3 HOH 39  339 39  HOH HOH A . 
C 3 HOH 40  340 40  HOH HOH A . 
C 3 HOH 41  341 41  HOH HOH A . 
C 3 HOH 42  342 42  HOH HOH A . 
C 3 HOH 43  343 43  HOH HOH A . 
C 3 HOH 44  344 44  HOH HOH A . 
C 3 HOH 45  345 45  HOH HOH A . 
C 3 HOH 46  346 46  HOH HOH A . 
C 3 HOH 47  347 47  HOH HOH A . 
C 3 HOH 48  348 48  HOH HOH A . 
C 3 HOH 49  349 49  HOH HOH A . 
C 3 HOH 50  350 50  HOH HOH A . 
C 3 HOH 51  351 51  HOH HOH A . 
C 3 HOH 52  352 52  HOH HOH A . 
C 3 HOH 53  353 53  HOH HOH A . 
C 3 HOH 54  354 54  HOH HOH A . 
C 3 HOH 55  355 55  HOH HOH A . 
C 3 HOH 56  356 56  HOH HOH A . 
C 3 HOH 57  357 57  HOH HOH A . 
C 3 HOH 58  358 58  HOH HOH A . 
C 3 HOH 59  359 59  HOH HOH A . 
C 3 HOH 60  360 60  HOH HOH A . 
C 3 HOH 61  361 61  HOH HOH A . 
C 3 HOH 62  362 62  HOH HOH A . 
C 3 HOH 63  363 63  HOH HOH A . 
C 3 HOH 64  364 64  HOH HOH A . 
C 3 HOH 65  365 65  HOH HOH A . 
C 3 HOH 66  366 66  HOH HOH A . 
C 3 HOH 67  367 67  HOH HOH A . 
C 3 HOH 68  368 68  HOH HOH A . 
C 3 HOH 69  369 69  HOH HOH A . 
C 3 HOH 70  370 70  HOH HOH A . 
C 3 HOH 71  371 71  HOH HOH A . 
C 3 HOH 72  372 72  HOH HOH A . 
C 3 HOH 73  373 73  HOH HOH A . 
C 3 HOH 74  374 74  HOH HOH A . 
C 3 HOH 75  375 75  HOH HOH A . 
C 3 HOH 76  376 76  HOH HOH A . 
C 3 HOH 77  377 77  HOH HOH A . 
C 3 HOH 78  378 78  HOH HOH A . 
C 3 HOH 79  379 79  HOH HOH A . 
C 3 HOH 80  380 80  HOH HOH A . 
C 3 HOH 81  381 81  HOH HOH A . 
C 3 HOH 82  382 82  HOH HOH A . 
C 3 HOH 83  383 83  HOH HOH A . 
C 3 HOH 84  384 84  HOH HOH A . 
C 3 HOH 85  385 85  HOH HOH A . 
C 3 HOH 86  386 86  HOH HOH A . 
C 3 HOH 87  387 87  HOH HOH A . 
C 3 HOH 88  388 88  HOH HOH A . 
C 3 HOH 89  389 89  HOH HOH A . 
C 3 HOH 90  390 90  HOH HOH A . 
C 3 HOH 91  391 91  HOH HOH A . 
C 3 HOH 92  392 92  HOH HOH A . 
C 3 HOH 93  393 93  HOH HOH A . 
C 3 HOH 94  394 94  HOH HOH A . 
C 3 HOH 95  395 95  HOH HOH A . 
C 3 HOH 96  396 96  HOH HOH A . 
C 3 HOH 97  397 97  HOH HOH A . 
C 3 HOH 98  398 98  HOH HOH A . 
C 3 HOH 99  399 99  HOH HOH A . 
C 3 HOH 100 400 100 HOH HOH A . 
C 3 HOH 101 401 101 HOH HOH A . 
C 3 HOH 102 402 102 HOH HOH A . 
C 3 HOH 103 403 103 HOH HOH A . 
C 3 HOH 104 404 104 HOH HOH A . 
# 
_pdbx_struct_assembly.id                   1 
_pdbx_struct_assembly.details              author_and_software_defined_assembly 
_pdbx_struct_assembly.method_details       PISA 
_pdbx_struct_assembly.oligomeric_details   monomeric 
_pdbx_struct_assembly.oligomeric_count     1 
# 
_pdbx_struct_assembly_gen.assembly_id       1 
_pdbx_struct_assembly_gen.oper_expression   1 
_pdbx_struct_assembly_gen.asym_id_list      A,B,C 
# 
_pdbx_struct_oper_list.id                   1 
_pdbx_struct_oper_list.type                 'identity operation' 
_pdbx_struct_oper_list.name                 1_555 
_pdbx_struct_oper_list.symmetry_operation   x,y,z 
_pdbx_struct_oper_list.matrix[1][1]         1.0000000000 
_pdbx_struct_oper_list.matrix[1][2]         0.0000000000 
_pdbx_struct_oper_list.matrix[1][3]         0.0000000000 
_pdbx_struct_oper_list.vector[1]            0.0000000000 
_pdbx_struct_oper_list.matrix[2][1]         0.0000000000 
_pdbx_struct_oper_list.matrix[2][2]         1.0000000000 
_pdbx_struct_oper_list.matrix[2][3]         0.0000000000 
_pdbx_struct_oper_list.vector[2]            0.0000000000 
_pdbx_struct_oper_list.matrix[3][1]         0.0000000000 
_pdbx_struct_oper_list.matrix[3][2]         0.0000000000 
_pdbx_struct_oper_list.matrix[3][3]         1.0000000000 
_pdbx_struct_oper_list.vector[3]            0.0000000000 
# 
loop_
_pdbx_audit_revision_history.ordinal 
_pdbx_audit_revision_history.data_content_type 
_pdbx_audit_revision_history.major_revision 
_pdbx_audit_revision_history.minor_revision 
_pdbx_audit_revision_history.revision_date 
1 'Structure model' 1 0 2014-07-09 
2 'Structure model' 1 1 2014-09-10 
3 'Structure model' 2 0 2020-07-29 
4 'Structure model' 2 1 2023-09-20 
# 
loop_
_pdbx_audit_revision_details.ordinal 
_pdbx_audit_revision_details.revision_ordinal 
_pdbx_audit_revision_details.data_content_type 
_pdbx_audit_revision_details.provider 
_pdbx_audit_revision_details.type 
_pdbx_audit_revision_details.description 
_pdbx_audit_revision_details.details 
1 1 'Structure model' repository 'Initial release' ?                          ? 
2 3 'Structure model' repository Remediation       'Carbohydrate remediation' ? 
# 
loop_
_pdbx_audit_revision_group.ordinal 
_pdbx_audit_revision_group.revision_ordinal 
_pdbx_audit_revision_group.data_content_type 
_pdbx_audit_revision_group.group 
1  2 'Structure model' 'Database references'    
2  3 'Structure model' 'Atomic model'           
3  3 'Structure model' 'Data collection'        
4  3 'Structure model' 'Database references'    
5  3 'Structure model' 'Derived calculations'   
6  3 'Structure model' 'Structure summary'      
7  4 'Structure model' 'Data collection'        
8  4 'Structure model' 'Database references'    
9  4 'Structure model' 'Refinement description' 
10 4 'Structure model' 'Structure summary'      
# 
loop_
_pdbx_audit_revision_category.ordinal 
_pdbx_audit_revision_category.revision_ordinal 
_pdbx_audit_revision_category.data_content_type 
_pdbx_audit_revision_category.category 
1  3 'Structure model' atom_site                     
2  3 'Structure model' chem_comp                     
3  3 'Structure model' entity                        
4  3 'Structure model' pdbx_branch_scheme            
5  3 'Structure model' pdbx_chem_comp_identifier     
6  3 'Structure model' pdbx_entity_branch            
7  3 'Structure model' pdbx_entity_branch_descriptor 
8  3 'Structure model' pdbx_entity_branch_link       
9  3 'Structure model' pdbx_entity_branch_list       
10 3 'Structure model' pdbx_entity_nonpoly           
11 3 'Structure model' pdbx_nonpoly_scheme           
12 3 'Structure model' pdbx_struct_assembly_gen      
13 3 'Structure model' struct_asym                   
14 3 'Structure model' struct_conn                   
15 3 'Structure model' struct_ref_seq_dif            
16 3 'Structure model' struct_site                   
17 3 'Structure model' struct_site_gen               
18 4 'Structure model' chem_comp                     
19 4 'Structure model' chem_comp_atom                
20 4 'Structure model' chem_comp_bond                
21 4 'Structure model' database_2                    
22 4 'Structure model' pdbx_initial_refinement_model 
# 
loop_
_pdbx_audit_revision_item.ordinal 
_pdbx_audit_revision_item.revision_ordinal 
_pdbx_audit_revision_item.data_content_type 
_pdbx_audit_revision_item.item 
1  3 'Structure model' '_atom_site.B_iso_or_equiv'              
2  3 'Structure model' '_atom_site.Cartn_x'                     
3  3 'Structure model' '_atom_site.Cartn_y'                     
4  3 'Structure model' '_atom_site.Cartn_z'                     
5  3 'Structure model' '_atom_site.auth_asym_id'                
6  3 'Structure model' '_atom_site.auth_atom_id'                
7  3 'Structure model' '_atom_site.auth_comp_id'                
8  3 'Structure model' '_atom_site.auth_seq_id'                 
9  3 'Structure model' '_atom_site.label_asym_id'               
10 3 'Structure model' '_atom_site.label_atom_id'               
11 3 'Structure model' '_atom_site.label_comp_id'               
12 3 'Structure model' '_atom_site.label_entity_id'             
13 3 'Structure model' '_atom_site.type_symbol'                 
14 3 'Structure model' '_chem_comp.mon_nstd_flag'               
15 3 'Structure model' '_chem_comp.name'                        
16 3 'Structure model' '_chem_comp.type'                        
17 3 'Structure model' '_pdbx_struct_assembly_gen.asym_id_list' 
18 3 'Structure model' '_struct_conn.pdbx_leaving_atom_flag'    
19 3 'Structure model' '_struct_conn.ptnr1_auth_asym_id'        
20 3 'Structure model' '_struct_conn.ptnr1_auth_comp_id'        
21 3 'Structure model' '_struct_conn.ptnr1_auth_seq_id'         
22 3 'Structure model' '_struct_conn.ptnr1_label_atom_id'       
23 3 'Structure model' '_struct_conn.ptnr1_label_comp_id'       
24 3 'Structure model' '_struct_conn.ptnr2_auth_asym_id'        
25 3 'Structure model' '_struct_conn.ptnr2_auth_comp_id'        
26 3 'Structure model' '_struct_conn.ptnr2_auth_seq_id'         
27 3 'Structure model' '_struct_conn.ptnr2_label_asym_id'       
28 3 'Structure model' '_struct_conn.ptnr2_label_atom_id'       
29 3 'Structure model' '_struct_conn.ptnr2_label_comp_id'       
30 3 'Structure model' '_struct_ref_seq_dif.details'            
31 4 'Structure model' '_chem_comp.pdbx_synonyms'               
32 4 'Structure model' '_database_2.pdbx_DOI'                   
33 4 'Structure model' '_database_2.pdbx_database_accession'    
# 
loop_
_software.name 
_software.classification 
_software.version 
_software.citation_id 
_software.pdbx_ordinal 
HKL-2000 'data collection' .                           ? 1 
PHASER   phasing           .                           ? 2 
PHENIX   refinement        '(phenix.refine: 1.8_1069)' ? 3 
HKL-2000 'data reduction'  .                           ? 4 
HKL-2000 'data scaling'    .                           ? 5 
# 
loop_
_pdbx_unobs_or_zero_occ_residues.id 
_pdbx_unobs_or_zero_occ_residues.PDB_model_num 
_pdbx_unobs_or_zero_occ_residues.polymer_flag 
_pdbx_unobs_or_zero_occ_residues.occupancy_flag 
_pdbx_unobs_or_zero_occ_residues.auth_asym_id 
_pdbx_unobs_or_zero_occ_residues.auth_comp_id 
_pdbx_unobs_or_zero_occ_residues.auth_seq_id 
_pdbx_unobs_or_zero_occ_residues.PDB_ins_code 
_pdbx_unobs_or_zero_occ_residues.label_asym_id 
_pdbx_unobs_or_zero_occ_residues.label_comp_id 
_pdbx_unobs_or_zero_occ_residues.label_seq_id 
1  1 Y 1 A MET -8  ? A MET 1   
2  1 Y 1 A ALA -7  ? A ALA 2   
3  1 Y 1 A ALA -6  ? A ALA 3   
4  1 Y 1 A GLY -5  ? A GLY 4   
5  1 Y 1 A SER -4  ? A SER 5   
6  1 Y 1 A ILE -3  ? A ILE 6   
7  1 Y 1 A THR -2  ? A THR 7   
8  1 Y 1 A THR -1  ? A THR 8   
9  1 Y 1 A LEU 0   ? A LEU 9   
10 1 Y 1 A PRO 1   ? A PRO 10  
11 1 Y 1 A ALA 2   ? A ALA 11  
12 1 Y 1 A LEU 3   ? A LEU 12  
13 1 Y 1 A PRO 4   ? A PRO 13  
14 1 Y 1 A GLU 5   ? A GLU 14  
15 1 Y 1 A ASP 6   ? A ASP 15  
16 1 Y 1 A GLY 7   ? A GLY 16  
17 1 Y 1 A GLY 8   ? A GLY 17  
18 1 Y 1 A SER 9   ? A SER 18  
19 1 Y 1 A GLY 10  ? A GLY 19  
20 1 Y 1 A ALA 11  ? A ALA 20  
21 1 Y 1 A PHE 12  ? A PHE 21  
22 1 Y 1 A PRO 13  ? A PRO 22  
23 1 Y 1 A PRO 14  ? A PRO 23  
24 1 Y 1 A GLY 15  ? A GLY 24  
25 1 Y 1 A HIS 16  ? A HIS 25  
26 1 Y 1 A PHE 17  ? A PHE 26  
27 1 Y 1 A LYS 18  ? A LYS 27  
28 1 Y 1 A ASP 19  ? A ASP 28  
29 1 Y 1 A ALA 144 ? A ALA 153 
30 1 Y 1 A LYS 145 ? A LYS 154 
31 1 Y 1 A SER 146 ? A SER 155 
# 
loop_
_chem_comp_atom.comp_id 
_chem_comp_atom.atom_id 
_chem_comp_atom.type_symbol 
_chem_comp_atom.pdbx_aromatic_flag 
_chem_comp_atom.pdbx_stereo_config 
_chem_comp_atom.pdbx_ordinal 
ALA N    N N N 1   
ALA CA   C N S 2   
ALA C    C N N 3   
ALA O    O N N 4   
ALA CB   C N N 5   
ALA OXT  O N N 6   
ALA H    H N N 7   
ALA H2   H N N 8   
ALA HA   H N N 9   
ALA HB1  H N N 10  
ALA HB2  H N N 11  
ALA HB3  H N N 12  
ALA HXT  H N N 13  
ARG N    N N N 14  
ARG CA   C N S 15  
ARG C    C N N 16  
ARG O    O N N 17  
ARG CB   C N N 18  
ARG CG   C N N 19  
ARG CD   C N N 20  
ARG NE   N N N 21  
ARG CZ   C N N 22  
ARG NH1  N N N 23  
ARG NH2  N N N 24  
ARG OXT  O N N 25  
ARG H    H N N 26  
ARG H2   H N N 27  
ARG HA   H N N 28  
ARG HB2  H N N 29  
ARG HB3  H N N 30  
ARG HG2  H N N 31  
ARG HG3  H N N 32  
ARG HD2  H N N 33  
ARG HD3  H N N 34  
ARG HE   H N N 35  
ARG HH11 H N N 36  
ARG HH12 H N N 37  
ARG HH21 H N N 38  
ARG HH22 H N N 39  
ARG HXT  H N N 40  
ASN N    N N N 41  
ASN CA   C N S 42  
ASN C    C N N 43  
ASN O    O N N 44  
ASN CB   C N N 45  
ASN CG   C N N 46  
ASN OD1  O N N 47  
ASN ND2  N N N 48  
ASN OXT  O N N 49  
ASN H    H N N 50  
ASN H2   H N N 51  
ASN HA   H N N 52  
ASN HB2  H N N 53  
ASN HB3  H N N 54  
ASN HD21 H N N 55  
ASN HD22 H N N 56  
ASN HXT  H N N 57  
ASP N    N N N 58  
ASP CA   C N S 59  
ASP C    C N N 60  
ASP O    O N N 61  
ASP CB   C N N 62  
ASP CG   C N N 63  
ASP OD1  O N N 64  
ASP OD2  O N N 65  
ASP OXT  O N N 66  
ASP H    H N N 67  
ASP H2   H N N 68  
ASP HA   H N N 69  
ASP HB2  H N N 70  
ASP HB3  H N N 71  
ASP HD2  H N N 72  
ASP HXT  H N N 73  
CYS N    N N N 74  
CYS CA   C N R 75  
CYS C    C N N 76  
CYS O    O N N 77  
CYS CB   C N N 78  
CYS SG   S N N 79  
CYS OXT  O N N 80  
CYS H    H N N 81  
CYS H2   H N N 82  
CYS HA   H N N 83  
CYS HB2  H N N 84  
CYS HB3  H N N 85  
CYS HG   H N N 86  
CYS HXT  H N N 87  
GLN N    N N N 88  
GLN CA   C N S 89  
GLN C    C N N 90  
GLN O    O N N 91  
GLN CB   C N N 92  
GLN CG   C N N 93  
GLN CD   C N N 94  
GLN OE1  O N N 95  
GLN NE2  N N N 96  
GLN OXT  O N N 97  
GLN H    H N N 98  
GLN H2   H N N 99  
GLN HA   H N N 100 
GLN HB2  H N N 101 
GLN HB3  H N N 102 
GLN HG2  H N N 103 
GLN HG3  H N N 104 
GLN HE21 H N N 105 
GLN HE22 H N N 106 
GLN HXT  H N N 107 
GLU N    N N N 108 
GLU CA   C N S 109 
GLU C    C N N 110 
GLU O    O N N 111 
GLU CB   C N N 112 
GLU CG   C N N 113 
GLU CD   C N N 114 
GLU OE1  O N N 115 
GLU OE2  O N N 116 
GLU OXT  O N N 117 
GLU H    H N N 118 
GLU H2   H N N 119 
GLU HA   H N N 120 
GLU HB2  H N N 121 
GLU HB3  H N N 122 
GLU HG2  H N N 123 
GLU HG3  H N N 124 
GLU HE2  H N N 125 
GLU HXT  H N N 126 
GLY N    N N N 127 
GLY CA   C N N 128 
GLY C    C N N 129 
GLY O    O N N 130 
GLY OXT  O N N 131 
GLY H    H N N 132 
GLY H2   H N N 133 
GLY HA2  H N N 134 
GLY HA3  H N N 135 
GLY HXT  H N N 136 
HIS N    N N N 137 
HIS CA   C N S 138 
HIS C    C N N 139 
HIS O    O N N 140 
HIS CB   C N N 141 
HIS CG   C Y N 142 
HIS ND1  N Y N 143 
HIS CD2  C Y N 144 
HIS CE1  C Y N 145 
HIS NE2  N Y N 146 
HIS OXT  O N N 147 
HIS H    H N N 148 
HIS H2   H N N 149 
HIS HA   H N N 150 
HIS HB2  H N N 151 
HIS HB3  H N N 152 
HIS HD1  H N N 153 
HIS HD2  H N N 154 
HIS HE1  H N N 155 
HIS HE2  H N N 156 
HIS HXT  H N N 157 
HOH O    O N N 158 
HOH H1   H N N 159 
HOH H2   H N N 160 
IDY S    S N N 161 
IDY C1   C N R 162 
IDY O1   O N N 163 
IDY C2   C N R 164 
IDY O2   O N N 165 
IDY C3   C N S 166 
IDY O3   O N N 167 
IDY C4   C N S 168 
IDY O4   O N N 169 
IDY C5   C N R 170 
IDY O5   O N N 171 
IDY C6   C N N 172 
IDY C7   C N N 173 
IDY O6A  O N N 174 
IDY O6B  O N N 175 
IDY OS1  O N N 176 
IDY OS2  O N N 177 
IDY OS3  O N N 178 
IDY H1   H N N 179 
IDY H2   H N N 180 
IDY H3   H N N 181 
IDY HO3  H N N 182 
IDY H4   H N N 183 
IDY HO4  H N N 184 
IDY H5   H N N 185 
IDY H7   H N N 186 
IDY H7A  H N N 187 
IDY H7B  H N N 188 
IDY HO6B H N N 189 
IDY HOS3 H N N 190 
ILE N    N N N 191 
ILE CA   C N S 192 
ILE C    C N N 193 
ILE O    O N N 194 
ILE CB   C N S 195 
ILE CG1  C N N 196 
ILE CG2  C N N 197 
ILE CD1  C N N 198 
ILE OXT  O N N 199 
ILE H    H N N 200 
ILE H2   H N N 201 
ILE HA   H N N 202 
ILE HB   H N N 203 
ILE HG12 H N N 204 
ILE HG13 H N N 205 
ILE HG21 H N N 206 
ILE HG22 H N N 207 
ILE HG23 H N N 208 
ILE HD11 H N N 209 
ILE HD12 H N N 210 
ILE HD13 H N N 211 
ILE HXT  H N N 212 
LEU N    N N N 213 
LEU CA   C N S 214 
LEU C    C N N 215 
LEU O    O N N 216 
LEU CB   C N N 217 
LEU CG   C N N 218 
LEU CD1  C N N 219 
LEU CD2  C N N 220 
LEU OXT  O N N 221 
LEU H    H N N 222 
LEU H2   H N N 223 
LEU HA   H N N 224 
LEU HB2  H N N 225 
LEU HB3  H N N 226 
LEU HG   H N N 227 
LEU HD11 H N N 228 
LEU HD12 H N N 229 
LEU HD13 H N N 230 
LEU HD21 H N N 231 
LEU HD22 H N N 232 
LEU HD23 H N N 233 
LEU HXT  H N N 234 
LYS N    N N N 235 
LYS CA   C N S 236 
LYS C    C N N 237 
LYS O    O N N 238 
LYS CB   C N N 239 
LYS CG   C N N 240 
LYS CD   C N N 241 
LYS CE   C N N 242 
LYS NZ   N N N 243 
LYS OXT  O N N 244 
LYS H    H N N 245 
LYS H2   H N N 246 
LYS HA   H N N 247 
LYS HB2  H N N 248 
LYS HB3  H N N 249 
LYS HG2  H N N 250 
LYS HG3  H N N 251 
LYS HD2  H N N 252 
LYS HD3  H N N 253 
LYS HE2  H N N 254 
LYS HE3  H N N 255 
LYS HZ1  H N N 256 
LYS HZ2  H N N 257 
LYS HZ3  H N N 258 
LYS HXT  H N N 259 
MET N    N N N 260 
MET CA   C N S 261 
MET C    C N N 262 
MET O    O N N 263 
MET CB   C N N 264 
MET CG   C N N 265 
MET SD   S N N 266 
MET CE   C N N 267 
MET OXT  O N N 268 
MET H    H N N 269 
MET H2   H N N 270 
MET HA   H N N 271 
MET HB2  H N N 272 
MET HB3  H N N 273 
MET HG2  H N N 274 
MET HG3  H N N 275 
MET HE1  H N N 276 
MET HE2  H N N 277 
MET HE3  H N N 278 
MET HXT  H N N 279 
PHE N    N N N 280 
PHE CA   C N S 281 
PHE C    C N N 282 
PHE O    O N N 283 
PHE CB   C N N 284 
PHE CG   C Y N 285 
PHE CD1  C Y N 286 
PHE CD2  C Y N 287 
PHE CE1  C Y N 288 
PHE CE2  C Y N 289 
PHE CZ   C Y N 290 
PHE OXT  O N N 291 
PHE H    H N N 292 
PHE H2   H N N 293 
PHE HA   H N N 294 
PHE HB2  H N N 295 
PHE HB3  H N N 296 
PHE HD1  H N N 297 
PHE HD2  H N N 298 
PHE HE1  H N N 299 
PHE HE2  H N N 300 
PHE HZ   H N N 301 
PHE HXT  H N N 302 
PRO N    N N N 303 
PRO CA   C N S 304 
PRO C    C N N 305 
PRO O    O N N 306 
PRO CB   C N N 307 
PRO CG   C N N 308 
PRO CD   C N N 309 
PRO OXT  O N N 310 
PRO H    H N N 311 
PRO HA   H N N 312 
PRO HB2  H N N 313 
PRO HB3  H N N 314 
PRO HG2  H N N 315 
PRO HG3  H N N 316 
PRO HD2  H N N 317 
PRO HD3  H N N 318 
PRO HXT  H N N 319 
SER N    N N N 320 
SER CA   C N S 321 
SER C    C N N 322 
SER O    O N N 323 
SER CB   C N N 324 
SER OG   O N N 325 
SER OXT  O N N 326 
SER H    H N N 327 
SER H2   H N N 328 
SER HA   H N N 329 
SER HB2  H N N 330 
SER HB3  H N N 331 
SER HG   H N N 332 
SER HXT  H N N 333 
SUS N2   N N N 334 
SUS C1   C N S 335 
SUS O1   O N N 336 
SUS S1   S N N 337 
SUS C2   C N R 338 
SUS S2   S N N 339 
SUS C3   C N R 340 
SUS O3   O N N 341 
SUS S3   S N N 342 
SUS C4   C N R 343 
SUS O4   O N N 344 
SUS C5   C N R 345 
SUS O5   O N N 346 
SUS C6   C N N 347 
SUS O6   O N N 348 
SUS O1S  O N N 349 
SUS O2S  O N N 350 
SUS O3S  O N N 351 
SUS O4S  O N N 352 
SUS O5S  O N N 353 
SUS O6S  O N N 354 
SUS O7S  O N N 355 
SUS O8S  O N N 356 
SUS O9S  O N N 357 
SUS HN21 H N N 358 
SUS H1   H N N 359 
SUS HO1  H N N 360 
SUS H2   H N N 361 
SUS H3   H N N 362 
SUS H4   H N N 363 
SUS HO4  H N N 364 
SUS H5   H N N 365 
SUS H61  H N N 366 
SUS H62  H N N 367 
SUS HO2S H N N 368 
SUS HO6S H N N 369 
SUS HO9S H N N 370 
THR N    N N N 371 
THR CA   C N S 372 
THR C    C N N 373 
THR O    O N N 374 
THR CB   C N R 375 
THR OG1  O N N 376 
THR CG2  C N N 377 
THR OXT  O N N 378 
THR H    H N N 379 
THR H2   H N N 380 
THR HA   H N N 381 
THR HB   H N N 382 
THR HG1  H N N 383 
THR HG21 H N N 384 
THR HG22 H N N 385 
THR HG23 H N N 386 
THR HXT  H N N 387 
TRP N    N N N 388 
TRP CA   C N S 389 
TRP C    C N N 390 
TRP O    O N N 391 
TRP CB   C N N 392 
TRP CG   C Y N 393 
TRP CD1  C Y N 394 
TRP CD2  C Y N 395 
TRP NE1  N Y N 396 
TRP CE2  C Y N 397 
TRP CE3  C Y N 398 
TRP CZ2  C Y N 399 
TRP CZ3  C Y N 400 
TRP CH2  C Y N 401 
TRP OXT  O N N 402 
TRP H    H N N 403 
TRP H2   H N N 404 
TRP HA   H N N 405 
TRP HB2  H N N 406 
TRP HB3  H N N 407 
TRP HD1  H N N 408 
TRP HE1  H N N 409 
TRP HE3  H N N 410 
TRP HZ2  H N N 411 
TRP HZ3  H N N 412 
TRP HH2  H N N 413 
TRP HXT  H N N 414 
TYR N    N N N 415 
TYR CA   C N S 416 
TYR C    C N N 417 
TYR O    O N N 418 
TYR CB   C N N 419 
TYR CG   C Y N 420 
TYR CD1  C Y N 421 
TYR CD2  C Y N 422 
TYR CE1  C Y N 423 
TYR CE2  C Y N 424 
TYR CZ   C Y N 425 
TYR OH   O N N 426 
TYR OXT  O N N 427 
TYR H    H N N 428 
TYR H2   H N N 429 
TYR HA   H N N 430 
TYR HB2  H N N 431 
TYR HB3  H N N 432 
TYR HD1  H N N 433 
TYR HD2  H N N 434 
TYR HE1  H N N 435 
TYR HE2  H N N 436 
TYR HH   H N N 437 
TYR HXT  H N N 438 
VAL N    N N N 439 
VAL CA   C N S 440 
VAL C    C N N 441 
VAL O    O N N 442 
VAL CB   C N N 443 
VAL CG1  C N N 444 
VAL CG2  C N N 445 
VAL OXT  O N N 446 
VAL H    H N N 447 
VAL H2   H N N 448 
VAL HA   H N N 449 
VAL HB   H N N 450 
VAL HG11 H N N 451 
VAL HG12 H N N 452 
VAL HG13 H N N 453 
VAL HG21 H N N 454 
VAL HG22 H N N 455 
VAL HG23 H N N 456 
VAL HXT  H N N 457 
# 
loop_
_chem_comp_bond.comp_id 
_chem_comp_bond.atom_id_1 
_chem_comp_bond.atom_id_2 
_chem_comp_bond.value_order 
_chem_comp_bond.pdbx_aromatic_flag 
_chem_comp_bond.pdbx_stereo_config 
_chem_comp_bond.pdbx_ordinal 
ALA N   CA   sing N N 1   
ALA N   H    sing N N 2   
ALA N   H2   sing N N 3   
ALA CA  C    sing N N 4   
ALA CA  CB   sing N N 5   
ALA CA  HA   sing N N 6   
ALA C   O    doub N N 7   
ALA C   OXT  sing N N 8   
ALA CB  HB1  sing N N 9   
ALA CB  HB2  sing N N 10  
ALA CB  HB3  sing N N 11  
ALA OXT HXT  sing N N 12  
ARG N   CA   sing N N 13  
ARG N   H    sing N N 14  
ARG N   H2   sing N N 15  
ARG CA  C    sing N N 16  
ARG CA  CB   sing N N 17  
ARG CA  HA   sing N N 18  
ARG C   O    doub N N 19  
ARG C   OXT  sing N N 20  
ARG CB  CG   sing N N 21  
ARG CB  HB2  sing N N 22  
ARG CB  HB3  sing N N 23  
ARG CG  CD   sing N N 24  
ARG CG  HG2  sing N N 25  
ARG CG  HG3  sing N N 26  
ARG CD  NE   sing N N 27  
ARG CD  HD2  sing N N 28  
ARG CD  HD3  sing N N 29  
ARG NE  CZ   sing N N 30  
ARG NE  HE   sing N N 31  
ARG CZ  NH1  sing N N 32  
ARG CZ  NH2  doub N N 33  
ARG NH1 HH11 sing N N 34  
ARG NH1 HH12 sing N N 35  
ARG NH2 HH21 sing N N 36  
ARG NH2 HH22 sing N N 37  
ARG OXT HXT  sing N N 38  
ASN N   CA   sing N N 39  
ASN N   H    sing N N 40  
ASN N   H2   sing N N 41  
ASN CA  C    sing N N 42  
ASN CA  CB   sing N N 43  
ASN CA  HA   sing N N 44  
ASN C   O    doub N N 45  
ASN C   OXT  sing N N 46  
ASN CB  CG   sing N N 47  
ASN CB  HB2  sing N N 48  
ASN CB  HB3  sing N N 49  
ASN CG  OD1  doub N N 50  
ASN CG  ND2  sing N N 51  
ASN ND2 HD21 sing N N 52  
ASN ND2 HD22 sing N N 53  
ASN OXT HXT  sing N N 54  
ASP N   CA   sing N N 55  
ASP N   H    sing N N 56  
ASP N   H2   sing N N 57  
ASP CA  C    sing N N 58  
ASP CA  CB   sing N N 59  
ASP CA  HA   sing N N 60  
ASP C   O    doub N N 61  
ASP C   OXT  sing N N 62  
ASP CB  CG   sing N N 63  
ASP CB  HB2  sing N N 64  
ASP CB  HB3  sing N N 65  
ASP CG  OD1  doub N N 66  
ASP CG  OD2  sing N N 67  
ASP OD2 HD2  sing N N 68  
ASP OXT HXT  sing N N 69  
CYS N   CA   sing N N 70  
CYS N   H    sing N N 71  
CYS N   H2   sing N N 72  
CYS CA  C    sing N N 73  
CYS CA  CB   sing N N 74  
CYS CA  HA   sing N N 75  
CYS C   O    doub N N 76  
CYS C   OXT  sing N N 77  
CYS CB  SG   sing N N 78  
CYS CB  HB2  sing N N 79  
CYS CB  HB3  sing N N 80  
CYS SG  HG   sing N N 81  
CYS OXT HXT  sing N N 82  
GLN N   CA   sing N N 83  
GLN N   H    sing N N 84  
GLN N   H2   sing N N 85  
GLN CA  C    sing N N 86  
GLN CA  CB   sing N N 87  
GLN CA  HA   sing N N 88  
GLN C   O    doub N N 89  
GLN C   OXT  sing N N 90  
GLN CB  CG   sing N N 91  
GLN CB  HB2  sing N N 92  
GLN CB  HB3  sing N N 93  
GLN CG  CD   sing N N 94  
GLN CG  HG2  sing N N 95  
GLN CG  HG3  sing N N 96  
GLN CD  OE1  doub N N 97  
GLN CD  NE2  sing N N 98  
GLN NE2 HE21 sing N N 99  
GLN NE2 HE22 sing N N 100 
GLN OXT HXT  sing N N 101 
GLU N   CA   sing N N 102 
GLU N   H    sing N N 103 
GLU N   H2   sing N N 104 
GLU CA  C    sing N N 105 
GLU CA  CB   sing N N 106 
GLU CA  HA   sing N N 107 
GLU C   O    doub N N 108 
GLU C   OXT  sing N N 109 
GLU CB  CG   sing N N 110 
GLU CB  HB2  sing N N 111 
GLU CB  HB3  sing N N 112 
GLU CG  CD   sing N N 113 
GLU CG  HG2  sing N N 114 
GLU CG  HG3  sing N N 115 
GLU CD  OE1  doub N N 116 
GLU CD  OE2  sing N N 117 
GLU OE2 HE2  sing N N 118 
GLU OXT HXT  sing N N 119 
GLY N   CA   sing N N 120 
GLY N   H    sing N N 121 
GLY N   H2   sing N N 122 
GLY CA  C    sing N N 123 
GLY CA  HA2  sing N N 124 
GLY CA  HA3  sing N N 125 
GLY C   O    doub N N 126 
GLY C   OXT  sing N N 127 
GLY OXT HXT  sing N N 128 
HIS N   CA   sing N N 129 
HIS N   H    sing N N 130 
HIS N   H2   sing N N 131 
HIS CA  C    sing N N 132 
HIS CA  CB   sing N N 133 
HIS CA  HA   sing N N 134 
HIS C   O    doub N N 135 
HIS C   OXT  sing N N 136 
HIS CB  CG   sing N N 137 
HIS CB  HB2  sing N N 138 
HIS CB  HB3  sing N N 139 
HIS CG  ND1  sing Y N 140 
HIS CG  CD2  doub Y N 141 
HIS ND1 CE1  doub Y N 142 
HIS ND1 HD1  sing N N 143 
HIS CD2 NE2  sing Y N 144 
HIS CD2 HD2  sing N N 145 
HIS CE1 NE2  sing Y N 146 
HIS CE1 HE1  sing N N 147 
HIS NE2 HE2  sing N N 148 
HIS OXT HXT  sing N N 149 
HOH O   H1   sing N N 150 
HOH O   H2   sing N N 151 
IDY S   O2   sing N N 152 
IDY S   OS1  doub N N 153 
IDY S   OS2  doub N N 154 
IDY S   OS3  sing N N 155 
IDY C1  O1   sing N N 156 
IDY C1  C2   sing N N 157 
IDY C1  O5   sing N N 158 
IDY O1  C7   sing N N 159 
IDY C2  O2   sing N N 160 
IDY C2  C3   sing N N 161 
IDY C3  O3   sing N N 162 
IDY C3  C4   sing N N 163 
IDY C4  O4   sing N N 164 
IDY C4  C5   sing N N 165 
IDY C5  O5   sing N N 166 
IDY C5  C6   sing N N 167 
IDY C6  O6A  doub N N 168 
IDY C6  O6B  sing N N 169 
IDY C1  H1   sing N N 170 
IDY C2  H2   sing N N 171 
IDY C3  H3   sing N N 172 
IDY O3  HO3  sing N N 173 
IDY C4  H4   sing N N 174 
IDY O4  HO4  sing N N 175 
IDY C5  H5   sing N N 176 
IDY C7  H7   sing N N 177 
IDY C7  H7A  sing N N 178 
IDY C7  H7B  sing N N 179 
IDY O6B HO6B sing N N 180 
IDY OS3 HOS3 sing N N 181 
ILE N   CA   sing N N 182 
ILE N   H    sing N N 183 
ILE N   H2   sing N N 184 
ILE CA  C    sing N N 185 
ILE CA  CB   sing N N 186 
ILE CA  HA   sing N N 187 
ILE C   O    doub N N 188 
ILE C   OXT  sing N N 189 
ILE CB  CG1  sing N N 190 
ILE CB  CG2  sing N N 191 
ILE CB  HB   sing N N 192 
ILE CG1 CD1  sing N N 193 
ILE CG1 HG12 sing N N 194 
ILE CG1 HG13 sing N N 195 
ILE CG2 HG21 sing N N 196 
ILE CG2 HG22 sing N N 197 
ILE CG2 HG23 sing N N 198 
ILE CD1 HD11 sing N N 199 
ILE CD1 HD12 sing N N 200 
ILE CD1 HD13 sing N N 201 
ILE OXT HXT  sing N N 202 
LEU N   CA   sing N N 203 
LEU N   H    sing N N 204 
LEU N   H2   sing N N 205 
LEU CA  C    sing N N 206 
LEU CA  CB   sing N N 207 
LEU CA  HA   sing N N 208 
LEU C   O    doub N N 209 
LEU C   OXT  sing N N 210 
LEU CB  CG   sing N N 211 
LEU CB  HB2  sing N N 212 
LEU CB  HB3  sing N N 213 
LEU CG  CD1  sing N N 214 
LEU CG  CD2  sing N N 215 
LEU CG  HG   sing N N 216 
LEU CD1 HD11 sing N N 217 
LEU CD1 HD12 sing N N 218 
LEU CD1 HD13 sing N N 219 
LEU CD2 HD21 sing N N 220 
LEU CD2 HD22 sing N N 221 
LEU CD2 HD23 sing N N 222 
LEU OXT HXT  sing N N 223 
LYS N   CA   sing N N 224 
LYS N   H    sing N N 225 
LYS N   H2   sing N N 226 
LYS CA  C    sing N N 227 
LYS CA  CB   sing N N 228 
LYS CA  HA   sing N N 229 
LYS C   O    doub N N 230 
LYS C   OXT  sing N N 231 
LYS CB  CG   sing N N 232 
LYS CB  HB2  sing N N 233 
LYS CB  HB3  sing N N 234 
LYS CG  CD   sing N N 235 
LYS CG  HG2  sing N N 236 
LYS CG  HG3  sing N N 237 
LYS CD  CE   sing N N 238 
LYS CD  HD2  sing N N 239 
LYS CD  HD3  sing N N 240 
LYS CE  NZ   sing N N 241 
LYS CE  HE2  sing N N 242 
LYS CE  HE3  sing N N 243 
LYS NZ  HZ1  sing N N 244 
LYS NZ  HZ2  sing N N 245 
LYS NZ  HZ3  sing N N 246 
LYS OXT HXT  sing N N 247 
MET N   CA   sing N N 248 
MET N   H    sing N N 249 
MET N   H2   sing N N 250 
MET CA  C    sing N N 251 
MET CA  CB   sing N N 252 
MET CA  HA   sing N N 253 
MET C   O    doub N N 254 
MET C   OXT  sing N N 255 
MET CB  CG   sing N N 256 
MET CB  HB2  sing N N 257 
MET CB  HB3  sing N N 258 
MET CG  SD   sing N N 259 
MET CG  HG2  sing N N 260 
MET CG  HG3  sing N N 261 
MET SD  CE   sing N N 262 
MET CE  HE1  sing N N 263 
MET CE  HE2  sing N N 264 
MET CE  HE3  sing N N 265 
MET OXT HXT  sing N N 266 
PHE N   CA   sing N N 267 
PHE N   H    sing N N 268 
PHE N   H2   sing N N 269 
PHE CA  C    sing N N 270 
PHE CA  CB   sing N N 271 
PHE CA  HA   sing N N 272 
PHE C   O    doub N N 273 
PHE C   OXT  sing N N 274 
PHE CB  CG   sing N N 275 
PHE CB  HB2  sing N N 276 
PHE CB  HB3  sing N N 277 
PHE CG  CD1  doub Y N 278 
PHE CG  CD2  sing Y N 279 
PHE CD1 CE1  sing Y N 280 
PHE CD1 HD1  sing N N 281 
PHE CD2 CE2  doub Y N 282 
PHE CD2 HD2  sing N N 283 
PHE CE1 CZ   doub Y N 284 
PHE CE1 HE1  sing N N 285 
PHE CE2 CZ   sing Y N 286 
PHE CE2 HE2  sing N N 287 
PHE CZ  HZ   sing N N 288 
PHE OXT HXT  sing N N 289 
PRO N   CA   sing N N 290 
PRO N   CD   sing N N 291 
PRO N   H    sing N N 292 
PRO CA  C    sing N N 293 
PRO CA  CB   sing N N 294 
PRO CA  HA   sing N N 295 
PRO C   O    doub N N 296 
PRO C   OXT  sing N N 297 
PRO CB  CG   sing N N 298 
PRO CB  HB2  sing N N 299 
PRO CB  HB3  sing N N 300 
PRO CG  CD   sing N N 301 
PRO CG  HG2  sing N N 302 
PRO CG  HG3  sing N N 303 
PRO CD  HD2  sing N N 304 
PRO CD  HD3  sing N N 305 
PRO OXT HXT  sing N N 306 
SER N   CA   sing N N 307 
SER N   H    sing N N 308 
SER N   H2   sing N N 309 
SER CA  C    sing N N 310 
SER CA  CB   sing N N 311 
SER CA  HA   sing N N 312 
SER C   O    doub N N 313 
SER C   OXT  sing N N 314 
SER CB  OG   sing N N 315 
SER CB  HB2  sing N N 316 
SER CB  HB3  sing N N 317 
SER OG  HG   sing N N 318 
SER OXT HXT  sing N N 319 
SUS S1  N2   sing N N 320 
SUS N2  C2   sing N N 321 
SUS N2  HN21 sing N N 322 
SUS C2  C1   sing N N 323 
SUS C1  O5   sing N N 324 
SUS C1  O1   sing N N 325 
SUS C1  H1   sing N N 326 
SUS O1  HO1  sing N N 327 
SUS O3S S1   doub N N 328 
SUS O1S S1   doub N N 329 
SUS O2S S1   sing N N 330 
SUS C2  C3   sing N N 331 
SUS C2  H2   sing N N 332 
SUS O5S S2   doub N N 333 
SUS O6  S2   sing N N 334 
SUS S2  O4S  doub N N 335 
SUS S2  O6S  sing N N 336 
SUS O3  C3   sing N N 337 
SUS C3  C4   sing N N 338 
SUS C3  H3   sing N N 339 
SUS O3  S3   sing N N 340 
SUS O7S S3   doub N N 341 
SUS O8S S3   doub N N 342 
SUS S3  O9S  sing N N 343 
SUS C4  C5   sing N N 344 
SUS C4  O4   sing N N 345 
SUS C4  H4   sing N N 346 
SUS O4  HO4  sing N N 347 
SUS O5  C5   sing N N 348 
SUS C5  C6   sing N N 349 
SUS C5  H5   sing N N 350 
SUS O6  C6   sing N N 351 
SUS C6  H61  sing N N 352 
SUS C6  H62  sing N N 353 
SUS O2S HO2S sing N N 354 
SUS O6S HO6S sing N N 355 
SUS O9S HO9S sing N N 356 
THR N   CA   sing N N 357 
THR N   H    sing N N 358 
THR N   H2   sing N N 359 
THR CA  C    sing N N 360 
THR CA  CB   sing N N 361 
THR CA  HA   sing N N 362 
THR C   O    doub N N 363 
THR C   OXT  sing N N 364 
THR CB  OG1  sing N N 365 
THR CB  CG2  sing N N 366 
THR CB  HB   sing N N 367 
THR OG1 HG1  sing N N 368 
THR CG2 HG21 sing N N 369 
THR CG2 HG22 sing N N 370 
THR CG2 HG23 sing N N 371 
THR OXT HXT  sing N N 372 
TRP N   CA   sing N N 373 
TRP N   H    sing N N 374 
TRP N   H2   sing N N 375 
TRP CA  C    sing N N 376 
TRP CA  CB   sing N N 377 
TRP CA  HA   sing N N 378 
TRP C   O    doub N N 379 
TRP C   OXT  sing N N 380 
TRP CB  CG   sing N N 381 
TRP CB  HB2  sing N N 382 
TRP CB  HB3  sing N N 383 
TRP CG  CD1  doub Y N 384 
TRP CG  CD2  sing Y N 385 
TRP CD1 NE1  sing Y N 386 
TRP CD1 HD1  sing N N 387 
TRP CD2 CE2  doub Y N 388 
TRP CD2 CE3  sing Y N 389 
TRP NE1 CE2  sing Y N 390 
TRP NE1 HE1  sing N N 391 
TRP CE2 CZ2  sing Y N 392 
TRP CE3 CZ3  doub Y N 393 
TRP CE3 HE3  sing N N 394 
TRP CZ2 CH2  doub Y N 395 
TRP CZ2 HZ2  sing N N 396 
TRP CZ3 CH2  sing Y N 397 
TRP CZ3 HZ3  sing N N 398 
TRP CH2 HH2  sing N N 399 
TRP OXT HXT  sing N N 400 
TYR N   CA   sing N N 401 
TYR N   H    sing N N 402 
TYR N   H2   sing N N 403 
TYR CA  C    sing N N 404 
TYR CA  CB   sing N N 405 
TYR CA  HA   sing N N 406 
TYR C   O    doub N N 407 
TYR C   OXT  sing N N 408 
TYR CB  CG   sing N N 409 
TYR CB  HB2  sing N N 410 
TYR CB  HB3  sing N N 411 
TYR CG  CD1  doub Y N 412 
TYR CG  CD2  sing Y N 413 
TYR CD1 CE1  sing Y N 414 
TYR CD1 HD1  sing N N 415 
TYR CD2 CE2  doub Y N 416 
TYR CD2 HD2  sing N N 417 
TYR CE1 CZ   doub Y N 418 
TYR CE1 HE1  sing N N 419 
TYR CE2 CZ   sing Y N 420 
TYR CE2 HE2  sing N N 421 
TYR CZ  OH   sing N N 422 
TYR OH  HH   sing N N 423 
TYR OXT HXT  sing N N 424 
VAL N   CA   sing N N 425 
VAL N   H    sing N N 426 
VAL N   H2   sing N N 427 
VAL CA  C    sing N N 428 
VAL CA  CB   sing N N 429 
VAL CA  HA   sing N N 430 
VAL C   O    doub N N 431 
VAL C   OXT  sing N N 432 
VAL CB  CG1  sing N N 433 
VAL CB  CG2  sing N N 434 
VAL CB  HB   sing N N 435 
VAL CG1 HG11 sing N N 436 
VAL CG1 HG12 sing N N 437 
VAL CG1 HG13 sing N N 438 
VAL CG2 HG21 sing N N 439 
VAL CG2 HG22 sing N N 440 
VAL CG2 HG23 sing N N 441 
VAL OXT HXT  sing N N 442 
# 
loop_
_pdbx_branch_scheme.asym_id 
_pdbx_branch_scheme.entity_id 
_pdbx_branch_scheme.mon_id 
_pdbx_branch_scheme.num 
_pdbx_branch_scheme.pdb_asym_id 
_pdbx_branch_scheme.pdb_mon_id 
_pdbx_branch_scheme.pdb_seq_num 
_pdbx_branch_scheme.auth_asym_id 
_pdbx_branch_scheme.auth_mon_id 
_pdbx_branch_scheme.auth_seq_num 
_pdbx_branch_scheme.hetero 
B 2 IDY 1 B IDY 1 D IDY 142 n 
B 2 SUS 2 B SUS 2 D SUS 141 n 
# 
_pdbx_chem_comp_identifier.comp_id           SUS 
_pdbx_chem_comp_identifier.type              'IUPAC CARBOHYDRATE SYMBOL' 
_pdbx_chem_comp_identifier.program           PDB-CARE 
_pdbx_chem_comp_identifier.program_version   1.0 
_pdbx_chem_comp_identifier.identifier        a-D-GlcpNSO33SO36SO3 
# 
_pdbx_entity_branch.entity_id   2 
_pdbx_entity_branch.type        oligosaccharide 
# 
loop_
_pdbx_entity_branch_descriptor.ordinal 
_pdbx_entity_branch_descriptor.entity_id 
_pdbx_entity_branch_descriptor.descriptor 
_pdbx_entity_branch_descriptor.type 
_pdbx_entity_branch_descriptor.program 
_pdbx_entity_branch_descriptor.program_version 
1 2 'WURCS=2.0/2,2,1/[a2121A-1a_1-5_1*OC_2*OSO/3=O/3=O][a2122h-1a_1-5_2*NSO/3=O/3=O_3*OSO/3=O/3=O_6*OSO/3=O/3=O]/1-2/a4-b1' WURCS  
PDB2Glycan 1.1.0 
2 2 '[][methyl]{[(1+1)][a-L-IdopA2SO3]{[(4+1)][a-D-GlcpNSO33SO36SO3]{}}}'                                                   LINUCS 
PDB-CARE   ?     
# 
_pdbx_entity_branch_link.link_id                    1 
_pdbx_entity_branch_link.entity_id                  2 
_pdbx_entity_branch_link.entity_branch_list_num_1   2 
_pdbx_entity_branch_link.comp_id_1                  SUS 
_pdbx_entity_branch_link.atom_id_1                  C1 
_pdbx_entity_branch_link.leaving_atom_id_1          O1 
_pdbx_entity_branch_link.entity_branch_list_num_2   1 
_pdbx_entity_branch_link.comp_id_2                  IDY 
_pdbx_entity_branch_link.atom_id_2                  O4 
_pdbx_entity_branch_link.leaving_atom_id_2          HO4 
_pdbx_entity_branch_link.value_order                sing 
_pdbx_entity_branch_link.details                    ? 
# 
loop_
_pdbx_entity_branch_list.entity_id 
_pdbx_entity_branch_list.comp_id 
_pdbx_entity_branch_list.num 
_pdbx_entity_branch_list.hetero 
2 IDY 1 n 
2 SUS 2 n 
# 
_pdbx_entity_nonpoly.entity_id   3 
_pdbx_entity_nonpoly.name        water 
_pdbx_entity_nonpoly.comp_id     HOH 
# 
_pdbx_initial_refinement_model.id               1 
_pdbx_initial_refinement_model.entity_id_list   ? 
_pdbx_initial_refinement_model.type             'experimental model' 
_pdbx_initial_refinement_model.source_name      PDB 
_pdbx_initial_refinement_model.accession_code   1BFC 
_pdbx_initial_refinement_model.details          'PDB ENTRY 1BFC' 
# 
